data_4ID1
# 
_entry.id   4ID1 
# 
_audit_conform.dict_name       mmcif_pdbx.dic 
_audit_conform.dict_version    5.398 
_audit_conform.dict_location   http://mmcif.pdb.org/dictionaries/ascii/mmcif_pdbx.dic 
# 
loop_
_database_2.database_id 
_database_2.database_code 
_database_2.pdbx_database_accession 
_database_2.pdbx_DOI 
PDB   4ID1         pdb_00004id1 10.2210/pdb4id1/pdb 
RCSB  RCSB076598   ?            ?                   
WWPDB D_1000076598 ?            ?                   
# 
loop_
_pdbx_audit_revision_history.ordinal 
_pdbx_audit_revision_history.data_content_type 
_pdbx_audit_revision_history.major_revision 
_pdbx_audit_revision_history.minor_revision 
_pdbx_audit_revision_history.revision_date 
1 'Structure model' 1 0 2013-05-01 
2 'Structure model' 1 1 2013-05-08 
3 'Structure model' 1 2 2013-06-05 
4 'Structure model' 1 3 2017-11-15 
5 'Structure model' 1 4 2023-09-20 
6 'Structure model' 1 5 2024-11-06 
# 
_pdbx_audit_revision_details.ordinal             1 
_pdbx_audit_revision_details.revision_ordinal    1 
_pdbx_audit_revision_details.data_content_type   'Structure model' 
_pdbx_audit_revision_details.provider            repository 
_pdbx_audit_revision_details.type                'Initial release' 
_pdbx_audit_revision_details.description         ? 
_pdbx_audit_revision_details.details             ? 
# 
loop_
_pdbx_audit_revision_group.ordinal 
_pdbx_audit_revision_group.revision_ordinal 
_pdbx_audit_revision_group.data_content_type 
_pdbx_audit_revision_group.group 
1 2 'Structure model' 'Database references'    
2 3 'Structure model' 'Database references'    
3 4 'Structure model' 'Refinement description' 
4 5 'Structure model' 'Data collection'        
5 5 'Structure model' 'Database references'    
6 5 'Structure model' 'Derived calculations'   
7 5 'Structure model' 'Refinement description' 
8 6 'Structure model' 'Structure summary'      
# 
loop_
_pdbx_audit_revision_category.ordinal 
_pdbx_audit_revision_category.revision_ordinal 
_pdbx_audit_revision_category.data_content_type 
_pdbx_audit_revision_category.category 
1  4 'Structure model' software                      
2  5 'Structure model' chem_comp_atom                
3  5 'Structure model' chem_comp_bond                
4  5 'Structure model' database_2                    
5  5 'Structure model' pdbx_initial_refinement_model 
6  5 'Structure model' struct_conn                   
7  5 'Structure model' struct_ref_seq_dif            
8  5 'Structure model' struct_site                   
9  6 'Structure model' pdbx_entry_details            
10 6 'Structure model' pdbx_modification_feature     
# 
loop_
_pdbx_audit_revision_item.ordinal 
_pdbx_audit_revision_item.revision_ordinal 
_pdbx_audit_revision_item.data_content_type 
_pdbx_audit_revision_item.item 
1 5 'Structure model' '_database_2.pdbx_DOI'                
2 5 'Structure model' '_database_2.pdbx_database_accession' 
3 5 'Structure model' '_struct_conn.pdbx_leaving_atom_flag' 
4 5 'Structure model' '_struct_ref_seq_dif.details'         
5 5 'Structure model' '_struct_site.pdbx_auth_asym_id'      
6 5 'Structure model' '_struct_site.pdbx_auth_comp_id'      
7 5 'Structure model' '_struct_site.pdbx_auth_seq_id'       
# 
_pdbx_database_status.entry_id                        4ID1 
_pdbx_database_status.status_code                     REL 
_pdbx_database_status.deposit_site                    RCSB 
_pdbx_database_status.process_site                    RCSB 
_pdbx_database_status.recvd_initial_deposition_date   2012-12-11 
_pdbx_database_status.status_code_sf                  REL 
_pdbx_database_status.status_code_mr                  ? 
_pdbx_database_status.SG_entry                        ? 
_pdbx_database_status.status_code_cs                  ? 
_pdbx_database_status.methods_development_category    ? 
_pdbx_database_status.pdb_format_compatible           Y 
_pdbx_database_status.status_code_nmr_data            ? 
# 
_pdbx_database_related.db_name        PDB 
_pdbx_database_related.db_id          1ITG 
_pdbx_database_related.details        'Crystal structure of HIV-1 Integrase catalytic core domain' 
_pdbx_database_related.content_type   unspecified 
# 
loop_
_audit_author.name 
_audit_author.pdbx_ordinal 
'Feng, L.'          1 
'Kvaratskhelia, M.' 2 
# 
_citation.id                        primary 
_citation.title                     
'Allosteric integrase inhibitor potency is determined through the inhibition of HIV-1 particle maturation.' 
_citation.journal_abbrev            Proc.Natl.Acad.Sci.USA 
_citation.journal_volume            110 
_citation.page_first                8690 
_citation.page_last                 8695 
_citation.year                      2013 
_citation.journal_id_ASTM           PNASA6 
_citation.country                   US 
_citation.journal_id_ISSN           0027-8424 
_citation.journal_id_CSD            0040 
_citation.book_publisher            ? 
_citation.pdbx_database_id_PubMed   23610442 
_citation.pdbx_database_id_DOI      10.1073/pnas.1300703110 
# 
loop_
_citation_author.citation_id 
_citation_author.name 
_citation_author.ordinal 
_citation_author.identifier_ORCID 
primary 'Jurado, K.A.'         1  ? 
primary 'Wang, H.'             2  ? 
primary 'Slaughter, A.'        3  ? 
primary 'Feng, L.'             4  ? 
primary 'Kessl, J.J.'          5  ? 
primary 'Koh, Y.'              6  ? 
primary 'Wang, W.'             7  ? 
primary 'Ballandras-Colas, A.' 8  ? 
primary 'Patel, P.A.'          9  ? 
primary 'Fuchs, J.R.'          10 ? 
primary 'Kvaratskhelia, M.'    11 ? 
primary 'Engelman, A.'         12 ? 
# 
loop_
_entity.id 
_entity.type 
_entity.src_method 
_entity.pdbx_description 
_entity.formula_weight 
_entity.pdbx_number_of_molecules 
_entity.pdbx_ec 
_entity.pdbx_mutation 
_entity.pdbx_fragment 
_entity.details 
1 polymer     man 'Gag-Pol polyprotein'                                                                  18152.445 1  
'3.4.23.16, 2.7.7.49, 2.7.7.7, 3.1.26.13, 3.1.13.2' F185K ? ? 
2 non-polymer syn '(2S)-tert-butoxy[4-(3,4-dihydro-2H-chromen-6-yl)-2-methylquinolin-3-yl]ethanoic acid' 405.486   1  ? ?     ? ? 
3 non-polymer syn 'SULFATE ION'                                                                          96.063    3  ? ?     ? ? 
4 water       nat water                                                                                  18.015    78 ? ?     ? ? 
# 
_entity_name_com.entity_id   1 
_entity_name_com.name        
;Pr160Gag-Pol, Matrix protein p17, MA, Capsid protein p24, CA, Spacer peptide p2, Nucleocapsid protein p7, NC, Transframe peptide, TF, p6-pol, p6*, Protease, PR, Retropepsin, Reverse transcriptase/ribonuclease H, Exoribonuclease H, p66 RT, p51 RT, p15, Integrase, IN
;
# 
_entity_poly.entity_id                      1 
_entity_poly.type                           'polypeptide(L)' 
_entity_poly.nstd_linkage                   no 
_entity_poly.nstd_monomer                   yes 
_entity_poly.pdbx_seq_one_letter_code       
;MHGQVDCSPGIWQLD(CAF)THLEGKVILVAVHVASGYIEAEVIPAETGQETAYFLLKLAGRWPVKTVHTDNGSNFTSTT
VKAA(CAF)WWAGIKQEFGIPYNPQSQGVIESMNKELKKIIGQVRDQAEHLKTAVQMAVFIHNKKRKGGIGGYSAGERIV
DIIATDIQTKE
;
_entity_poly.pdbx_seq_one_letter_code_can   
;MHGQVDCSPGIWQLDCTHLEGKVILVAVHVASGYIEAEVIPAETGQETAYFLLKLAGRWPVKTVHTDNGSNFTSTTVKAA
CWWAGIKQEFGIPYNPQSQGVIESMNKELKKIIGQVRDQAEHLKTAVQMAVFIHNKKRKGGIGGYSAGERIVDIIATDIQ
TKE
;
_entity_poly.pdbx_strand_id                 A 
_entity_poly.pdbx_target_identifier         ? 
# 
loop_
_pdbx_entity_nonpoly.entity_id 
_pdbx_entity_nonpoly.name 
_pdbx_entity_nonpoly.comp_id 
2 '(2S)-tert-butoxy[4-(3,4-dihydro-2H-chromen-6-yl)-2-methylquinolin-3-yl]ethanoic acid' LF0 
3 'SULFATE ION'                                                                          SO4 
4 water                                                                                  HOH 
# 
loop_
_entity_poly_seq.entity_id 
_entity_poly_seq.num 
_entity_poly_seq.mon_id 
_entity_poly_seq.hetero 
1 1   MET n 
1 2   HIS n 
1 3   GLY n 
1 4   GLN n 
1 5   VAL n 
1 6   ASP n 
1 7   CYS n 
1 8   SER n 
1 9   PRO n 
1 10  GLY n 
1 11  ILE n 
1 12  TRP n 
1 13  GLN n 
1 14  LEU n 
1 15  ASP n 
1 16  CAF n 
1 17  THR n 
1 18  HIS n 
1 19  LEU n 
1 20  GLU n 
1 21  GLY n 
1 22  LYS n 
1 23  VAL n 
1 24  ILE n 
1 25  LEU n 
1 26  VAL n 
1 27  ALA n 
1 28  VAL n 
1 29  HIS n 
1 30  VAL n 
1 31  ALA n 
1 32  SER n 
1 33  GLY n 
1 34  TYR n 
1 35  ILE n 
1 36  GLU n 
1 37  ALA n 
1 38  GLU n 
1 39  VAL n 
1 40  ILE n 
1 41  PRO n 
1 42  ALA n 
1 43  GLU n 
1 44  THR n 
1 45  GLY n 
1 46  GLN n 
1 47  GLU n 
1 48  THR n 
1 49  ALA n 
1 50  TYR n 
1 51  PHE n 
1 52  LEU n 
1 53  LEU n 
1 54  LYS n 
1 55  LEU n 
1 56  ALA n 
1 57  GLY n 
1 58  ARG n 
1 59  TRP n 
1 60  PRO n 
1 61  VAL n 
1 62  LYS n 
1 63  THR n 
1 64  VAL n 
1 65  HIS n 
1 66  THR n 
1 67  ASP n 
1 68  ASN n 
1 69  GLY n 
1 70  SER n 
1 71  ASN n 
1 72  PHE n 
1 73  THR n 
1 74  SER n 
1 75  THR n 
1 76  THR n 
1 77  VAL n 
1 78  LYS n 
1 79  ALA n 
1 80  ALA n 
1 81  CAF n 
1 82  TRP n 
1 83  TRP n 
1 84  ALA n 
1 85  GLY n 
1 86  ILE n 
1 87  LYS n 
1 88  GLN n 
1 89  GLU n 
1 90  PHE n 
1 91  GLY n 
1 92  ILE n 
1 93  PRO n 
1 94  TYR n 
1 95  ASN n 
1 96  PRO n 
1 97  GLN n 
1 98  SER n 
1 99  GLN n 
1 100 GLY n 
1 101 VAL n 
1 102 ILE n 
1 103 GLU n 
1 104 SER n 
1 105 MET n 
1 106 ASN n 
1 107 LYS n 
1 108 GLU n 
1 109 LEU n 
1 110 LYS n 
1 111 LYS n 
1 112 ILE n 
1 113 ILE n 
1 114 GLY n 
1 115 GLN n 
1 116 VAL n 
1 117 ARG n 
1 118 ASP n 
1 119 GLN n 
1 120 ALA n 
1 121 GLU n 
1 122 HIS n 
1 123 LEU n 
1 124 LYS n 
1 125 THR n 
1 126 ALA n 
1 127 VAL n 
1 128 GLN n 
1 129 MET n 
1 130 ALA n 
1 131 VAL n 
1 132 PHE n 
1 133 ILE n 
1 134 HIS n 
1 135 ASN n 
1 136 LYS n 
1 137 LYS n 
1 138 ARG n 
1 139 LYS n 
1 140 GLY n 
1 141 GLY n 
1 142 ILE n 
1 143 GLY n 
1 144 GLY n 
1 145 TYR n 
1 146 SER n 
1 147 ALA n 
1 148 GLY n 
1 149 GLU n 
1 150 ARG n 
1 151 ILE n 
1 152 VAL n 
1 153 ASP n 
1 154 ILE n 
1 155 ILE n 
1 156 ALA n 
1 157 THR n 
1 158 ASP n 
1 159 ILE n 
1 160 GLN n 
1 161 THR n 
1 162 LYS n 
1 163 GLU n 
# 
_entity_src_gen.entity_id                          1 
_entity_src_gen.pdbx_src_id                        1 
_entity_src_gen.pdbx_alt_source_flag               sample 
_entity_src_gen.pdbx_seq_type                      ? 
_entity_src_gen.pdbx_beg_seq_num                   ? 
_entity_src_gen.pdbx_end_seq_num                   ? 
_entity_src_gen.gene_src_common_name               HIV-1 
_entity_src_gen.gene_src_genus                     ? 
_entity_src_gen.pdbx_gene_src_gene                 gag-pol 
_entity_src_gen.gene_src_species                   ? 
_entity_src_gen.gene_src_strain                    ? 
_entity_src_gen.gene_src_tissue                    ? 
_entity_src_gen.gene_src_tissue_fraction           ? 
_entity_src_gen.gene_src_details                   ? 
_entity_src_gen.pdbx_gene_src_fragment             ? 
_entity_src_gen.pdbx_gene_src_scientific_name      'Human immunodeficiency virus type 1' 
_entity_src_gen.pdbx_gene_src_ncbi_taxonomy_id     11698 
_entity_src_gen.pdbx_gene_src_variant              ? 
_entity_src_gen.pdbx_gene_src_cell_line            ? 
_entity_src_gen.pdbx_gene_src_atcc                 ? 
_entity_src_gen.pdbx_gene_src_organ                ? 
_entity_src_gen.pdbx_gene_src_organelle            ? 
_entity_src_gen.pdbx_gene_src_cell                 ? 
_entity_src_gen.pdbx_gene_src_cellular_location    ? 
_entity_src_gen.host_org_common_name               ? 
_entity_src_gen.pdbx_host_org_scientific_name      'Escherichia coli' 
_entity_src_gen.pdbx_host_org_ncbi_taxonomy_id     469008 
_entity_src_gen.host_org_genus                     ? 
_entity_src_gen.pdbx_host_org_gene                 ? 
_entity_src_gen.pdbx_host_org_organ                ? 
_entity_src_gen.host_org_species                   ? 
_entity_src_gen.pdbx_host_org_tissue               ? 
_entity_src_gen.pdbx_host_org_tissue_fraction      ? 
_entity_src_gen.pdbx_host_org_strain               'BL21(DE3)' 
_entity_src_gen.pdbx_host_org_variant              ? 
_entity_src_gen.pdbx_host_org_cell_line            ? 
_entity_src_gen.pdbx_host_org_atcc                 ? 
_entity_src_gen.pdbx_host_org_culture_collection   ? 
_entity_src_gen.pdbx_host_org_cell                 ? 
_entity_src_gen.pdbx_host_org_organelle            ? 
_entity_src_gen.pdbx_host_org_cellular_location    ? 
_entity_src_gen.pdbx_host_org_vector_type          plasmid 
_entity_src_gen.pdbx_host_org_vector               ? 
_entity_src_gen.host_org_details                   ? 
_entity_src_gen.expression_system_id               ? 
_entity_src_gen.plasmid_name                       ? 
_entity_src_gen.plasmid_details                    ? 
_entity_src_gen.pdbx_description                   ? 
# 
loop_
_chem_comp.id 
_chem_comp.type 
_chem_comp.mon_nstd_flag 
_chem_comp.name 
_chem_comp.pdbx_synonyms 
_chem_comp.formula 
_chem_comp.formula_weight 
ALA 'L-peptide linking' y ALANINE                                                                                ? 'C3 H7 N O2' 
89.093  
ARG 'L-peptide linking' y ARGININE                                                                               ? 
'C6 H15 N4 O2 1'   175.209 
ASN 'L-peptide linking' y ASPARAGINE                                                                             ? 'C4 H8 N2 O3' 
132.118 
ASP 'L-peptide linking' y 'ASPARTIC ACID'                                                                        ? 'C4 H7 N O4' 
133.103 
CAF 'L-peptide linking' n S-DIMETHYLARSINOYL-CYSTEINE                                                            
'CYSTEIN-S-YL CACODYLATE' 'C5 H12 As N O3 S' 241.140 
CYS 'L-peptide linking' y CYSTEINE                                                                               ? 'C3 H7 N O2 S' 
121.158 
GLN 'L-peptide linking' y GLUTAMINE                                                                              ? 'C5 H10 N2 O3' 
146.144 
GLU 'L-peptide linking' y 'GLUTAMIC ACID'                                                                        ? 'C5 H9 N O4' 
147.129 
GLY 'peptide linking'   y GLYCINE                                                                                ? 'C2 H5 N O2' 
75.067  
HIS 'L-peptide linking' y HISTIDINE                                                                              ? 
'C6 H10 N3 O2 1'   156.162 
HOH non-polymer         . WATER                                                                                  ? 'H2 O' 18.015  
ILE 'L-peptide linking' y ISOLEUCINE                                                                             ? 'C6 H13 N O2' 
131.173 
LEU 'L-peptide linking' y LEUCINE                                                                                ? 'C6 H13 N O2' 
131.173 
LF0 non-polymer         . '(2S)-tert-butoxy[4-(3,4-dihydro-2H-chromen-6-yl)-2-methylquinolin-3-yl]ethanoic acid' ? 'C25 H27 N O4' 
405.486 
LYS 'L-peptide linking' y LYSINE                                                                                 ? 
'C6 H15 N2 O2 1'   147.195 
MET 'L-peptide linking' y METHIONINE                                                                             ? 'C5 H11 N O2 S' 
149.211 
PHE 'L-peptide linking' y PHENYLALANINE                                                                          ? 'C9 H11 N O2' 
165.189 
PRO 'L-peptide linking' y PROLINE                                                                                ? 'C5 H9 N O2' 
115.130 
SER 'L-peptide linking' y SERINE                                                                                 ? 'C3 H7 N O3' 
105.093 
SO4 non-polymer         . 'SULFATE ION'                                                                          ? 'O4 S -2' 
96.063  
THR 'L-peptide linking' y THREONINE                                                                              ? 'C4 H9 N O3' 
119.119 
TRP 'L-peptide linking' y TRYPTOPHAN                                                                             ? 'C11 H12 N2 O2' 
204.225 
TYR 'L-peptide linking' y TYROSINE                                                                               ? 'C9 H11 N O3' 
181.189 
VAL 'L-peptide linking' y VALINE                                                                                 ? 'C5 H11 N O2' 
117.146 
# 
loop_
_pdbx_poly_seq_scheme.asym_id 
_pdbx_poly_seq_scheme.entity_id 
_pdbx_poly_seq_scheme.seq_id 
_pdbx_poly_seq_scheme.mon_id 
_pdbx_poly_seq_scheme.ndb_seq_num 
_pdbx_poly_seq_scheme.pdb_seq_num 
_pdbx_poly_seq_scheme.auth_seq_num 
_pdbx_poly_seq_scheme.pdb_mon_id 
_pdbx_poly_seq_scheme.auth_mon_id 
_pdbx_poly_seq_scheme.pdb_strand_id 
_pdbx_poly_seq_scheme.pdb_ins_code 
_pdbx_poly_seq_scheme.hetero 
A 1 1   MET 1   50  ?   ?   ?   A . n 
A 1 2   HIS 2   51  ?   ?   ?   A . n 
A 1 3   GLY 3   52  ?   ?   ?   A . n 
A 1 4   GLN 4   53  ?   ?   ?   A . n 
A 1 5   VAL 5   54  ?   ?   ?   A . n 
A 1 6   ASP 6   55  ?   ?   ?   A . n 
A 1 7   CYS 7   56  56  CYS CYS A . n 
A 1 8   SER 8   57  57  SER SER A . n 
A 1 9   PRO 9   58  58  PRO PRO A . n 
A 1 10  GLY 10  59  59  GLY GLY A . n 
A 1 11  ILE 11  60  60  ILE ILE A . n 
A 1 12  TRP 12  61  61  TRP TRP A . n 
A 1 13  GLN 13  62  62  GLN GLN A . n 
A 1 14  LEU 14  63  63  LEU LEU A . n 
A 1 15  ASP 15  64  64  ASP ASP A . n 
A 1 16  CAF 16  65  65  CAF CAF A . n 
A 1 17  THR 17  66  66  THR THR A . n 
A 1 18  HIS 18  67  67  HIS HIS A . n 
A 1 19  LEU 19  68  68  LEU LEU A . n 
A 1 20  GLU 20  69  69  GLU GLU A . n 
A 1 21  GLY 21  70  70  GLY GLY A . n 
A 1 22  LYS 22  71  71  LYS LYS A . n 
A 1 23  VAL 23  72  72  VAL VAL A . n 
A 1 24  ILE 24  73  73  ILE ILE A . n 
A 1 25  LEU 25  74  74  LEU LEU A . n 
A 1 26  VAL 26  75  75  VAL VAL A . n 
A 1 27  ALA 27  76  76  ALA ALA A . n 
A 1 28  VAL 28  77  77  VAL VAL A . n 
A 1 29  HIS 29  78  78  HIS HIS A . n 
A 1 30  VAL 30  79  79  VAL VAL A . n 
A 1 31  ALA 31  80  80  ALA ALA A . n 
A 1 32  SER 32  81  81  SER SER A . n 
A 1 33  GLY 33  82  82  GLY GLY A . n 
A 1 34  TYR 34  83  83  TYR TYR A . n 
A 1 35  ILE 35  84  84  ILE ILE A . n 
A 1 36  GLU 36  85  85  GLU GLU A . n 
A 1 37  ALA 37  86  86  ALA ALA A . n 
A 1 38  GLU 38  87  87  GLU GLU A . n 
A 1 39  VAL 39  88  88  VAL VAL A . n 
A 1 40  ILE 40  89  89  ILE ILE A . n 
A 1 41  PRO 41  90  90  PRO PRO A . n 
A 1 42  ALA 42  91  91  ALA ALA A . n 
A 1 43  GLU 43  92  92  GLU GLU A . n 
A 1 44  THR 44  93  93  THR THR A . n 
A 1 45  GLY 45  94  94  GLY GLY A . n 
A 1 46  GLN 46  95  95  GLN GLN A . n 
A 1 47  GLU 47  96  96  GLU GLU A . n 
A 1 48  THR 48  97  97  THR THR A . n 
A 1 49  ALA 49  98  98  ALA ALA A . n 
A 1 50  TYR 50  99  99  TYR TYR A . n 
A 1 51  PHE 51  100 100 PHE PHE A . n 
A 1 52  LEU 52  101 101 LEU LEU A . n 
A 1 53  LEU 53  102 102 LEU LEU A . n 
A 1 54  LYS 54  103 103 LYS LYS A . n 
A 1 55  LEU 55  104 104 LEU LEU A . n 
A 1 56  ALA 56  105 105 ALA ALA A . n 
A 1 57  GLY 57  106 106 GLY GLY A . n 
A 1 58  ARG 58  107 107 ARG ARG A . n 
A 1 59  TRP 59  108 108 TRP TRP A . n 
A 1 60  PRO 60  109 109 PRO PRO A . n 
A 1 61  VAL 61  110 110 VAL VAL A . n 
A 1 62  LYS 62  111 111 LYS LYS A . n 
A 1 63  THR 63  112 112 THR THR A . n 
A 1 64  VAL 64  113 113 VAL VAL A . n 
A 1 65  HIS 65  114 114 HIS HIS A . n 
A 1 66  THR 66  115 115 THR THR A . n 
A 1 67  ASP 67  116 116 ASP ASP A . n 
A 1 68  ASN 68  117 117 ASN ASN A . n 
A 1 69  GLY 69  118 118 GLY GLY A . n 
A 1 70  SER 70  119 119 SER SER A . n 
A 1 71  ASN 71  120 120 ASN ASN A . n 
A 1 72  PHE 72  121 121 PHE PHE A . n 
A 1 73  THR 73  122 122 THR THR A . n 
A 1 74  SER 74  123 123 SER SER A . n 
A 1 75  THR 75  124 124 THR THR A . n 
A 1 76  THR 76  125 125 THR THR A . n 
A 1 77  VAL 77  126 126 VAL VAL A . n 
A 1 78  LYS 78  127 127 LYS LYS A . n 
A 1 79  ALA 79  128 128 ALA ALA A . n 
A 1 80  ALA 80  129 129 ALA ALA A . n 
A 1 81  CAF 81  130 130 CAF CAF A . n 
A 1 82  TRP 82  131 131 TRP TRP A . n 
A 1 83  TRP 83  132 132 TRP TRP A . n 
A 1 84  ALA 84  133 133 ALA ALA A . n 
A 1 85  GLY 85  134 134 GLY GLY A . n 
A 1 86  ILE 86  135 135 ILE ILE A . n 
A 1 87  LYS 87  136 136 LYS LYS A . n 
A 1 88  GLN 88  137 137 GLN GLN A . n 
A 1 89  GLU 89  138 138 GLU GLU A . n 
A 1 90  PHE 90  139 139 PHE PHE A . n 
A 1 91  GLY 91  140 140 GLY GLY A . n 
A 1 92  ILE 92  141 141 ILE ILE A . n 
A 1 93  PRO 93  142 ?   ?   ?   A . n 
A 1 94  TYR 94  143 ?   ?   ?   A . n 
A 1 95  ASN 95  144 ?   ?   ?   A . n 
A 1 96  PRO 96  145 ?   ?   ?   A . n 
A 1 97  GLN 97  146 ?   ?   ?   A . n 
A 1 98  SER 98  147 ?   ?   ?   A . n 
A 1 99  GLN 99  148 ?   ?   ?   A . n 
A 1 100 GLY 100 149 ?   ?   ?   A . n 
A 1 101 VAL 101 150 ?   ?   ?   A . n 
A 1 102 ILE 102 151 ?   ?   ?   A . n 
A 1 103 GLU 103 152 152 GLU GLU A . n 
A 1 104 SER 104 153 153 SER SER A . n 
A 1 105 MET 105 154 154 MET MET A . n 
A 1 106 ASN 106 155 155 ASN ASN A . n 
A 1 107 LYS 107 156 156 LYS LYS A . n 
A 1 108 GLU 108 157 157 GLU GLU A . n 
A 1 109 LEU 109 158 158 LEU LEU A . n 
A 1 110 LYS 110 159 159 LYS LYS A . n 
A 1 111 LYS 111 160 160 LYS LYS A . n 
A 1 112 ILE 112 161 161 ILE ILE A . n 
A 1 113 ILE 113 162 162 ILE ILE A . n 
A 1 114 GLY 114 163 163 GLY GLY A . n 
A 1 115 GLN 115 164 164 GLN GLN A . n 
A 1 116 VAL 116 165 165 VAL VAL A . n 
A 1 117 ARG 117 166 166 ARG ARG A . n 
A 1 118 ASP 118 167 167 ASP ASP A . n 
A 1 119 GLN 119 168 168 GLN GLN A . n 
A 1 120 ALA 120 169 169 ALA ALA A . n 
A 1 121 GLU 121 170 170 GLU GLU A . n 
A 1 122 HIS 122 171 171 HIS HIS A . n 
A 1 123 LEU 123 172 172 LEU LEU A . n 
A 1 124 LYS 124 173 173 LYS LYS A . n 
A 1 125 THR 125 174 174 THR THR A . n 
A 1 126 ALA 126 175 175 ALA ALA A . n 
A 1 127 VAL 127 176 176 VAL VAL A . n 
A 1 128 GLN 128 177 177 GLN GLN A . n 
A 1 129 MET 129 178 178 MET MET A . n 
A 1 130 ALA 130 179 179 ALA ALA A . n 
A 1 131 VAL 131 180 180 VAL VAL A . n 
A 1 132 PHE 132 181 181 PHE PHE A . n 
A 1 133 ILE 133 182 182 ILE ILE A . n 
A 1 134 HIS 134 183 183 HIS HIS A . n 
A 1 135 ASN 135 184 184 ASN ASN A . n 
A 1 136 LYS 136 185 185 LYS LYS A . n 
A 1 137 LYS 137 186 186 LYS LYS A . n 
A 1 138 ARG 138 187 187 ARG ARG A . n 
A 1 139 LYS 139 188 188 LYS LYS A . n 
A 1 140 GLY 140 189 189 GLY GLY A . n 
A 1 141 GLY 141 190 190 GLY GLY A . n 
A 1 142 ILE 142 191 ?   ?   ?   A . n 
A 1 143 GLY 143 192 ?   ?   ?   A . n 
A 1 144 GLY 144 193 193 GLY GLY A . n 
A 1 145 TYR 145 194 194 TYR TYR A . n 
A 1 146 SER 146 195 195 SER SER A . n 
A 1 147 ALA 147 196 196 ALA ALA A . n 
A 1 148 GLY 148 197 197 GLY GLY A . n 
A 1 149 GLU 149 198 198 GLU GLU A . n 
A 1 150 ARG 150 199 199 ARG ARG A . n 
A 1 151 ILE 151 200 200 ILE ILE A . n 
A 1 152 VAL 152 201 201 VAL VAL A . n 
A 1 153 ASP 153 202 202 ASP ASP A . n 
A 1 154 ILE 154 203 203 ILE ILE A . n 
A 1 155 ILE 155 204 204 ILE ILE A . n 
A 1 156 ALA 156 205 205 ALA ALA A . n 
A 1 157 THR 157 206 206 THR THR A . n 
A 1 158 ASP 158 207 207 ASP ASP A . n 
A 1 159 ILE 159 208 208 ILE ILE A . n 
A 1 160 GLN 160 209 209 GLN GLN A . n 
A 1 161 THR 161 210 ?   ?   ?   A . n 
A 1 162 LYS 162 211 ?   ?   ?   A . n 
A 1 163 GLU 163 212 ?   ?   ?   A . n 
# 
loop_
_pdbx_nonpoly_scheme.asym_id 
_pdbx_nonpoly_scheme.entity_id 
_pdbx_nonpoly_scheme.mon_id 
_pdbx_nonpoly_scheme.ndb_seq_num 
_pdbx_nonpoly_scheme.pdb_seq_num 
_pdbx_nonpoly_scheme.auth_seq_num 
_pdbx_nonpoly_scheme.pdb_mon_id 
_pdbx_nonpoly_scheme.auth_mon_id 
_pdbx_nonpoly_scheme.pdb_strand_id 
_pdbx_nonpoly_scheme.pdb_ins_code 
B 2 LF0 1  301 1  LF0 LF0 A . 
C 3 SO4 1  302 1  SO4 SO4 A . 
D 3 SO4 1  303 2  SO4 SO4 A . 
E 3 SO4 1  304 3  SO4 SO4 A . 
F 4 HOH 1  401 1  HOH HOH A . 
F 4 HOH 2  402 2  HOH HOH A . 
F 4 HOH 3  403 3  HOH HOH A . 
F 4 HOH 4  404 4  HOH HOH A . 
F 4 HOH 5  405 5  HOH HOH A . 
F 4 HOH 6  406 6  HOH HOH A . 
F 4 HOH 7  407 7  HOH HOH A . 
F 4 HOH 8  408 8  HOH HOH A . 
F 4 HOH 9  409 9  HOH HOH A . 
F 4 HOH 10 410 10 HOH HOH A . 
F 4 HOH 11 411 11 HOH HOH A . 
F 4 HOH 12 412 12 HOH HOH A . 
F 4 HOH 13 413 13 HOH HOH A . 
F 4 HOH 14 414 14 HOH HOH A . 
F 4 HOH 15 415 15 HOH HOH A . 
F 4 HOH 16 416 16 HOH HOH A . 
F 4 HOH 17 417 17 HOH HOH A . 
F 4 HOH 18 418 18 HOH HOH A . 
F 4 HOH 19 419 19 HOH HOH A . 
F 4 HOH 20 420 20 HOH HOH A . 
F 4 HOH 21 421 21 HOH HOH A . 
F 4 HOH 22 422 22 HOH HOH A . 
F 4 HOH 23 423 23 HOH HOH A . 
F 4 HOH 24 424 24 HOH HOH A . 
F 4 HOH 25 425 25 HOH HOH A . 
F 4 HOH 26 426 26 HOH HOH A . 
F 4 HOH 27 427 27 HOH HOH A . 
F 4 HOH 28 428 28 HOH HOH A . 
F 4 HOH 29 429 29 HOH HOH A . 
F 4 HOH 30 430 30 HOH HOH A . 
F 4 HOH 31 431 31 HOH HOH A . 
F 4 HOH 32 432 32 HOH HOH A . 
F 4 HOH 33 433 33 HOH HOH A . 
F 4 HOH 34 434 34 HOH HOH A . 
F 4 HOH 35 435 35 HOH HOH A . 
F 4 HOH 36 436 36 HOH HOH A . 
F 4 HOH 37 437 37 HOH HOH A . 
F 4 HOH 38 438 38 HOH HOH A . 
F 4 HOH 39 439 39 HOH HOH A . 
F 4 HOH 40 440 40 HOH HOH A . 
F 4 HOH 41 441 41 HOH HOH A . 
F 4 HOH 42 442 42 HOH HOH A . 
F 4 HOH 43 443 43 HOH HOH A . 
F 4 HOH 44 444 44 HOH HOH A . 
F 4 HOH 45 445 45 HOH HOH A . 
F 4 HOH 46 446 46 HOH HOH A . 
F 4 HOH 47 447 47 HOH HOH A . 
F 4 HOH 48 448 48 HOH HOH A . 
F 4 HOH 49 449 49 HOH HOH A . 
F 4 HOH 50 450 50 HOH HOH A . 
F 4 HOH 51 451 51 HOH HOH A . 
F 4 HOH 52 452 52 HOH HOH A . 
F 4 HOH 53 453 53 HOH HOH A . 
F 4 HOH 54 454 54 HOH HOH A . 
F 4 HOH 55 455 55 HOH HOH A . 
F 4 HOH 56 456 56 HOH HOH A . 
F 4 HOH 57 457 57 HOH HOH A . 
F 4 HOH 58 458 58 HOH HOH A . 
F 4 HOH 59 459 59 HOH HOH A . 
F 4 HOH 60 460 60 HOH HOH A . 
F 4 HOH 61 461 61 HOH HOH A . 
F 4 HOH 62 462 62 HOH HOH A . 
F 4 HOH 63 463 63 HOH HOH A . 
F 4 HOH 64 464 64 HOH HOH A . 
F 4 HOH 65 465 65 HOH HOH A . 
F 4 HOH 66 466 66 HOH HOH A . 
F 4 HOH 67 467 67 HOH HOH A . 
F 4 HOH 68 468 68 HOH HOH A . 
F 4 HOH 69 469 69 HOH HOH A . 
F 4 HOH 70 470 70 HOH HOH A . 
F 4 HOH 71 471 71 HOH HOH A . 
F 4 HOH 72 472 72 HOH HOH A . 
F 4 HOH 73 473 73 HOH HOH A . 
F 4 HOH 74 474 74 HOH HOH A . 
F 4 HOH 75 475 75 HOH HOH A . 
F 4 HOH 76 476 76 HOH HOH A . 
F 4 HOH 77 477 77 HOH HOH A . 
F 4 HOH 78 478 78 HOH HOH A . 
# 
loop_
_pdbx_unobs_or_zero_occ_atoms.id 
_pdbx_unobs_or_zero_occ_atoms.PDB_model_num 
_pdbx_unobs_or_zero_occ_atoms.polymer_flag 
_pdbx_unobs_or_zero_occ_atoms.occupancy_flag 
_pdbx_unobs_or_zero_occ_atoms.auth_asym_id 
_pdbx_unobs_or_zero_occ_atoms.auth_comp_id 
_pdbx_unobs_or_zero_occ_atoms.auth_seq_id 
_pdbx_unobs_or_zero_occ_atoms.PDB_ins_code 
_pdbx_unobs_or_zero_occ_atoms.auth_atom_id 
_pdbx_unobs_or_zero_occ_atoms.label_alt_id 
_pdbx_unobs_or_zero_occ_atoms.label_asym_id 
_pdbx_unobs_or_zero_occ_atoms.label_comp_id 
_pdbx_unobs_or_zero_occ_atoms.label_seq_id 
_pdbx_unobs_or_zero_occ_atoms.label_atom_id 
1 1 Y 1 A CAF 65  ? CE2 ? A CAF 16  CE2 
2 1 Y 1 A CAF 130 ? CE2 ? A CAF 81  CE2 
3 1 Y 1 A LYS 188 ? CG  ? A LYS 139 CG  
4 1 Y 1 A LYS 188 ? CD  ? A LYS 139 CD  
5 1 Y 1 A LYS 188 ? CE  ? A LYS 139 CE  
6 1 Y 1 A LYS 188 ? NZ  ? A LYS 139 NZ  
# 
loop_
_software.pdbx_ordinal 
_software.name 
_software.version 
_software.date 
_software.type 
_software.contact_author 
_software.contact_author_email 
_software.classification 
_software.location 
_software.language 
_software.citation_id 
1 DENZO        .     ?                          package 'Zbyszek Otwinowski' hkl@hkl-xray.com            'data reduction'  
http://www.hkl-xray.com/                     ?          ? 
2 SCALEPACK    .     ?                          package 'Zbyszek Otwinowski' hkl@hkl-xray.com            'data scaling'    
http://www.hkl-xray.com/                     ?          ? 
3 PHASER       2.2.1 'Tue Aug 24 18:17:37 2010' program 'Randy J. Read'      cimr-phaser@lists.cam.ac.uk phasing           
http://www-structmed.cimr.cam.ac.uk/phaser/  ?          ? 
4 REFMAC       .     ?                          program 'Garib N. Murshudov' garib@ysbl.york.ac.uk       refinement        
http://www.ccp4.ac.uk/dist/html/refmac5.html Fortran_77 ? 
5 PDB_EXTRACT  3.11  'April 22, 2011'           package PDB                  deposit@deposit.rcsb.org    'data extraction' 
http://sw-tools.pdb.org/apps/PDB_EXTRACT/    C++        ? 
6 CrystalClear .     ?                          ?       ?                    ?                           'data collection' ? ? ? 
7 HKL-2000     .     ?                          ?       ?                    ?                           'data reduction'  ? ? ? 
8 HKL-2000     .     ?                          ?       ?                    ?                           'data scaling'    ? ? ? 
# 
_cell.length_a           72.242 
_cell.length_b           72.242 
_cell.length_c           66.148 
_cell.angle_alpha        90.000 
_cell.angle_beta         90.000 
_cell.angle_gamma        120.000 
_cell.entry_id           4ID1 
_cell.pdbx_unique_axis   ? 
_cell.Z_PDB              6 
_cell.length_a_esd       ? 
_cell.length_b_esd       ? 
_cell.length_c_esd       ? 
_cell.angle_alpha_esd    ? 
_cell.angle_beta_esd     ? 
_cell.angle_gamma_esd    ? 
# 
_symmetry.space_group_name_H-M             'P 31 2 1' 
_symmetry.entry_id                         4ID1 
_symmetry.Int_Tables_number                152 
_symmetry.pdbx_full_space_group_name_H-M   ? 
_symmetry.cell_setting                     ? 
_symmetry.space_group_name_Hall            ? 
# 
_exptl.crystals_number   1 
_exptl.entry_id          4ID1 
_exptl.method            'X-RAY DIFFRACTION' 
# 
_exptl_crystal.id                    1 
_exptl_crystal.density_Matthews      2.74 
_exptl_crystal.density_meas          ? 
_exptl_crystal.density_percent_sol   55.19 
_exptl_crystal.description           ? 
_exptl_crystal.F_000                 ? 
_exptl_crystal.preparation           ? 
# 
_exptl_crystal_grow.crystal_id      1 
_exptl_crystal_grow.method          'VAPOR DIFFUSION, HANGING DROP' 
_exptl_crystal_grow.pH              6.5 
_exptl_crystal_grow.temp            277.5 
_exptl_crystal_grow.pdbx_details    
'10% PEG8000, 0.1 M Na Cacodylate, pH 6.5, 0.1 M Ammonium Sulphate, Vapor Diffusion,hanging drop, temperature 277.5K' 
_exptl_crystal_grow.temp_details    ? 
_exptl_crystal_grow.pdbx_pH_range   ? 
# 
_diffrn.id                     1 
_diffrn.ambient_temp           100 
_diffrn.ambient_temp_details   ? 
_diffrn.crystal_id             1 
# 
_diffrn_detector.diffrn_id              1 
_diffrn_detector.detector               'IMAGE PLATE' 
_diffrn_detector.type                   'RIGAKU RAXIS IV++' 
_diffrn_detector.pdbx_collection_date   2012-09-23 
_diffrn_detector.details                mirrors 
# 
_diffrn_radiation.diffrn_id                        1 
_diffrn_radiation.pdbx_diffrn_protocol             'SINGLE WAVELENGTH' 
_diffrn_radiation.monochromator                    ? 
_diffrn_radiation.wavelength_id                    1 
_diffrn_radiation.pdbx_monochromatic_or_laue_m_l   M 
_diffrn_radiation.pdbx_scattering_type             x-ray 
# 
_diffrn_radiation_wavelength.id           1 
_diffrn_radiation_wavelength.wavelength   1.541 
_diffrn_radiation_wavelength.wt           1.0 
# 
_diffrn_source.diffrn_id                   1 
_diffrn_source.source                      'ROTATING ANODE' 
_diffrn_source.type                        RIGAKU 
_diffrn_source.pdbx_wavelength_list        1.541 
_diffrn_source.pdbx_wavelength             ? 
_diffrn_source.pdbx_synchrotron_site       ? 
_diffrn_source.pdbx_synchrotron_beamline   ? 
# 
_reflns.entry_id                     4ID1 
_reflns.d_resolution_high            1.870 
_reflns.d_resolution_low             62.563 
_reflns.number_obs                   16845 
_reflns.pdbx_Rmerge_I_obs            0.035 
_reflns.pdbx_netI_over_sigmaI        25.000 
_reflns.pdbx_chi_squared             1.579 
_reflns.pdbx_redundancy              5.000 
_reflns.percent_possible_obs         99.500 
_reflns.observed_criterion_sigma_F   3 
_reflns.observed_criterion_sigma_I   3 
_reflns.number_all                   16909 
_reflns.pdbx_Rsym_value              ? 
_reflns.B_iso_Wilson_estimate        ? 
_reflns.R_free_details               ? 
_reflns.limit_h_max                  ? 
_reflns.limit_h_min                  ? 
_reflns.limit_k_max                  ? 
_reflns.limit_k_min                  ? 
_reflns.limit_l_max                  ? 
_reflns.limit_l_min                  ? 
_reflns.observed_criterion_F_max     ? 
_reflns.observed_criterion_F_min     ? 
_reflns.pdbx_scaling_rejects         ? 
_reflns.pdbx_ordinal                 1 
_reflns.pdbx_diffrn_id               1 
# 
loop_
_reflns_shell.d_res_high 
_reflns_shell.d_res_low 
_reflns_shell.number_measured_obs 
_reflns_shell.number_measured_all 
_reflns_shell.number_unique_obs 
_reflns_shell.Rmerge_I_obs 
_reflns_shell.meanI_over_sigI_obs 
_reflns_shell.pdbx_Rsym_value 
_reflns_shell.pdbx_chi_squared 
_reflns_shell.pdbx_redundancy 
_reflns_shell.percent_possible_obs 
_reflns_shell.number_unique_all 
_reflns_shell.percent_possible_all 
_reflns_shell.pdbx_ordinal 
_reflns_shell.pdbx_diffrn_id 
1.870 1.900  ? ? ? 0.466 ? ? 1.531 4.600 ? 860 100.000 1  1 
1.900 1.940  ? ? ? 0.393 ? ? 1.615 4.800 ? 819 100.000 2  1 
1.940 1.970  ? ? ? 0.318 ? ? 1.586 4.900 ? 822 100.000 3  1 
1.970 2.010  ? ? ? 0.274 ? ? 1.616 4.900 ? 833 100.000 4  1 
2.010 2.060  ? ? ? 0.236 ? ? 1.701 4.900 ? 841 100.000 5  1 
2.060 2.110  ? ? ? 0.186 ? ? 1.697 4.900 ? 812 100.000 6  1 
2.110 2.160  ? ? ? 0.160 ? ? 1.728 4.900 ? 845 99.900  7  1 
2.160 2.220  ? ? ? 0.133 ? ? 1.764 5.000 ? 848 99.900  8  1 
2.220 2.280  ? ? ? 0.106 ? ? 1.746 5.000 ? 842 99.900  9  1 
2.280 2.360  ? ? ? 0.096 ? ? 1.765 5.000 ? 822 100.000 10 1 
2.360 2.440  ? ? ? 0.084 ? ? 1.624 5.000 ? 842 100.000 11 1 
2.440 2.540  ? ? ? 0.069 ? ? 1.650 5.000 ? 833 100.000 12 1 
2.540 2.650  ? ? ? 0.060 ? ? 1.641 5.100 ? 850 99.900  13 1 
2.650 2.790  ? ? ? 0.049 ? ? 1.654 5.100 ? 841 99.900  14 1 
2.790 2.970  ? ? ? 0.039 ? ? 1.551 5.100 ? 837 99.500  15 1 
2.970 3.200  ? ? ? 0.033 ? ? 1.479 5.100 ? 842 99.500  16 1 
3.200 3.520  ? ? ? 0.027 ? ? 1.403 5.100 ? 860 99.400  17 1 
3.520 4.030  ? ? ? 0.023 ? ? 1.289 5.100 ? 851 99.300  18 1 
4.030 5.070  ? ? ? 0.023 ? ? 1.258 5.100 ? 854 97.600  19 1 
5.070 50.000 ? ? ? 0.020 ? ? 1.343 5.000 ? 891 95.600  20 1 
# 
_refine.entry_id                                 4ID1 
_refine.ls_d_res_high                            1.8700 
_refine.ls_d_res_low                             62.5600 
_refine.pdbx_ls_sigma_F                          0.000 
_refine.pdbx_data_cutoff_high_absF               ? 
_refine.pdbx_data_cutoff_low_absF                ? 
_refine.ls_percent_reflns_obs                    99.2900 
_refine.ls_number_reflns_obs                     16784 
_refine.ls_number_reflns_all                     16905 
_refine.pdbx_ls_cross_valid_method               THROUGHOUT 
_refine.pdbx_R_Free_selection_details            RANDOM 
_refine.details                                  
'HYDROGENS HAVE BEEN ADDED IN THE RIDING POSITIONS U VALUES      : REFINED INDIVIDUALLY' 
_refine.ls_R_factor_all                          ? 
_refine.ls_R_factor_obs                          0.1997 
_refine.ls_R_factor_R_work                       0.1959 
_refine.ls_wR_factor_R_work                      0.1983 
_refine.ls_R_factor_R_free                       0.2337 
_refine.ls_wR_factor_R_free                      0.2371 
_refine.ls_percent_reflns_R_free                 10.1000 
_refine.ls_number_reflns_R_free                  1696 
_refine.ls_R_factor_R_free_error                 ? 
_refine.B_iso_mean                               35.9666 
_refine.solvent_model_param_bsol                 ? 
_refine.solvent_model_param_ksol                 ? 
_refine.pdbx_isotropic_thermal_model             ? 
_refine.aniso_B[1][1]                            0.3100 
_refine.aniso_B[2][2]                            0.3100 
_refine.aniso_B[3][3]                            -0.4600 
_refine.aniso_B[1][2]                            0.1500 
_refine.aniso_B[1][3]                            0.0000 
_refine.aniso_B[2][3]                            0.0000 
_refine.correlation_coeff_Fo_to_Fc               0.9580 
_refine.correlation_coeff_Fo_to_Fc_free          0.9390 
_refine.overall_SU_R_Cruickshank_DPI             0.1317 
_refine.overall_SU_R_free                        0.1292 
_refine.pdbx_overall_ESU_R                       0.1320 
_refine.pdbx_overall_ESU_R_Free                  0.1290 
_refine.overall_SU_ML                            0.0790 
_refine.overall_SU_B                             2.5790 
_refine.solvent_model_details                    MASK 
_refine.pdbx_solvent_vdw_probe_radii             1.4000 
_refine.pdbx_solvent_ion_probe_radii             0.8000 
_refine.pdbx_solvent_shrinkage_radii             0.8000 
_refine.ls_number_parameters                     ? 
_refine.ls_number_restraints                     ? 
_refine.pdbx_starting_model                      'PDB ENTRY 1ITG' 
_refine.pdbx_method_to_determine_struct          'MOLECULAR REPLACEMENT' 
_refine.pdbx_stereochemistry_target_values       'MAXIMUM LIKELIHOOD' 
_refine.pdbx_stereochem_target_val_spec_case     ? 
_refine.overall_FOM_work_R_set                   0.8538 
_refine.B_iso_max                                101.990 
_refine.B_iso_min                                18.200 
_refine.pdbx_overall_phase_error                 ? 
_refine.occupancy_max                            1.000 
_refine.occupancy_min                            1.000 
_refine.pdbx_ls_sigma_I                          ? 
_refine.ls_redundancy_reflns_obs                 ? 
_refine.ls_R_factor_R_free_error_details         ? 
_refine.pdbx_data_cutoff_high_rms_absF           ? 
_refine.overall_FOM_free_R_set                   ? 
_refine.pdbx_diffrn_id                           1 
_refine.pdbx_refine_id                           'X-RAY DIFFRACTION' 
_refine.pdbx_TLS_residual_ADP_flag               ? 
_refine.pdbx_overall_SU_R_free_Cruickshank_DPI   ? 
_refine.pdbx_overall_SU_R_Blow_DPI               ? 
_refine.pdbx_overall_SU_R_free_Blow_DPI          ? 
# 
_refine_hist.pdbx_refine_id                   'X-RAY DIFFRACTION' 
_refine_hist.cycle_id                         LAST 
_refine_hist.pdbx_number_atoms_protein        1100 
_refine_hist.pdbx_number_atoms_nucleic_acid   0 
_refine_hist.pdbx_number_atoms_ligand         45 
_refine_hist.number_atoms_solvent             78 
_refine_hist.number_atoms_total               1223 
_refine_hist.d_res_high                       1.8700 
_refine_hist.d_res_low                        62.5600 
# 
loop_
_refine_ls_restr.type 
_refine_ls_restr.number 
_refine_ls_restr.dev_ideal 
_refine_ls_restr.dev_ideal_target 
_refine_ls_restr.weight 
_refine_ls_restr.pdbx_restraint_function 
_refine_ls_restr.pdbx_refine_id 
r_bond_refined_d       1163 0.018  0.022  ? ? 'X-RAY DIFFRACTION' 
r_angle_refined_deg    1568 1.701  1.985  ? ? 'X-RAY DIFFRACTION' 
r_dihedral_angle_1_deg 135  5.674  5.000  ? ? 'X-RAY DIFFRACTION' 
r_dihedral_angle_2_deg 46   32.949 24.783 ? ? 'X-RAY DIFFRACTION' 
r_dihedral_angle_3_deg 192  15.945 15.000 ? ? 'X-RAY DIFFRACTION' 
r_dihedral_angle_4_deg 4    18.018 15.000 ? ? 'X-RAY DIFFRACTION' 
r_chiral_restr         174  0.128  0.200  ? ? 'X-RAY DIFFRACTION' 
r_gen_planes_refined   824  0.008  0.020  ? ? 'X-RAY DIFFRACTION' 
r_mcbond_it            693  1.278  1.500  ? ? 'X-RAY DIFFRACTION' 
r_mcangle_it           1105 2.291  2.000  ? ? 'X-RAY DIFFRACTION' 
r_scbond_it            470  2.752  3.000  ? ? 'X-RAY DIFFRACTION' 
r_scangle_it           463  4.242  4.500  ? ? 'X-RAY DIFFRACTION' 
# 
_refine_ls_shell.d_res_high                       1.8700 
_refine_ls_shell.d_res_low                        1.9190 
_refine_ls_shell.pdbx_total_number_of_bins_used   20 
_refine_ls_shell.percent_reflns_obs               99.3600 
_refine_ls_shell.number_reflns_R_work             1120 
_refine_ls_shell.R_factor_all                     ? 
_refine_ls_shell.R_factor_R_work                  0.2720 
_refine_ls_shell.R_factor_R_free                  0.2880 
_refine_ls_shell.percent_reflns_R_free            ? 
_refine_ls_shell.number_reflns_R_free             123 
_refine_ls_shell.R_factor_R_free_error            ? 
_refine_ls_shell.number_reflns_all                1243 
_refine_ls_shell.number_reflns_obs                ? 
_refine_ls_shell.redundancy_reflns_obs            ? 
_refine_ls_shell.pdbx_refine_id                   'X-RAY DIFFRACTION' 
# 
_struct.entry_id                  4ID1 
_struct.title                     'HIV-1 Integrase Catalytic Core Domain Complexed with Allosteric Inhibitor' 
_struct.pdbx_model_details        ? 
_struct.pdbx_CASP_flag            ? 
_struct.pdbx_model_type_details   ? 
# 
_struct_keywords.entry_id        4ID1 
_struct_keywords.text            
'HIV Integrase, CCD, DDE motif, dimer interface, allosteric inhibitor, quinoline, HYDROLASE-HYDROLASE INHIBITOR complex' 
_struct_keywords.pdbx_keywords   'HYDROLASE/HYDROLASE INHIBITOR' 
# 
loop_
_struct_asym.id 
_struct_asym.pdbx_blank_PDB_chainid_flag 
_struct_asym.pdbx_modified 
_struct_asym.entity_id 
_struct_asym.details 
A N N 1 ? 
B N N 2 ? 
C N N 3 ? 
D N N 3 ? 
E N N 3 ? 
F N N 4 ? 
# 
_struct_ref.id                         1 
_struct_ref.db_name                    UNP 
_struct_ref.db_code                    POL_HV1N5 
_struct_ref.pdbx_db_accession          P12497 
_struct_ref.entity_id                  1 
_struct_ref.pdbx_seq_one_letter_code   
;MHGQVDCSPGIWQLDCTHLEGKVILVAVHVASGYIEAEVIPAETGQETAYFLLKLAGRWPVKTVHTDNGSNFTSTTVKAA
CWWAGIKQEFGIPYNPQSQGVIESMNKELKKIIGQVRDQAEHLKTAVQMAVFIHNFKRKGGIGGYSAGERIVDIIATDIQ
TKE
;
_struct_ref.pdbx_align_begin           1197 
_struct_ref.pdbx_db_isoform            ? 
# 
_struct_ref_seq.align_id                      1 
_struct_ref_seq.ref_id                        1 
_struct_ref_seq.pdbx_PDB_id_code              4ID1 
_struct_ref_seq.pdbx_strand_id                A 
_struct_ref_seq.seq_align_beg                 1 
_struct_ref_seq.pdbx_seq_align_beg_ins_code   ? 
_struct_ref_seq.seq_align_end                 163 
_struct_ref_seq.pdbx_seq_align_end_ins_code   ? 
_struct_ref_seq.pdbx_db_accession             P12497 
_struct_ref_seq.db_align_beg                  1197 
_struct_ref_seq.pdbx_db_align_beg_ins_code    ? 
_struct_ref_seq.db_align_end                  1359 
_struct_ref_seq.pdbx_db_align_end_ins_code    ? 
_struct_ref_seq.pdbx_auth_seq_align_beg       50 
_struct_ref_seq.pdbx_auth_seq_align_end       212 
# 
_struct_ref_seq_dif.align_id                     1 
_struct_ref_seq_dif.pdbx_pdb_id_code             4ID1 
_struct_ref_seq_dif.mon_id                       LYS 
_struct_ref_seq_dif.pdbx_pdb_strand_id           A 
_struct_ref_seq_dif.seq_num                      136 
_struct_ref_seq_dif.pdbx_pdb_ins_code            ? 
_struct_ref_seq_dif.pdbx_seq_db_name             UNP 
_struct_ref_seq_dif.pdbx_seq_db_accession_code   P12497 
_struct_ref_seq_dif.db_mon_id                    PHE 
_struct_ref_seq_dif.pdbx_seq_db_seq_num          1332 
_struct_ref_seq_dif.details                      'engineered mutation' 
_struct_ref_seq_dif.pdbx_auth_seq_num            185 
_struct_ref_seq_dif.pdbx_ordinal                 1 
# 
_pdbx_struct_assembly.id                   1 
_pdbx_struct_assembly.details              author_and_software_defined_assembly 
_pdbx_struct_assembly.method_details       PISA 
_pdbx_struct_assembly.oligomeric_details   dimeric 
_pdbx_struct_assembly.oligomeric_count     2 
# 
loop_
_pdbx_struct_assembly_prop.biol_id 
_pdbx_struct_assembly_prop.type 
_pdbx_struct_assembly_prop.value 
_pdbx_struct_assembly_prop.details 
1 'ABSA (A^2)' 4340  ? 
1 MORE         -91   ? 
1 'SSA (A^2)'  12890 ? 
# 
_pdbx_struct_assembly_gen.assembly_id       1 
_pdbx_struct_assembly_gen.oper_expression   1,2 
_pdbx_struct_assembly_gen.asym_id_list      A,B,C,D,E,F 
# 
loop_
_pdbx_struct_oper_list.id 
_pdbx_struct_oper_list.type 
_pdbx_struct_oper_list.name 
_pdbx_struct_oper_list.symmetry_operation 
_pdbx_struct_oper_list.matrix[1][1] 
_pdbx_struct_oper_list.matrix[1][2] 
_pdbx_struct_oper_list.matrix[1][3] 
_pdbx_struct_oper_list.vector[1] 
_pdbx_struct_oper_list.matrix[2][1] 
_pdbx_struct_oper_list.matrix[2][2] 
_pdbx_struct_oper_list.matrix[2][3] 
_pdbx_struct_oper_list.vector[2] 
_pdbx_struct_oper_list.matrix[3][1] 
_pdbx_struct_oper_list.matrix[3][2] 
_pdbx_struct_oper_list.matrix[3][3] 
_pdbx_struct_oper_list.vector[3] 
1 'identity operation'         1_555 x,y,z         1.0000000000 0.0000000000  0.0000000000 0.0000000000 0.0000000000  1.0000000000  0.0000000000  0.0000000000  0.0000000000 0.0000000000  1.0000000000  0.0000000000   
2 'crystal symmetry operation' 5_555 x-y,-y,-z+2/3 0.4679600629 -0.7615395720 0.4484092548 5.2231110809 -0.7615395720 -0.6049330398 -0.2326230806 -0.9323287211 0.4484092548 -0.2326230806 -0.8630270231 -18.6823166477 
# 
_struct_biol.id        1 
_struct_biol.details   ? 
# 
loop_
_struct_conf.conf_type_id 
_struct_conf.id 
_struct_conf.pdbx_PDB_helix_id 
_struct_conf.beg_label_comp_id 
_struct_conf.beg_label_asym_id 
_struct_conf.beg_label_seq_id 
_struct_conf.pdbx_beg_PDB_ins_code 
_struct_conf.end_label_comp_id 
_struct_conf.end_label_asym_id 
_struct_conf.end_label_seq_id 
_struct_conf.pdbx_end_PDB_ins_code 
_struct_conf.beg_auth_comp_id 
_struct_conf.beg_auth_asym_id 
_struct_conf.beg_auth_seq_id 
_struct_conf.end_auth_comp_id 
_struct_conf.end_auth_asym_id 
_struct_conf.end_auth_seq_id 
_struct_conf.pdbx_PDB_helix_class 
_struct_conf.details 
_struct_conf.pdbx_PDB_helix_length 
HELX_P HELX_P1 1 THR A 44  ? TRP A 59  ? THR A 93  TRP A 108 1 ? 16 
HELX_P HELX_P2 2 ASN A 68  ? THR A 73  ? ASN A 117 THR A 122 5 ? 6  
HELX_P HELX_P3 3 SER A 74  ? GLY A 85  ? SER A 123 GLY A 134 1 ? 12 
HELX_P HELX_P4 4 SER A 104 ? ARG A 117 ? SER A 153 ARG A 166 1 ? 14 
HELX_P HELX_P5 5 ASP A 118 ? ALA A 120 ? ASP A 167 ALA A 169 5 ? 3  
HELX_P HELX_P6 6 HIS A 122 ? LYS A 137 ? HIS A 171 LYS A 186 1 ? 16 
HELX_P HELX_P7 7 SER A 146 ? GLN A 160 ? SER A 195 GLN A 209 1 ? 15 
# 
_struct_conf_type.id          HELX_P 
_struct_conf_type.criteria    ? 
_struct_conf_type.reference   ? 
# 
loop_
_struct_conn.id 
_struct_conn.conn_type_id 
_struct_conn.pdbx_leaving_atom_flag 
_struct_conn.pdbx_PDB_id 
_struct_conn.ptnr1_label_asym_id 
_struct_conn.ptnr1_label_comp_id 
_struct_conn.ptnr1_label_seq_id 
_struct_conn.ptnr1_label_atom_id 
_struct_conn.pdbx_ptnr1_label_alt_id 
_struct_conn.pdbx_ptnr1_PDB_ins_code 
_struct_conn.pdbx_ptnr1_standard_comp_id 
_struct_conn.ptnr1_symmetry 
_struct_conn.ptnr2_label_asym_id 
_struct_conn.ptnr2_label_comp_id 
_struct_conn.ptnr2_label_seq_id 
_struct_conn.ptnr2_label_atom_id 
_struct_conn.pdbx_ptnr2_label_alt_id 
_struct_conn.pdbx_ptnr2_PDB_ins_code 
_struct_conn.ptnr1_auth_asym_id 
_struct_conn.ptnr1_auth_comp_id 
_struct_conn.ptnr1_auth_seq_id 
_struct_conn.ptnr2_auth_asym_id 
_struct_conn.ptnr2_auth_comp_id 
_struct_conn.ptnr2_auth_seq_id 
_struct_conn.ptnr2_symmetry 
_struct_conn.pdbx_ptnr3_label_atom_id 
_struct_conn.pdbx_ptnr3_label_seq_id 
_struct_conn.pdbx_ptnr3_label_comp_id 
_struct_conn.pdbx_ptnr3_label_asym_id 
_struct_conn.pdbx_ptnr3_label_alt_id 
_struct_conn.pdbx_ptnr3_PDB_ins_code 
_struct_conn.details 
_struct_conn.pdbx_dist_value 
_struct_conn.pdbx_value_order 
_struct_conn.pdbx_role 
covale1 covale both ? A ASP 15 C ? ? ? 1_555 A CAF 16 N ? ? A ASP 64  A CAF 65  1_555 ? ? ? ? ? ? ? 1.454 ? ? 
covale2 covale both ? A CAF 16 C ? ? ? 1_555 A THR 17 N ? ? A CAF 65  A THR 66  1_555 ? ? ? ? ? ? ? 1.508 ? ? 
covale3 covale both ? A ALA 80 C ? ? ? 1_555 A CAF 81 N ? ? A ALA 129 A CAF 130 1_555 ? ? ? ? ? ? ? 1.514 ? ? 
covale4 covale both ? A CAF 81 C ? ? ? 1_555 A TRP 82 N ? ? A CAF 130 A TRP 131 1_555 ? ? ? ? ? ? ? 1.516 ? ? 
# 
_struct_conn_type.id          covale 
_struct_conn_type.criteria    ? 
_struct_conn_type.reference   ? 
# 
loop_
_pdbx_modification_feature.ordinal 
_pdbx_modification_feature.label_comp_id 
_pdbx_modification_feature.label_asym_id 
_pdbx_modification_feature.label_seq_id 
_pdbx_modification_feature.label_alt_id 
_pdbx_modification_feature.modified_residue_label_comp_id 
_pdbx_modification_feature.modified_residue_label_asym_id 
_pdbx_modification_feature.modified_residue_label_seq_id 
_pdbx_modification_feature.modified_residue_label_alt_id 
_pdbx_modification_feature.auth_comp_id 
_pdbx_modification_feature.auth_asym_id 
_pdbx_modification_feature.auth_seq_id 
_pdbx_modification_feature.PDB_ins_code 
_pdbx_modification_feature.symmetry 
_pdbx_modification_feature.modified_residue_auth_comp_id 
_pdbx_modification_feature.modified_residue_auth_asym_id 
_pdbx_modification_feature.modified_residue_auth_seq_id 
_pdbx_modification_feature.modified_residue_PDB_ins_code 
_pdbx_modification_feature.modified_residue_symmetry 
_pdbx_modification_feature.comp_id_linking_atom 
_pdbx_modification_feature.modified_residue_id_linking_atom 
_pdbx_modification_feature.modified_residue_id 
_pdbx_modification_feature.ref_pcm_id 
_pdbx_modification_feature.ref_comp_id 
_pdbx_modification_feature.type 
_pdbx_modification_feature.category 
1 CAF A 16 ? . . . . CAF A 65  ? 1_555 . . . . . . . CYS 1 CAF None 'Non-standard residue' 
2 CAF A 81 ? . . . . CAF A 130 ? 1_555 . . . . . . . CYS 1 CAF None 'Non-standard residue' 
# 
_struct_mon_prot_cis.pdbx_id                1 
_struct_mon_prot_cis.label_comp_id          GLU 
_struct_mon_prot_cis.label_seq_id           103 
_struct_mon_prot_cis.label_asym_id          A 
_struct_mon_prot_cis.label_alt_id           . 
_struct_mon_prot_cis.pdbx_PDB_ins_code      ? 
_struct_mon_prot_cis.auth_comp_id           GLU 
_struct_mon_prot_cis.auth_seq_id            152 
_struct_mon_prot_cis.auth_asym_id           A 
_struct_mon_prot_cis.pdbx_label_comp_id_2   SER 
_struct_mon_prot_cis.pdbx_label_seq_id_2    104 
_struct_mon_prot_cis.pdbx_label_asym_id_2   A 
_struct_mon_prot_cis.pdbx_PDB_ins_code_2    ? 
_struct_mon_prot_cis.pdbx_auth_comp_id_2    SER 
_struct_mon_prot_cis.pdbx_auth_seq_id_2     153 
_struct_mon_prot_cis.pdbx_auth_asym_id_2    A 
_struct_mon_prot_cis.pdbx_PDB_model_num     1 
_struct_mon_prot_cis.pdbx_omega_angle       8.66 
# 
_struct_sheet.id               A 
_struct_sheet.type             ? 
_struct_sheet.number_strands   5 
_struct_sheet.details          ? 
# 
loop_
_struct_sheet_order.sheet_id 
_struct_sheet_order.range_id_1 
_struct_sheet_order.range_id_2 
_struct_sheet_order.offset 
_struct_sheet_order.sense 
A 1 2 ? anti-parallel 
A 2 3 ? anti-parallel 
A 3 4 ? parallel      
A 4 5 ? parallel      
# 
loop_
_struct_sheet_range.sheet_id 
_struct_sheet_range.id 
_struct_sheet_range.beg_label_comp_id 
_struct_sheet_range.beg_label_asym_id 
_struct_sheet_range.beg_label_seq_id 
_struct_sheet_range.pdbx_beg_PDB_ins_code 
_struct_sheet_range.end_label_comp_id 
_struct_sheet_range.end_label_asym_id 
_struct_sheet_range.end_label_seq_id 
_struct_sheet_range.pdbx_end_PDB_ins_code 
_struct_sheet_range.beg_auth_comp_id 
_struct_sheet_range.beg_auth_asym_id 
_struct_sheet_range.beg_auth_seq_id 
_struct_sheet_range.end_auth_comp_id 
_struct_sheet_range.end_auth_asym_id 
_struct_sheet_range.end_auth_seq_id 
A 1 ILE A 35 ? ILE A 40 ? ILE A 84  ILE A 89  
A 2 LYS A 22 ? HIS A 29 ? LYS A 71  HIS A 78  
A 3 ILE A 11 ? LEU A 19 ? ILE A 60  LEU A 68  
A 4 THR A 63 ? HIS A 65 ? THR A 112 HIS A 114 
A 5 LYS A 87 ? GLN A 88 ? LYS A 136 GLN A 137 
# 
loop_
_pdbx_struct_sheet_hbond.sheet_id 
_pdbx_struct_sheet_hbond.range_id_1 
_pdbx_struct_sheet_hbond.range_id_2 
_pdbx_struct_sheet_hbond.range_1_label_atom_id 
_pdbx_struct_sheet_hbond.range_1_label_comp_id 
_pdbx_struct_sheet_hbond.range_1_label_asym_id 
_pdbx_struct_sheet_hbond.range_1_label_seq_id 
_pdbx_struct_sheet_hbond.range_1_PDB_ins_code 
_pdbx_struct_sheet_hbond.range_1_auth_atom_id 
_pdbx_struct_sheet_hbond.range_1_auth_comp_id 
_pdbx_struct_sheet_hbond.range_1_auth_asym_id 
_pdbx_struct_sheet_hbond.range_1_auth_seq_id 
_pdbx_struct_sheet_hbond.range_2_label_atom_id 
_pdbx_struct_sheet_hbond.range_2_label_comp_id 
_pdbx_struct_sheet_hbond.range_2_label_asym_id 
_pdbx_struct_sheet_hbond.range_2_label_seq_id 
_pdbx_struct_sheet_hbond.range_2_PDB_ins_code 
_pdbx_struct_sheet_hbond.range_2_auth_atom_id 
_pdbx_struct_sheet_hbond.range_2_auth_comp_id 
_pdbx_struct_sheet_hbond.range_2_auth_asym_id 
_pdbx_struct_sheet_hbond.range_2_auth_seq_id 
A 1 2 O GLU A 36 ? O GLU A 85  N ALA A 27 ? N ALA A 76  
A 2 3 O ILE A 24 ? O ILE A 73  N THR A 17 ? N THR A 66  
A 3 4 N TRP A 12 ? N TRP A 61  O HIS A 65 ? O HIS A 114 
A 4 5 N VAL A 64 ? N VAL A 113 O LYS A 87 ? O LYS A 136 
# 
loop_
_struct_site.id 
_struct_site.pdbx_evidence_code 
_struct_site.pdbx_auth_asym_id 
_struct_site.pdbx_auth_comp_id 
_struct_site.pdbx_auth_seq_id 
_struct_site.pdbx_auth_ins_code 
_struct_site.pdbx_num_residues 
_struct_site.details 
AC1 Software A LF0 301 ? 14 'BINDING SITE FOR RESIDUE LF0 A 301' 
AC2 Software A SO4 302 ? 9  'BINDING SITE FOR RESIDUE SO4 A 302' 
AC3 Software A SO4 303 ? 5  'BINDING SITE FOR RESIDUE SO4 A 303' 
AC4 Software A SO4 304 ? 2  'BINDING SITE FOR RESIDUE SO4 A 304' 
# 
loop_
_struct_site_gen.id 
_struct_site_gen.site_id 
_struct_site_gen.pdbx_num_res 
_struct_site_gen.label_comp_id 
_struct_site_gen.label_asym_id 
_struct_site_gen.label_seq_id 
_struct_site_gen.pdbx_auth_ins_code 
_struct_site_gen.auth_comp_id 
_struct_site_gen.auth_asym_id 
_struct_site_gen.auth_seq_id 
_struct_site_gen.label_atom_id 
_struct_site_gen.label_alt_id 
_struct_site_gen.symmetry 
_struct_site_gen.details 
1  AC1 14 LEU A 53  ? LEU A 102 . ? 1_555 ? 
2  AC1 14 THR A 75  ? THR A 124 . ? 1_555 ? 
3  AC1 14 THR A 76  ? THR A 125 . ? 1_555 ? 
4  AC1 14 ALA A 79  ? ALA A 128 . ? 1_555 ? 
5  AC1 14 ALA A 80  ? ALA A 129 . ? 1_555 ? 
6  AC1 14 TRP A 83  ? TRP A 132 . ? 1_555 ? 
7  AC1 14 GLN A 119 ? GLN A 168 . ? 5_555 ? 
8  AC1 14 ALA A 120 ? ALA A 169 . ? 5_555 ? 
9  AC1 14 GLU A 121 ? GLU A 170 . ? 5_555 ? 
10 AC1 14 HIS A 122 ? HIS A 171 . ? 5_555 ? 
11 AC1 14 THR A 125 ? THR A 174 . ? 5_555 ? 
12 AC1 14 MET A 129 ? MET A 178 . ? 5_555 ? 
13 AC1 14 HOH F .   ? HOH A 427 . ? 1_555 ? 
14 AC1 14 HOH F .   ? HOH A 458 . ? 1_555 ? 
15 AC2 9  GLY A 45  ? GLY A 94  . ? 1_555 ? 
16 AC2 9  GLN A 46  ? GLN A 95  . ? 1_555 ? 
17 AC2 9  SER A 74  ? SER A 123 . ? 1_555 ? 
18 AC2 9  THR A 75  ? THR A 124 . ? 1_555 ? 
19 AC2 9  THR A 76  ? THR A 125 . ? 1_555 ? 
20 AC2 9  LYS A 137 ? LYS A 186 . ? 6_655 ? 
21 AC2 9  ARG A 138 ? ARG A 187 . ? 6_655 ? 
22 AC2 9  HOH F .   ? HOH A 431 . ? 1_555 ? 
23 AC2 9  HOH F .   ? HOH A 440 . ? 1_555 ? 
24 AC3 5  LYS A 22  ? LYS A 71  . ? 1_555 ? 
25 AC3 5  HIS A 122 ? HIS A 171 . ? 1_555 ? 
26 AC3 5  LEU A 123 ? LEU A 172 . ? 1_555 ? 
27 AC3 5  HOH F .   ? HOH A 441 . ? 1_555 ? 
28 AC3 5  HOH F .   ? HOH A 448 . ? 1_555 ? 
29 AC4 2  THR A 17  ? THR A 66  . ? 1_555 ? 
30 AC4 2  HIS A 18  ? HIS A 67  . ? 1_555 ? 
# 
_pdbx_entry_details.entry_id                   4ID1 
_pdbx_entry_details.compound_details           ? 
_pdbx_entry_details.source_details             ? 
_pdbx_entry_details.nonpolymer_details         ? 
_pdbx_entry_details.sequence_details           ? 
_pdbx_entry_details.has_ligand_of_interest     ? 
_pdbx_entry_details.has_protein_modification   Y 
# 
loop_
_pdbx_validate_rmsd_bond.id 
_pdbx_validate_rmsd_bond.PDB_model_num 
_pdbx_validate_rmsd_bond.auth_atom_id_1 
_pdbx_validate_rmsd_bond.auth_asym_id_1 
_pdbx_validate_rmsd_bond.auth_comp_id_1 
_pdbx_validate_rmsd_bond.auth_seq_id_1 
_pdbx_validate_rmsd_bond.PDB_ins_code_1 
_pdbx_validate_rmsd_bond.label_alt_id_1 
_pdbx_validate_rmsd_bond.auth_atom_id_2 
_pdbx_validate_rmsd_bond.auth_asym_id_2 
_pdbx_validate_rmsd_bond.auth_comp_id_2 
_pdbx_validate_rmsd_bond.auth_seq_id_2 
_pdbx_validate_rmsd_bond.PDB_ins_code_2 
_pdbx_validate_rmsd_bond.label_alt_id_2 
_pdbx_validate_rmsd_bond.bond_value 
_pdbx_validate_rmsd_bond.bond_target_value 
_pdbx_validate_rmsd_bond.bond_deviation 
_pdbx_validate_rmsd_bond.bond_standard_deviation 
_pdbx_validate_rmsd_bond.linker_flag 
1 1 C A CAF 65  ? ? N A THR 66  ? ? 1.508 1.336 0.172 0.023 Y 
2 1 C A ALA 129 ? ? N A CAF 130 ? ? 1.514 1.336 0.178 0.023 Y 
3 1 C A CAF 130 ? ? N A TRP 131 ? ? 1.516 1.336 0.180 0.023 Y 
# 
_pdbx_validate_main_chain_plane.id                       1 
_pdbx_validate_main_chain_plane.PDB_model_num            1 
_pdbx_validate_main_chain_plane.auth_comp_id             ASP 
_pdbx_validate_main_chain_plane.auth_asym_id             A 
_pdbx_validate_main_chain_plane.auth_seq_id              64 
_pdbx_validate_main_chain_plane.PDB_ins_code             ? 
_pdbx_validate_main_chain_plane.label_alt_id             ? 
_pdbx_validate_main_chain_plane.improper_torsion_angle   -16.35 
# 
loop_
_pdbx_struct_mod_residue.id 
_pdbx_struct_mod_residue.label_asym_id 
_pdbx_struct_mod_residue.label_comp_id 
_pdbx_struct_mod_residue.label_seq_id 
_pdbx_struct_mod_residue.auth_asym_id 
_pdbx_struct_mod_residue.auth_comp_id 
_pdbx_struct_mod_residue.auth_seq_id 
_pdbx_struct_mod_residue.PDB_ins_code 
_pdbx_struct_mod_residue.parent_comp_id 
_pdbx_struct_mod_residue.details 
1 A CAF 16 A CAF 65  ? CYS S-DIMETHYLARSINOYL-CYSTEINE 
2 A CAF 81 A CAF 130 ? CYS S-DIMETHYLARSINOYL-CYSTEINE 
# 
_pdbx_phasing_MR.entry_id                     4ID1 
_pdbx_phasing_MR.method_rotation              ? 
_pdbx_phasing_MR.method_translation           ? 
_pdbx_phasing_MR.model_details                'Phaser MODE: MR_AUTO' 
_pdbx_phasing_MR.R_factor                     ? 
_pdbx_phasing_MR.R_rigid_body                 ? 
_pdbx_phasing_MR.correlation_coeff_Fo_to_Fc   ? 
_pdbx_phasing_MR.correlation_coeff_Io_to_Ic   ? 
_pdbx_phasing_MR.d_res_high_rotation          2.500 
_pdbx_phasing_MR.d_res_low_rotation           36.120 
_pdbx_phasing_MR.d_res_high_translation       2.500 
_pdbx_phasing_MR.d_res_low_translation        36.120 
_pdbx_phasing_MR.packing                      ? 
_pdbx_phasing_MR.reflns_percent_rotation      ? 
_pdbx_phasing_MR.reflns_percent_translation   ? 
_pdbx_phasing_MR.sigma_F_rotation             ? 
_pdbx_phasing_MR.sigma_F_translation          ? 
_pdbx_phasing_MR.sigma_I_rotation             ? 
_pdbx_phasing_MR.sigma_I_translation          ? 
# 
_phasing.method   MR 
# 
loop_
_pdbx_unobs_or_zero_occ_residues.id 
_pdbx_unobs_or_zero_occ_residues.PDB_model_num 
_pdbx_unobs_or_zero_occ_residues.polymer_flag 
_pdbx_unobs_or_zero_occ_residues.occupancy_flag 
_pdbx_unobs_or_zero_occ_residues.auth_asym_id 
_pdbx_unobs_or_zero_occ_residues.auth_comp_id 
_pdbx_unobs_or_zero_occ_residues.auth_seq_id 
_pdbx_unobs_or_zero_occ_residues.PDB_ins_code 
_pdbx_unobs_or_zero_occ_residues.label_asym_id 
_pdbx_unobs_or_zero_occ_residues.label_comp_id 
_pdbx_unobs_or_zero_occ_residues.label_seq_id 
1  1 Y 1 A MET 50  ? A MET 1   
2  1 Y 1 A HIS 51  ? A HIS 2   
3  1 Y 1 A GLY 52  ? A GLY 3   
4  1 Y 1 A GLN 53  ? A GLN 4   
5  1 Y 1 A VAL 54  ? A VAL 5   
6  1 Y 1 A ASP 55  ? A ASP 6   
7  1 Y 1 A PRO 142 ? A PRO 93  
8  1 Y 1 A TYR 143 ? A TYR 94  
9  1 Y 1 A ASN 144 ? A ASN 95  
10 1 Y 1 A PRO 145 ? A PRO 96  
11 1 Y 1 A GLN 146 ? A GLN 97  
12 1 Y 1 A SER 147 ? A SER 98  
13 1 Y 1 A GLN 148 ? A GLN 99  
14 1 Y 1 A GLY 149 ? A GLY 100 
15 1 Y 1 A VAL 150 ? A VAL 101 
16 1 Y 1 A ILE 151 ? A ILE 102 
17 1 Y 1 A ILE 191 ? A ILE 142 
18 1 Y 1 A GLY 192 ? A GLY 143 
19 1 Y 1 A THR 210 ? A THR 161 
20 1 Y 1 A LYS 211 ? A LYS 162 
21 1 Y 1 A GLU 212 ? A GLU 163 
# 
loop_
_chem_comp_atom.comp_id 
_chem_comp_atom.atom_id 
_chem_comp_atom.type_symbol 
_chem_comp_atom.pdbx_aromatic_flag 
_chem_comp_atom.pdbx_stereo_config 
_chem_comp_atom.pdbx_ordinal 
ALA N    N  N N 1   
ALA CA   C  N S 2   
ALA C    C  N N 3   
ALA O    O  N N 4   
ALA CB   C  N N 5   
ALA OXT  O  N N 6   
ALA H    H  N N 7   
ALA H2   H  N N 8   
ALA HA   H  N N 9   
ALA HB1  H  N N 10  
ALA HB2  H  N N 11  
ALA HB3  H  N N 12  
ALA HXT  H  N N 13  
ARG N    N  N N 14  
ARG CA   C  N S 15  
ARG C    C  N N 16  
ARG O    O  N N 17  
ARG CB   C  N N 18  
ARG CG   C  N N 19  
ARG CD   C  N N 20  
ARG NE   N  N N 21  
ARG CZ   C  N N 22  
ARG NH1  N  N N 23  
ARG NH2  N  N N 24  
ARG OXT  O  N N 25  
ARG H    H  N N 26  
ARG H2   H  N N 27  
ARG HA   H  N N 28  
ARG HB2  H  N N 29  
ARG HB3  H  N N 30  
ARG HG2  H  N N 31  
ARG HG3  H  N N 32  
ARG HD2  H  N N 33  
ARG HD3  H  N N 34  
ARG HE   H  N N 35  
ARG HH11 H  N N 36  
ARG HH12 H  N N 37  
ARG HH21 H  N N 38  
ARG HH22 H  N N 39  
ARG HXT  H  N N 40  
ASN N    N  N N 41  
ASN CA   C  N S 42  
ASN C    C  N N 43  
ASN O    O  N N 44  
ASN CB   C  N N 45  
ASN CG   C  N N 46  
ASN OD1  O  N N 47  
ASN ND2  N  N N 48  
ASN OXT  O  N N 49  
ASN H    H  N N 50  
ASN H2   H  N N 51  
ASN HA   H  N N 52  
ASN HB2  H  N N 53  
ASN HB3  H  N N 54  
ASN HD21 H  N N 55  
ASN HD22 H  N N 56  
ASN HXT  H  N N 57  
ASP N    N  N N 58  
ASP CA   C  N S 59  
ASP C    C  N N 60  
ASP O    O  N N 61  
ASP CB   C  N N 62  
ASP CG   C  N N 63  
ASP OD1  O  N N 64  
ASP OD2  O  N N 65  
ASP OXT  O  N N 66  
ASP H    H  N N 67  
ASP H2   H  N N 68  
ASP HA   H  N N 69  
ASP HB2  H  N N 70  
ASP HB3  H  N N 71  
ASP HD2  H  N N 72  
ASP HXT  H  N N 73  
CAF N    N  N N 74  
CAF CA   C  N R 75  
CAF CB   C  N N 76  
CAF C    C  N N 77  
CAF O    O  N N 78  
CAF OXT  O  N N 79  
CAF SG   S  N N 80  
CAF AS   AS N N 81  
CAF CE1  C  N N 82  
CAF CE2  C  N N 83  
CAF O1   O  N N 84  
CAF H    H  N N 85  
CAF H2   H  N N 86  
CAF HA   H  N N 87  
CAF HB2  H  N N 88  
CAF HB3  H  N N 89  
CAF HXT  H  N N 90  
CAF HE11 H  N N 91  
CAF HE12 H  N N 92  
CAF HE13 H  N N 93  
CAF HE21 H  N N 94  
CAF HE22 H  N N 95  
CAF HE23 H  N N 96  
CYS N    N  N N 97  
CYS CA   C  N R 98  
CYS C    C  N N 99  
CYS O    O  N N 100 
CYS CB   C  N N 101 
CYS SG   S  N N 102 
CYS OXT  O  N N 103 
CYS H    H  N N 104 
CYS H2   H  N N 105 
CYS HA   H  N N 106 
CYS HB2  H  N N 107 
CYS HB3  H  N N 108 
CYS HG   H  N N 109 
CYS HXT  H  N N 110 
GLN N    N  N N 111 
GLN CA   C  N S 112 
GLN C    C  N N 113 
GLN O    O  N N 114 
GLN CB   C  N N 115 
GLN CG   C  N N 116 
GLN CD   C  N N 117 
GLN OE1  O  N N 118 
GLN NE2  N  N N 119 
GLN OXT  O  N N 120 
GLN H    H  N N 121 
GLN H2   H  N N 122 
GLN HA   H  N N 123 
GLN HB2  H  N N 124 
GLN HB3  H  N N 125 
GLN HG2  H  N N 126 
GLN HG3  H  N N 127 
GLN HE21 H  N N 128 
GLN HE22 H  N N 129 
GLN HXT  H  N N 130 
GLU N    N  N N 131 
GLU CA   C  N S 132 
GLU C    C  N N 133 
GLU O    O  N N 134 
GLU CB   C  N N 135 
GLU CG   C  N N 136 
GLU CD   C  N N 137 
GLU OE1  O  N N 138 
GLU OE2  O  N N 139 
GLU OXT  O  N N 140 
GLU H    H  N N 141 
GLU H2   H  N N 142 
GLU HA   H  N N 143 
GLU HB2  H  N N 144 
GLU HB3  H  N N 145 
GLU HG2  H  N N 146 
GLU HG3  H  N N 147 
GLU HE2  H  N N 148 
GLU HXT  H  N N 149 
GLY N    N  N N 150 
GLY CA   C  N N 151 
GLY C    C  N N 152 
GLY O    O  N N 153 
GLY OXT  O  N N 154 
GLY H    H  N N 155 
GLY H2   H  N N 156 
GLY HA2  H  N N 157 
GLY HA3  H  N N 158 
GLY HXT  H  N N 159 
HIS N    N  N N 160 
HIS CA   C  N S 161 
HIS C    C  N N 162 
HIS O    O  N N 163 
HIS CB   C  N N 164 
HIS CG   C  Y N 165 
HIS ND1  N  Y N 166 
HIS CD2  C  Y N 167 
HIS CE1  C  Y N 168 
HIS NE2  N  Y N 169 
HIS OXT  O  N N 170 
HIS H    H  N N 171 
HIS H2   H  N N 172 
HIS HA   H  N N 173 
HIS HB2  H  N N 174 
HIS HB3  H  N N 175 
HIS HD1  H  N N 176 
HIS HD2  H  N N 177 
HIS HE1  H  N N 178 
HIS HE2  H  N N 179 
HIS HXT  H  N N 180 
HOH O    O  N N 181 
HOH H1   H  N N 182 
HOH H2   H  N N 183 
ILE N    N  N N 184 
ILE CA   C  N S 185 
ILE C    C  N N 186 
ILE O    O  N N 187 
ILE CB   C  N S 188 
ILE CG1  C  N N 189 
ILE CG2  C  N N 190 
ILE CD1  C  N N 191 
ILE OXT  O  N N 192 
ILE H    H  N N 193 
ILE H2   H  N N 194 
ILE HA   H  N N 195 
ILE HB   H  N N 196 
ILE HG12 H  N N 197 
ILE HG13 H  N N 198 
ILE HG21 H  N N 199 
ILE HG22 H  N N 200 
ILE HG23 H  N N 201 
ILE HD11 H  N N 202 
ILE HD12 H  N N 203 
ILE HD13 H  N N 204 
ILE HXT  H  N N 205 
LEU N    N  N N 206 
LEU CA   C  N S 207 
LEU C    C  N N 208 
LEU O    O  N N 209 
LEU CB   C  N N 210 
LEU CG   C  N N 211 
LEU CD1  C  N N 212 
LEU CD2  C  N N 213 
LEU OXT  O  N N 214 
LEU H    H  N N 215 
LEU H2   H  N N 216 
LEU HA   H  N N 217 
LEU HB2  H  N N 218 
LEU HB3  H  N N 219 
LEU HG   H  N N 220 
LEU HD11 H  N N 221 
LEU HD12 H  N N 222 
LEU HD13 H  N N 223 
LEU HD21 H  N N 224 
LEU HD22 H  N N 225 
LEU HD23 H  N N 226 
LEU HXT  H  N N 227 
LF0 C1   C  Y N 228 
LF0 C2   C  Y N 229 
LF0 C3   C  Y N 230 
LF0 N1   N  Y N 231 
LF0 C5   C  Y N 232 
LF0 C6   C  Y N 233 
LF0 C7   C  Y N 234 
LF0 C8   C  Y N 235 
LF0 C9   C  Y N 236 
LF0 C10  C  Y N 237 
LF0 C11  C  Y N 238 
LF0 C12  C  Y N 239 
LF0 C13  C  Y N 240 
LF0 C14  C  Y N 241 
LF0 C15  C  Y N 242 
LF0 C16  C  Y N 243 
LF0 C17  C  N N 244 
LF0 C18  C  N S 245 
LF0 C19  C  N N 246 
LF0 O20  O  N N 247 
LF0 O21  O  N N 248 
LF0 O22  O  N N 249 
LF0 C23  C  N N 250 
LF0 C24  C  N N 251 
LF0 C25  C  N N 252 
LF0 C26  C  N N 253 
LF0 O27  O  N N 254 
LF0 C4   C  N N 255 
LF0 C20  C  N N 256 
LF0 C21  C  N N 257 
LF0 H1   H  N N 258 
LF0 H2   H  N N 259 
LF0 H3   H  N N 260 
LF0 H4   H  N N 261 
LF0 H5   H  N N 262 
LF0 H6   H  N N 263 
LF0 H7   H  N N 264 
LF0 H8   H  N N 265 
LF0 H9   H  N N 266 
LF0 H10  H  N N 267 
LF0 H11  H  N N 268 
LF0 H12  H  N N 269 
LF0 H13  H  N N 270 
LF0 H14  H  N N 271 
LF0 H15  H  N N 272 
LF0 H16  H  N N 273 
LF0 H17  H  N N 274 
LF0 H18  H  N N 275 
LF0 H19  H  N N 276 
LF0 H20  H  N N 277 
LF0 H21  H  N N 278 
LF0 H22  H  N N 279 
LF0 H23  H  N N 280 
LF0 H24  H  N N 281 
LF0 H25  H  N N 282 
LF0 H26  H  N N 283 
LF0 H27  H  N N 284 
LYS N    N  N N 285 
LYS CA   C  N S 286 
LYS C    C  N N 287 
LYS O    O  N N 288 
LYS CB   C  N N 289 
LYS CG   C  N N 290 
LYS CD   C  N N 291 
LYS CE   C  N N 292 
LYS NZ   N  N N 293 
LYS OXT  O  N N 294 
LYS H    H  N N 295 
LYS H2   H  N N 296 
LYS HA   H  N N 297 
LYS HB2  H  N N 298 
LYS HB3  H  N N 299 
LYS HG2  H  N N 300 
LYS HG3  H  N N 301 
LYS HD2  H  N N 302 
LYS HD3  H  N N 303 
LYS HE2  H  N N 304 
LYS HE3  H  N N 305 
LYS HZ1  H  N N 306 
LYS HZ2  H  N N 307 
LYS HZ3  H  N N 308 
LYS HXT  H  N N 309 
MET N    N  N N 310 
MET CA   C  N S 311 
MET C    C  N N 312 
MET O    O  N N 313 
MET CB   C  N N 314 
MET CG   C  N N 315 
MET SD   S  N N 316 
MET CE   C  N N 317 
MET OXT  O  N N 318 
MET H    H  N N 319 
MET H2   H  N N 320 
MET HA   H  N N 321 
MET HB2  H  N N 322 
MET HB3  H  N N 323 
MET HG2  H  N N 324 
MET HG3  H  N N 325 
MET HE1  H  N N 326 
MET HE2  H  N N 327 
MET HE3  H  N N 328 
MET HXT  H  N N 329 
PHE N    N  N N 330 
PHE CA   C  N S 331 
PHE C    C  N N 332 
PHE O    O  N N 333 
PHE CB   C  N N 334 
PHE CG   C  Y N 335 
PHE CD1  C  Y N 336 
PHE CD2  C  Y N 337 
PHE CE1  C  Y N 338 
PHE CE2  C  Y N 339 
PHE CZ   C  Y N 340 
PHE OXT  O  N N 341 
PHE H    H  N N 342 
PHE H2   H  N N 343 
PHE HA   H  N N 344 
PHE HB2  H  N N 345 
PHE HB3  H  N N 346 
PHE HD1  H  N N 347 
PHE HD2  H  N N 348 
PHE HE1  H  N N 349 
PHE HE2  H  N N 350 
PHE HZ   H  N N 351 
PHE HXT  H  N N 352 
PRO N    N  N N 353 
PRO CA   C  N S 354 
PRO C    C  N N 355 
PRO O    O  N N 356 
PRO CB   C  N N 357 
PRO CG   C  N N 358 
PRO CD   C  N N 359 
PRO OXT  O  N N 360 
PRO H    H  N N 361 
PRO HA   H  N N 362 
PRO HB2  H  N N 363 
PRO HB3  H  N N 364 
PRO HG2  H  N N 365 
PRO HG3  H  N N 366 
PRO HD2  H  N N 367 
PRO HD3  H  N N 368 
PRO HXT  H  N N 369 
SER N    N  N N 370 
SER CA   C  N S 371 
SER C    C  N N 372 
SER O    O  N N 373 
SER CB   C  N N 374 
SER OG   O  N N 375 
SER OXT  O  N N 376 
SER H    H  N N 377 
SER H2   H  N N 378 
SER HA   H  N N 379 
SER HB2  H  N N 380 
SER HB3  H  N N 381 
SER HG   H  N N 382 
SER HXT  H  N N 383 
SO4 S    S  N N 384 
SO4 O1   O  N N 385 
SO4 O2   O  N N 386 
SO4 O3   O  N N 387 
SO4 O4   O  N N 388 
THR N    N  N N 389 
THR CA   C  N S 390 
THR C    C  N N 391 
THR O    O  N N 392 
THR CB   C  N R 393 
THR OG1  O  N N 394 
THR CG2  C  N N 395 
THR OXT  O  N N 396 
THR H    H  N N 397 
THR H2   H  N N 398 
THR HA   H  N N 399 
THR HB   H  N N 400 
THR HG1  H  N N 401 
THR HG21 H  N N 402 
THR HG22 H  N N 403 
THR HG23 H  N N 404 
THR HXT  H  N N 405 
TRP N    N  N N 406 
TRP CA   C  N S 407 
TRP C    C  N N 408 
TRP O    O  N N 409 
TRP CB   C  N N 410 
TRP CG   C  Y N 411 
TRP CD1  C  Y N 412 
TRP CD2  C  Y N 413 
TRP NE1  N  Y N 414 
TRP CE2  C  Y N 415 
TRP CE3  C  Y N 416 
TRP CZ2  C  Y N 417 
TRP CZ3  C  Y N 418 
TRP CH2  C  Y N 419 
TRP OXT  O  N N 420 
TRP H    H  N N 421 
TRP H2   H  N N 422 
TRP HA   H  N N 423 
TRP HB2  H  N N 424 
TRP HB3  H  N N 425 
TRP HD1  H  N N 426 
TRP HE1  H  N N 427 
TRP HE3  H  N N 428 
TRP HZ2  H  N N 429 
TRP HZ3  H  N N 430 
TRP HH2  H  N N 431 
TRP HXT  H  N N 432 
TYR N    N  N N 433 
TYR CA   C  N S 434 
TYR C    C  N N 435 
TYR O    O  N N 436 
TYR CB   C  N N 437 
TYR CG   C  Y N 438 
TYR CD1  C  Y N 439 
TYR CD2  C  Y N 440 
TYR CE1  C  Y N 441 
TYR CE2  C  Y N 442 
TYR CZ   C  Y N 443 
TYR OH   O  N N 444 
TYR OXT  O  N N 445 
TYR H    H  N N 446 
TYR H2   H  N N 447 
TYR HA   H  N N 448 
TYR HB2  H  N N 449 
TYR HB3  H  N N 450 
TYR HD1  H  N N 451 
TYR HD2  H  N N 452 
TYR HE1  H  N N 453 
TYR HE2  H  N N 454 
TYR HH   H  N N 455 
TYR HXT  H  N N 456 
VAL N    N  N N 457 
VAL CA   C  N S 458 
VAL C    C  N N 459 
VAL O    O  N N 460 
VAL CB   C  N N 461 
VAL CG1  C  N N 462 
VAL CG2  C  N N 463 
VAL OXT  O  N N 464 
VAL H    H  N N 465 
VAL H2   H  N N 466 
VAL HA   H  N N 467 
VAL HB   H  N N 468 
VAL HG11 H  N N 469 
VAL HG12 H  N N 470 
VAL HG13 H  N N 471 
VAL HG21 H  N N 472 
VAL HG22 H  N N 473 
VAL HG23 H  N N 474 
VAL HXT  H  N N 475 
# 
loop_
_chem_comp_bond.comp_id 
_chem_comp_bond.atom_id_1 
_chem_comp_bond.atom_id_2 
_chem_comp_bond.value_order 
_chem_comp_bond.pdbx_aromatic_flag 
_chem_comp_bond.pdbx_stereo_config 
_chem_comp_bond.pdbx_ordinal 
ALA N   CA   sing N N 1   
ALA N   H    sing N N 2   
ALA N   H2   sing N N 3   
ALA CA  C    sing N N 4   
ALA CA  CB   sing N N 5   
ALA CA  HA   sing N N 6   
ALA C   O    doub N N 7   
ALA C   OXT  sing N N 8   
ALA CB  HB1  sing N N 9   
ALA CB  HB2  sing N N 10  
ALA CB  HB3  sing N N 11  
ALA OXT HXT  sing N N 12  
ARG N   CA   sing N N 13  
ARG N   H    sing N N 14  
ARG N   H2   sing N N 15  
ARG CA  C    sing N N 16  
ARG CA  CB   sing N N 17  
ARG CA  HA   sing N N 18  
ARG C   O    doub N N 19  
ARG C   OXT  sing N N 20  
ARG CB  CG   sing N N 21  
ARG CB  HB2  sing N N 22  
ARG CB  HB3  sing N N 23  
ARG CG  CD   sing N N 24  
ARG CG  HG2  sing N N 25  
ARG CG  HG3  sing N N 26  
ARG CD  NE   sing N N 27  
ARG CD  HD2  sing N N 28  
ARG CD  HD3  sing N N 29  
ARG NE  CZ   sing N N 30  
ARG NE  HE   sing N N 31  
ARG CZ  NH1  sing N N 32  
ARG CZ  NH2  doub N N 33  
ARG NH1 HH11 sing N N 34  
ARG NH1 HH12 sing N N 35  
ARG NH2 HH21 sing N N 36  
ARG NH2 HH22 sing N N 37  
ARG OXT HXT  sing N N 38  
ASN N   CA   sing N N 39  
ASN N   H    sing N N 40  
ASN N   H2   sing N N 41  
ASN CA  C    sing N N 42  
ASN CA  CB   sing N N 43  
ASN CA  HA   sing N N 44  
ASN C   O    doub N N 45  
ASN C   OXT  sing N N 46  
ASN CB  CG   sing N N 47  
ASN CB  HB2  sing N N 48  
ASN CB  HB3  sing N N 49  
ASN CG  OD1  doub N N 50  
ASN CG  ND2  sing N N 51  
ASN ND2 HD21 sing N N 52  
ASN ND2 HD22 sing N N 53  
ASN OXT HXT  sing N N 54  
ASP N   CA   sing N N 55  
ASP N   H    sing N N 56  
ASP N   H2   sing N N 57  
ASP CA  C    sing N N 58  
ASP CA  CB   sing N N 59  
ASP CA  HA   sing N N 60  
ASP C   O    doub N N 61  
ASP C   OXT  sing N N 62  
ASP CB  CG   sing N N 63  
ASP CB  HB2  sing N N 64  
ASP CB  HB3  sing N N 65  
ASP CG  OD1  doub N N 66  
ASP CG  OD2  sing N N 67  
ASP OD2 HD2  sing N N 68  
ASP OXT HXT  sing N N 69  
CAF N   CA   sing N N 70  
CAF N   H    sing N N 71  
CAF N   H2   sing N N 72  
CAF CA  CB   sing N N 73  
CAF CA  C    sing N N 74  
CAF CA  HA   sing N N 75  
CAF CB  SG   sing N N 76  
CAF CB  HB2  sing N N 77  
CAF CB  HB3  sing N N 78  
CAF C   O    doub N N 79  
CAF C   OXT  sing N N 80  
CAF OXT HXT  sing N N 81  
CAF SG  AS   sing N N 82  
CAF AS  CE1  sing N N 83  
CAF AS  CE2  sing N N 84  
CAF AS  O1   doub N N 85  
CAF CE1 HE11 sing N N 86  
CAF CE1 HE12 sing N N 87  
CAF CE1 HE13 sing N N 88  
CAF CE2 HE21 sing N N 89  
CAF CE2 HE22 sing N N 90  
CAF CE2 HE23 sing N N 91  
CYS N   CA   sing N N 92  
CYS N   H    sing N N 93  
CYS N   H2   sing N N 94  
CYS CA  C    sing N N 95  
CYS CA  CB   sing N N 96  
CYS CA  HA   sing N N 97  
CYS C   O    doub N N 98  
CYS C   OXT  sing N N 99  
CYS CB  SG   sing N N 100 
CYS CB  HB2  sing N N 101 
CYS CB  HB3  sing N N 102 
CYS SG  HG   sing N N 103 
CYS OXT HXT  sing N N 104 
GLN N   CA   sing N N 105 
GLN N   H    sing N N 106 
GLN N   H2   sing N N 107 
GLN CA  C    sing N N 108 
GLN CA  CB   sing N N 109 
GLN CA  HA   sing N N 110 
GLN C   O    doub N N 111 
GLN C   OXT  sing N N 112 
GLN CB  CG   sing N N 113 
GLN CB  HB2  sing N N 114 
GLN CB  HB3  sing N N 115 
GLN CG  CD   sing N N 116 
GLN CG  HG2  sing N N 117 
GLN CG  HG3  sing N N 118 
GLN CD  OE1  doub N N 119 
GLN CD  NE2  sing N N 120 
GLN NE2 HE21 sing N N 121 
GLN NE2 HE22 sing N N 122 
GLN OXT HXT  sing N N 123 
GLU N   CA   sing N N 124 
GLU N   H    sing N N 125 
GLU N   H2   sing N N 126 
GLU CA  C    sing N N 127 
GLU CA  CB   sing N N 128 
GLU CA  HA   sing N N 129 
GLU C   O    doub N N 130 
GLU C   OXT  sing N N 131 
GLU CB  CG   sing N N 132 
GLU CB  HB2  sing N N 133 
GLU CB  HB3  sing N N 134 
GLU CG  CD   sing N N 135 
GLU CG  HG2  sing N N 136 
GLU CG  HG3  sing N N 137 
GLU CD  OE1  doub N N 138 
GLU CD  OE2  sing N N 139 
GLU OE2 HE2  sing N N 140 
GLU OXT HXT  sing N N 141 
GLY N   CA   sing N N 142 
GLY N   H    sing N N 143 
GLY N   H2   sing N N 144 
GLY CA  C    sing N N 145 
GLY CA  HA2  sing N N 146 
GLY CA  HA3  sing N N 147 
GLY C   O    doub N N 148 
GLY C   OXT  sing N N 149 
GLY OXT HXT  sing N N 150 
HIS N   CA   sing N N 151 
HIS N   H    sing N N 152 
HIS N   H2   sing N N 153 
HIS CA  C    sing N N 154 
HIS CA  CB   sing N N 155 
HIS CA  HA   sing N N 156 
HIS C   O    doub N N 157 
HIS C   OXT  sing N N 158 
HIS CB  CG   sing N N 159 
HIS CB  HB2  sing N N 160 
HIS CB  HB3  sing N N 161 
HIS CG  ND1  sing Y N 162 
HIS CG  CD2  doub Y N 163 
HIS ND1 CE1  doub Y N 164 
HIS ND1 HD1  sing N N 165 
HIS CD2 NE2  sing Y N 166 
HIS CD2 HD2  sing N N 167 
HIS CE1 NE2  sing Y N 168 
HIS CE1 HE1  sing N N 169 
HIS NE2 HE2  sing N N 170 
HIS OXT HXT  sing N N 171 
HOH O   H1   sing N N 172 
HOH O   H2   sing N N 173 
ILE N   CA   sing N N 174 
ILE N   H    sing N N 175 
ILE N   H2   sing N N 176 
ILE CA  C    sing N N 177 
ILE CA  CB   sing N N 178 
ILE CA  HA   sing N N 179 
ILE C   O    doub N N 180 
ILE C   OXT  sing N N 181 
ILE CB  CG1  sing N N 182 
ILE CB  CG2  sing N N 183 
ILE CB  HB   sing N N 184 
ILE CG1 CD1  sing N N 185 
ILE CG1 HG12 sing N N 186 
ILE CG1 HG13 sing N N 187 
ILE CG2 HG21 sing N N 188 
ILE CG2 HG22 sing N N 189 
ILE CG2 HG23 sing N N 190 
ILE CD1 HD11 sing N N 191 
ILE CD1 HD12 sing N N 192 
ILE CD1 HD13 sing N N 193 
ILE OXT HXT  sing N N 194 
LEU N   CA   sing N N 195 
LEU N   H    sing N N 196 
LEU N   H2   sing N N 197 
LEU CA  C    sing N N 198 
LEU CA  CB   sing N N 199 
LEU CA  HA   sing N N 200 
LEU C   O    doub N N 201 
LEU C   OXT  sing N N 202 
LEU CB  CG   sing N N 203 
LEU CB  HB2  sing N N 204 
LEU CB  HB3  sing N N 205 
LEU CG  CD1  sing N N 206 
LEU CG  CD2  sing N N 207 
LEU CG  HG   sing N N 208 
LEU CD1 HD11 sing N N 209 
LEU CD1 HD12 sing N N 210 
LEU CD1 HD13 sing N N 211 
LEU CD2 HD21 sing N N 212 
LEU CD2 HD22 sing N N 213 
LEU CD2 HD23 sing N N 214 
LEU OXT HXT  sing N N 215 
LF0 C25 C23  sing N N 216 
LF0 C26 C23  sing N N 217 
LF0 C23 C24  sing N N 218 
LF0 C23 O22  sing N N 219 
LF0 C15 C16  doub Y N 220 
LF0 C15 C14  sing Y N 221 
LF0 C8  C9   doub Y N 222 
LF0 C8  C7   sing Y N 223 
LF0 C16 C5   sing Y N 224 
LF0 C9  C10  sing Y N 225 
LF0 C14 C13  doub Y N 226 
LF0 C5  N1   doub Y N 227 
LF0 C5  C6   sing Y N 228 
LF0 O22 C18  sing N N 229 
LF0 C13 C6   sing Y N 230 
LF0 N1  C3   sing Y N 231 
LF0 C6  C1   doub Y N 232 
LF0 C3  C17  sing N N 233 
LF0 C3  C2   doub Y N 234 
LF0 C1  C2   sing Y N 235 
LF0 C1  C7   sing N N 236 
LF0 C2  C18  sing N N 237 
LF0 C7  C12  doub Y N 238 
LF0 C18 C19  sing N N 239 
LF0 C10 O27  sing N N 240 
LF0 C10 C11  doub Y N 241 
LF0 O27 C4   sing N N 242 
LF0 C12 C11  sing Y N 243 
LF0 C11 C21  sing N N 244 
LF0 C19 O21  doub N N 245 
LF0 C19 O20  sing N N 246 
LF0 C4  C20  sing N N 247 
LF0 C20 C21  sing N N 248 
LF0 C8  H1   sing N N 249 
LF0 C9  H2   sing N N 250 
LF0 C12 H3   sing N N 251 
LF0 C13 H4   sing N N 252 
LF0 C14 H5   sing N N 253 
LF0 C15 H6   sing N N 254 
LF0 C16 H7   sing N N 255 
LF0 C17 H8   sing N N 256 
LF0 C17 H9   sing N N 257 
LF0 C17 H10  sing N N 258 
LF0 C18 H11  sing N N 259 
LF0 O20 H12  sing N N 260 
LF0 C24 H13  sing N N 261 
LF0 C24 H14  sing N N 262 
LF0 C24 H15  sing N N 263 
LF0 C25 H16  sing N N 264 
LF0 C25 H17  sing N N 265 
LF0 C25 H18  sing N N 266 
LF0 C26 H19  sing N N 267 
LF0 C26 H20  sing N N 268 
LF0 C26 H21  sing N N 269 
LF0 C4  H22  sing N N 270 
LF0 C4  H23  sing N N 271 
LF0 C20 H24  sing N N 272 
LF0 C20 H25  sing N N 273 
LF0 C21 H26  sing N N 274 
LF0 C21 H27  sing N N 275 
LYS N   CA   sing N N 276 
LYS N   H    sing N N 277 
LYS N   H2   sing N N 278 
LYS CA  C    sing N N 279 
LYS CA  CB   sing N N 280 
LYS CA  HA   sing N N 281 
LYS C   O    doub N N 282 
LYS C   OXT  sing N N 283 
LYS CB  CG   sing N N 284 
LYS CB  HB2  sing N N 285 
LYS CB  HB3  sing N N 286 
LYS CG  CD   sing N N 287 
LYS CG  HG2  sing N N 288 
LYS CG  HG3  sing N N 289 
LYS CD  CE   sing N N 290 
LYS CD  HD2  sing N N 291 
LYS CD  HD3  sing N N 292 
LYS CE  NZ   sing N N 293 
LYS CE  HE2  sing N N 294 
LYS CE  HE3  sing N N 295 
LYS NZ  HZ1  sing N N 296 
LYS NZ  HZ2  sing N N 297 
LYS NZ  HZ3  sing N N 298 
LYS OXT HXT  sing N N 299 
MET N   CA   sing N N 300 
MET N   H    sing N N 301 
MET N   H2   sing N N 302 
MET CA  C    sing N N 303 
MET CA  CB   sing N N 304 
MET CA  HA   sing N N 305 
MET C   O    doub N N 306 
MET C   OXT  sing N N 307 
MET CB  CG   sing N N 308 
MET CB  HB2  sing N N 309 
MET CB  HB3  sing N N 310 
MET CG  SD   sing N N 311 
MET CG  HG2  sing N N 312 
MET CG  HG3  sing N N 313 
MET SD  CE   sing N N 314 
MET CE  HE1  sing N N 315 
MET CE  HE2  sing N N 316 
MET CE  HE3  sing N N 317 
MET OXT HXT  sing N N 318 
PHE N   CA   sing N N 319 
PHE N   H    sing N N 320 
PHE N   H2   sing N N 321 
PHE CA  C    sing N N 322 
PHE CA  CB   sing N N 323 
PHE CA  HA   sing N N 324 
PHE C   O    doub N N 325 
PHE C   OXT  sing N N 326 
PHE CB  CG   sing N N 327 
PHE CB  HB2  sing N N 328 
PHE CB  HB3  sing N N 329 
PHE CG  CD1  doub Y N 330 
PHE CG  CD2  sing Y N 331 
PHE CD1 CE1  sing Y N 332 
PHE CD1 HD1  sing N N 333 
PHE CD2 CE2  doub Y N 334 
PHE CD2 HD2  sing N N 335 
PHE CE1 CZ   doub Y N 336 
PHE CE1 HE1  sing N N 337 
PHE CE2 CZ   sing Y N 338 
PHE CE2 HE2  sing N N 339 
PHE CZ  HZ   sing N N 340 
PHE OXT HXT  sing N N 341 
PRO N   CA   sing N N 342 
PRO N   CD   sing N N 343 
PRO N   H    sing N N 344 
PRO CA  C    sing N N 345 
PRO CA  CB   sing N N 346 
PRO CA  HA   sing N N 347 
PRO C   O    doub N N 348 
PRO C   OXT  sing N N 349 
PRO CB  CG   sing N N 350 
PRO CB  HB2  sing N N 351 
PRO CB  HB3  sing N N 352 
PRO CG  CD   sing N N 353 
PRO CG  HG2  sing N N 354 
PRO CG  HG3  sing N N 355 
PRO CD  HD2  sing N N 356 
PRO CD  HD3  sing N N 357 
PRO OXT HXT  sing N N 358 
SER N   CA   sing N N 359 
SER N   H    sing N N 360 
SER N   H2   sing N N 361 
SER CA  C    sing N N 362 
SER CA  CB   sing N N 363 
SER CA  HA   sing N N 364 
SER C   O    doub N N 365 
SER C   OXT  sing N N 366 
SER CB  OG   sing N N 367 
SER CB  HB2  sing N N 368 
SER CB  HB3  sing N N 369 
SER OG  HG   sing N N 370 
SER OXT HXT  sing N N 371 
SO4 S   O1   doub N N 372 
SO4 S   O2   doub N N 373 
SO4 S   O3   sing N N 374 
SO4 S   O4   sing N N 375 
THR N   CA   sing N N 376 
THR N   H    sing N N 377 
THR N   H2   sing N N 378 
THR CA  C    sing N N 379 
THR CA  CB   sing N N 380 
THR CA  HA   sing N N 381 
THR C   O    doub N N 382 
THR C   OXT  sing N N 383 
THR CB  OG1  sing N N 384 
THR CB  CG2  sing N N 385 
THR CB  HB   sing N N 386 
THR OG1 HG1  sing N N 387 
THR CG2 HG21 sing N N 388 
THR CG2 HG22 sing N N 389 
THR CG2 HG23 sing N N 390 
THR OXT HXT  sing N N 391 
TRP N   CA   sing N N 392 
TRP N   H    sing N N 393 
TRP N   H2   sing N N 394 
TRP CA  C    sing N N 395 
TRP CA  CB   sing N N 396 
TRP CA  HA   sing N N 397 
TRP C   O    doub N N 398 
TRP C   OXT  sing N N 399 
TRP CB  CG   sing N N 400 
TRP CB  HB2  sing N N 401 
TRP CB  HB3  sing N N 402 
TRP CG  CD1  doub Y N 403 
TRP CG  CD2  sing Y N 404 
TRP CD1 NE1  sing Y N 405 
TRP CD1 HD1  sing N N 406 
TRP CD2 CE2  doub Y N 407 
TRP CD2 CE3  sing Y N 408 
TRP NE1 CE2  sing Y N 409 
TRP NE1 HE1  sing N N 410 
TRP CE2 CZ2  sing Y N 411 
TRP CE3 CZ3  doub Y N 412 
TRP CE3 HE3  sing N N 413 
TRP CZ2 CH2  doub Y N 414 
TRP CZ2 HZ2  sing N N 415 
TRP CZ3 CH2  sing Y N 416 
TRP CZ3 HZ3  sing N N 417 
TRP CH2 HH2  sing N N 418 
TRP OXT HXT  sing N N 419 
TYR N   CA   sing N N 420 
TYR N   H    sing N N 421 
TYR N   H2   sing N N 422 
TYR CA  C    sing N N 423 
TYR CA  CB   sing N N 424 
TYR CA  HA   sing N N 425 
TYR C   O    doub N N 426 
TYR C   OXT  sing N N 427 
TYR CB  CG   sing N N 428 
TYR CB  HB2  sing N N 429 
TYR CB  HB3  sing N N 430 
TYR CG  CD1  doub Y N 431 
TYR CG  CD2  sing Y N 432 
TYR CD1 CE1  sing Y N 433 
TYR CD1 HD1  sing N N 434 
TYR CD2 CE2  doub Y N 435 
TYR CD2 HD2  sing N N 436 
TYR CE1 CZ   doub Y N 437 
TYR CE1 HE1  sing N N 438 
TYR CE2 CZ   sing Y N 439 
TYR CE2 HE2  sing N N 440 
TYR CZ  OH   sing N N 441 
TYR OH  HH   sing N N 442 
TYR OXT HXT  sing N N 443 
VAL N   CA   sing N N 444 
VAL N   H    sing N N 445 
VAL N   H2   sing N N 446 
VAL CA  C    sing N N 447 
VAL CA  CB   sing N N 448 
VAL CA  HA   sing N N 449 
VAL C   O    doub N N 450 
VAL C   OXT  sing N N 451 
VAL CB  CG1  sing N N 452 
VAL CB  CG2  sing N N 453 
VAL CB  HB   sing N N 454 
VAL CG1 HG11 sing N N 455 
VAL CG1 HG12 sing N N 456 
VAL CG1 HG13 sing N N 457 
VAL CG2 HG21 sing N N 458 
VAL CG2 HG22 sing N N 459 
VAL CG2 HG23 sing N N 460 
VAL OXT HXT  sing N N 461 
# 
_pdbx_initial_refinement_model.id               1 
_pdbx_initial_refinement_model.entity_id_list   ? 
_pdbx_initial_refinement_model.type             'experimental model' 
_pdbx_initial_refinement_model.source_name      PDB 
_pdbx_initial_refinement_model.accession_code   1ITG 
_pdbx_initial_refinement_model.details          'PDB ENTRY 1ITG' 
# 
_atom_sites.entry_id                    4ID1 
_atom_sites.fract_transf_matrix[1][1]   0.01013671 
_atom_sites.fract_transf_matrix[1][2]   -0.01230123 
_atom_sites.fract_transf_matrix[1][3]   -0.00118317 
_atom_sites.fract_transf_matrix[2][1]   -0.00344420 
_atom_sites.fract_transf_matrix[2][2]   -0.01229838 
_atom_sites.fract_transf_matrix[2][3]   -0.00961122 
_atom_sites.fract_transf_matrix[3][1]   0.00708435 
_atom_sites.fract_transf_matrix[3][2]   0.00693555 
_atom_sites.fract_transf_matrix[3][3]   -0.01141333 
_atom_sites.fract_transf_vector[1]      0.425474 
_atom_sites.fract_transf_vector[2]      -0.086518 
_atom_sites.fract_transf_vector[3]      0.211460 
# 
loop_
_atom_type.symbol 
AS 
C  
N  
O  
S  
# 
loop_
_atom_site.group_PDB 
_atom_site.id 
_atom_site.type_symbol 
_atom_site.label_atom_id 
_atom_site.label_alt_id 
_atom_site.label_comp_id 
_atom_site.label_asym_id 
_atom_site.label_entity_id 
_atom_site.label_seq_id 
_atom_site.pdbx_PDB_ins_code 
_atom_site.Cartn_x 
_atom_site.Cartn_y 
_atom_site.Cartn_z 
_atom_site.occupancy 
_atom_site.B_iso_or_equiv 
_atom_site.pdbx_formal_charge 
_atom_site.auth_seq_id 
_atom_site.auth_comp_id 
_atom_site.auth_asym_id 
_atom_site.auth_atom_id 
_atom_site.pdbx_PDB_model_num 
ATOM   1    N  N   . CYS A 1 7   ? -13.441 10.547  2.218   1.00 52.55  ? 56  CYS A N   1 
ATOM   2    C  CA  . CYS A 1 7   ? -12.003 10.637  2.578   1.00 52.39  ? 56  CYS A CA  1 
ATOM   3    C  C   . CYS A 1 7   ? -11.217 11.157  1.360   1.00 50.65  ? 56  CYS A C   1 
ATOM   4    O  O   . CYS A 1 7   ? -11.566 10.841  0.217   1.00 50.78  ? 56  CYS A O   1 
ATOM   5    C  CB  . CYS A 1 7   ? -11.509 9.268   3.034   1.00 52.82  ? 56  CYS A CB  1 
ATOM   6    S  SG  . CYS A 1 7   ? -9.721  9.076   2.946   1.00 58.09  ? 56  CYS A SG  1 
ATOM   7    N  N   . SER A 1 8   ? -10.178 11.965  1.588   1.00 48.29  ? 57  SER A N   1 
ATOM   8    C  CA  . SER A 1 8   ? -9.469  12.593  0.461   1.00 45.57  ? 57  SER A CA  1 
ATOM   9    C  C   . SER A 1 8   ? -8.885  11.526  -0.479  1.00 42.66  ? 57  SER A C   1 
ATOM   10   O  O   . SER A 1 8   ? -8.393  10.519  -0.006  1.00 42.77  ? 57  SER A O   1 
ATOM   11   C  CB  . SER A 1 8   ? -8.373  13.545  0.948   1.00 45.87  ? 57  SER A CB  1 
ATOM   12   O  OG  . SER A 1 8   ? -7.432  13.823  -0.085  1.00 47.20  ? 57  SER A OG  1 
ATOM   13   N  N   . PRO A 1 9   ? -8.973  11.746  -1.803  1.00 40.09  ? 58  PRO A N   1 
ATOM   14   C  CA  . PRO A 1 9   ? -8.475  10.794  -2.820  1.00 37.95  ? 58  PRO A CA  1 
ATOM   15   C  C   . PRO A 1 9   ? -6.934  10.705  -2.856  1.00 35.68  ? 58  PRO A C   1 
ATOM   16   O  O   . PRO A 1 9   ? -6.390  9.800   -3.502  1.00 34.38  ? 58  PRO A O   1 
ATOM   17   C  CB  . PRO A 1 9   ? -8.961  11.399  -4.145  1.00 37.45  ? 58  PRO A CB  1 
ATOM   18   C  CG  . PRO A 1 9   ? -9.786  12.575  -3.803  1.00 40.40  ? 58  PRO A CG  1 
ATOM   19   C  CD  . PRO A 1 9   ? -9.443  13.002  -2.425  1.00 40.46  ? 58  PRO A CD  1 
ATOM   20   N  N   . GLY A 1 10  ? -6.270  11.639  -2.174  1.00 33.07  ? 59  GLY A N   1 
ATOM   21   C  CA  . GLY A 1 10  ? -4.806  11.735  -2.195  1.00 31.57  ? 59  GLY A CA  1 
ATOM   22   C  C   . GLY A 1 10  ? -4.140  11.079  -1.013  1.00 29.54  ? 59  GLY A C   1 
ATOM   23   O  O   . GLY A 1 10  ? -2.923  11.070  -0.952  1.00 28.17  ? 59  GLY A O   1 
ATOM   24   N  N   . ILE A 1 11  ? -4.942  10.528  -0.082  1.00 28.77  ? 60  ILE A N   1 
ATOM   25   C  CA  . ILE A 1 11  ? -4.428  9.879   1.139   1.00 28.48  ? 60  ILE A CA  1 
ATOM   26   C  C   . ILE A 1 11  ? -4.158  8.384   1.013   1.00 27.72  ? 60  ILE A C   1 
ATOM   27   O  O   . ILE A 1 11  ? -5.023  7.609   0.563   1.00 27.01  ? 60  ILE A O   1 
ATOM   28   C  CB  . ILE A 1 11  ? -5.417  10.026  2.356   1.00 29.44  ? 60  ILE A CB  1 
ATOM   29   C  CG1 . ILE A 1 11  ? -5.736  11.496  2.615   1.00 31.71  ? 60  ILE A CG1 1 
ATOM   30   C  CG2 . ILE A 1 11  ? -4.775  9.487   3.599   1.00 30.17  ? 60  ILE A CG2 1 
ATOM   31   C  CD1 . ILE A 1 11  ? -6.835  11.703  3.663   1.00 34.43  ? 60  ILE A CD1 1 
ATOM   32   N  N   . TRP A 1 12  ? -2.943  8.002   1.424   1.00 26.20  ? 61  TRP A N   1 
ATOM   33   C  CA  . TRP A 1 12  ? -2.494  6.618   1.468   1.00 25.21  ? 61  TRP A CA  1 
ATOM   34   C  C   . TRP A 1 12  ? -1.954  6.310   2.859   1.00 25.93  ? 61  TRP A C   1 
ATOM   35   O  O   . TRP A 1 12  ? -1.504  7.211   3.576   1.00 28.35  ? 61  TRP A O   1 
ATOM   36   C  CB  . TRP A 1 12  ? -1.363  6.406   0.457   1.00 23.77  ? 61  TRP A CB  1 
ATOM   37   C  CG  . TRP A 1 12  ? -1.817  6.519   -0.955  1.00 23.17  ? 61  TRP A CG  1 
ATOM   38   C  CD1 . TRP A 1 12  ? -2.098  7.662   -1.638  1.00 23.35  ? 61  TRP A CD1 1 
ATOM   39   C  CD2 . TRP A 1 12  ? -2.024  5.427   -1.873  1.00 24.29  ? 61  TRP A CD2 1 
ATOM   40   N  NE1 . TRP A 1 12  ? -2.520  7.352   -2.938  1.00 25.15  ? 61  TRP A NE1 1 
ATOM   41   C  CE2 . TRP A 1 12  ? -2.484  5.989   -3.099  1.00 25.33  ? 61  TRP A CE2 1 
ATOM   42   C  CE3 . TRP A 1 12  ? -1.899  4.024   -1.764  1.00 22.46  ? 61  TRP A CE3 1 
ATOM   43   C  CZ2 . TRP A 1 12  ? -2.820  5.204   -4.215  1.00 24.54  ? 61  TRP A CZ2 1 
ATOM   44   C  CZ3 . TRP A 1 12  ? -2.230  3.229   -2.892  1.00 22.33  ? 61  TRP A CZ3 1 
ATOM   45   C  CH2 . TRP A 1 12  ? -2.662  3.840   -4.108  1.00 20.87  ? 61  TRP A CH2 1 
ATOM   46   N  N   . GLN A 1 13  ? -1.979  5.031   3.195   1.00 25.07  ? 62  GLN A N   1 
ATOM   47   C  CA  . GLN A 1 13  ? -1.432  4.473   4.395   1.00 26.74  ? 62  GLN A CA  1 
ATOM   48   C  C   . GLN A 1 13  ? -0.329  3.503   3.976   1.00 26.86  ? 62  GLN A C   1 
ATOM   49   O  O   . GLN A 1 13  ? -0.502  2.725   3.046   1.00 28.07  ? 62  GLN A O   1 
ATOM   50   C  CB  . GLN A 1 13  ? -2.546  3.696   5.092   1.00 26.73  ? 62  GLN A CB  1 
ATOM   51   C  CG  . GLN A 1 13  ? -2.087  2.849   6.270   1.00 29.72  ? 62  GLN A CG  1 
ATOM   52   C  CD  . GLN A 1 13  ? -2.156  3.582   7.589   1.00 31.77  ? 62  GLN A CD  1 
ATOM   53   O  OE1 . GLN A 1 13  ? -2.771  4.649   7.684   1.00 31.54  ? 62  GLN A OE1 1 
ATOM   54   N  NE2 . GLN A 1 13  ? -1.539  2.990   8.633   1.00 29.16  ? 62  GLN A NE2 1 
ATOM   55   N  N   . LEU A 1 14  ? 0.795   3.530   4.665   1.00 26.55  ? 63  LEU A N   1 
ATOM   56   C  CA  . LEU A 1 14  ? 1.880   2.636   4.364   1.00 26.10  ? 63  LEU A CA  1 
ATOM   57   C  C   . LEU A 1 14  ? 2.420   2.026   5.643   1.00 26.46  ? 63  LEU A C   1 
ATOM   58   O  O   . LEU A 1 14  ? 2.737   2.762   6.595   1.00 24.87  ? 63  LEU A O   1 
ATOM   59   C  CB  . LEU A 1 14  ? 2.966   3.498   3.711   1.00 26.91  ? 63  LEU A CB  1 
ATOM   60   C  CG  . LEU A 1 14  ? 4.285   2.970   3.194   1.00 30.57  ? 63  LEU A CG  1 
ATOM   61   C  CD1 . LEU A 1 14  ? 4.807   3.941   2.090   1.00 29.72  ? 63  LEU A CD1 1 
ATOM   62   C  CD2 . LEU A 1 14  ? 5.266   2.964   4.322   1.00 37.30  ? 63  LEU A CD2 1 
ATOM   63   N  N   . ASP A 1 15  ? 2.545   0.694   5.654   1.00 25.46  ? 64  ASP A N   1 
ATOM   64   C  CA  . ASP A 1 15  ? 3.130   -0.020  6.797   1.00 27.42  ? 64  ASP A CA  1 
ATOM   65   C  C   . ASP A 1 15  ? 3.969   -1.147  6.277   1.00 26.79  ? 64  ASP A C   1 
ATOM   66   O  O   . ASP A 1 15  ? 3.620   -1.807  5.281   1.00 27.96  ? 64  ASP A O   1 
ATOM   67   C  CB  . ASP A 1 15  ? 2.047   -0.534  7.737   1.00 26.08  ? 64  ASP A CB  1 
ATOM   68   C  CG  . ASP A 1 15  ? 1.236   0.595   8.307   1.00 28.10  ? 64  ASP A CG  1 
ATOM   69   O  OD1 . ASP A 1 15  ? 1.713   1.278   9.245   1.00 30.39  ? 64  ASP A OD1 1 
ATOM   70   O  OD2 . ASP A 1 15  ? 0.171   0.895   7.745   1.00 32.30  ? 64  ASP A OD2 1 
HETATM 71   N  N   . CAF A 1 16  ? 4.739   -1.883  7.267   1.00 21.44  ? 65  CAF A N   1 
HETATM 72   C  CA  . CAF A 1 16  ? 5.382   -3.124  6.910   1.00 23.42  ? 65  CAF A CA  1 
HETATM 73   C  CB  . CAF A 1 16  ? 6.887   -3.173  7.054   1.00 24.46  ? 65  CAF A CB  1 
HETATM 74   C  C   . CAF A 1 16  ? 4.744   -4.142  7.831   1.00 25.56  ? 65  CAF A C   1 
HETATM 75   O  O   . CAF A 1 16  ? 4.491   -3.828  8.982   1.00 27.32  ? 65  CAF A O   1 
HETATM 76   S  SG  . CAF A 1 16  ? 7.719   -2.078  5.898   1.00 28.24  ? 65  CAF A SG  1 
HETATM 77   AS AS  . CAF A 1 16  ? 7.874   -0.194  7.055   1.00 33.24  ? 65  CAF A AS  1 
HETATM 78   C  CE1 . CAF A 1 16  ? 9.711   0.029   6.413   1.00 33.03  ? 65  CAF A CE1 1 
HETATM 79   O  O1  . CAF A 1 16  ? 6.997   0.917   5.965   1.00 37.99  ? 65  CAF A O1  1 
ATOM   80   N  N   . THR A 1 17  ? 4.425   -5.465  7.182   1.00 36.65  ? 66  THR A N   1 
ATOM   81   C  CA  . THR A 1 17  ? 4.245   -6.571  8.115   1.00 38.66  ? 66  THR A CA  1 
ATOM   82   C  C   . THR A 1 17  ? 5.340   -7.591  7.894   1.00 38.09  ? 66  THR A C   1 
ATOM   83   O  O   . THR A 1 17  ? 6.149   -7.474  6.961   1.00 38.66  ? 66  THR A O   1 
ATOM   84   C  CB  . THR A 1 17  ? 2.838   -7.228  7.984   1.00 39.26  ? 66  THR A CB  1 
ATOM   85   O  OG1 . THR A 1 17  ? 2.485   -7.354  6.599   1.00 40.01  ? 66  THR A OG1 1 
ATOM   86   C  CG2 . THR A 1 17  ? 1.807   -6.393  8.657   1.00 42.52  ? 66  THR A CG2 1 
ATOM   87   N  N   . HIS A 1 18  ? 5.373   -8.588  8.772   1.00 37.28  ? 67  HIS A N   1 
ATOM   88   C  CA  . HIS A 1 18  ? 6.401   -9.607  8.754   1.00 37.23  ? 67  HIS A CA  1 
ATOM   89   C  C   . HIS A 1 18  ? 5.759   -10.956 8.574   1.00 36.51  ? 67  HIS A C   1 
ATOM   90   O  O   . HIS A 1 18  ? 4.731   -11.232 9.157   1.00 36.98  ? 67  HIS A O   1 
ATOM   91   C  CB  . HIS A 1 18  ? 7.218   -9.536  10.037  1.00 38.13  ? 67  HIS A CB  1 
ATOM   92   C  CG  . HIS A 1 18  ? 7.860   -8.209  10.208  1.00 40.57  ? 67  HIS A CG  1 
ATOM   93   N  ND1 . HIS A 1 18  ? 7.156   -7.100  10.642  1.00 44.75  ? 67  HIS A ND1 1 
ATOM   94   C  CD2 . HIS A 1 18  ? 9.102   -7.779  9.897   1.00 42.02  ? 67  HIS A CD2 1 
ATOM   95   C  CE1 . HIS A 1 18  ? 7.959   -6.052  10.626  1.00 45.42  ? 67  HIS A CE1 1 
ATOM   96   N  NE2 . HIS A 1 18  ? 9.144   -6.440  10.181  1.00 44.49  ? 67  HIS A NE2 1 
ATOM   97   N  N   . LEU A 1 19  ? 6.339   -11.754 7.700   1.00 36.19  ? 68  LEU A N   1 
ATOM   98   C  CA  . LEU A 1 19  ? 5.844   -13.103 7.435   1.00 35.90  ? 68  LEU A CA  1 
ATOM   99   C  C   . LEU A 1 19  ? 7.021   -13.933 6.991   1.00 34.98  ? 68  LEU A C   1 
ATOM   100  O  O   . LEU A 1 19  ? 7.807   -13.521 6.132   1.00 34.21  ? 68  LEU A O   1 
ATOM   101  C  CB  . LEU A 1 19  ? 4.785   -13.081 6.338   1.00 36.39  ? 68  LEU A CB  1 
ATOM   102  C  CG  . LEU A 1 19  ? 3.553   -13.979 6.315   1.00 39.45  ? 68  LEU A CG  1 
ATOM   103  C  CD1 . LEU A 1 19  ? 2.802   -14.067 7.652   1.00 38.50  ? 68  LEU A CD1 1 
ATOM   104  C  CD2 . LEU A 1 19  ? 2.598   -13.466 5.235   1.00 37.36  ? 68  LEU A CD2 1 
ATOM   105  N  N   . GLU A 1 20  ? 7.176   -15.103 7.607   1.00 35.13  ? 69  GLU A N   1 
ATOM   106  C  CA  . GLU A 1 20  ? 8.245   -16.026 7.224   1.00 34.56  ? 69  GLU A CA  1 
ATOM   107  C  C   . GLU A 1 20  ? 9.606   -15.378 7.290   1.00 34.04  ? 69  GLU A C   1 
ATOM   108  O  O   . GLU A 1 20  ? 10.481  -15.699 6.511   1.00 33.22  ? 69  GLU A O   1 
ATOM   109  C  CB  . GLU A 1 20  ? 7.988   -16.600 5.813   1.00 34.45  ? 69  GLU A CB  1 
ATOM   110  C  CG  . GLU A 1 20  ? 6.586   -17.184 5.647   1.00 35.28  ? 69  GLU A CG  1 
ATOM   111  C  CD  . GLU A 1 20  ? 6.329   -17.754 4.244   1.00 34.34  ? 69  GLU A CD  1 
ATOM   112  O  OE1 . GLU A 1 20  ? 7.267   -17.819 3.418   1.00 36.72  ? 69  GLU A OE1 1 
ATOM   113  O  OE2 . GLU A 1 20  ? 5.192   -18.167 4.008   1.00 36.25  ? 69  GLU A OE2 1 
ATOM   114  N  N   . GLY A 1 21  ? 9.793   -14.463 8.233   1.00 34.89  ? 70  GLY A N   1 
ATOM   115  C  CA  . GLY A 1 21  ? 11.083  -13.785 8.390   1.00 35.72  ? 70  GLY A CA  1 
ATOM   116  C  C   . GLY A 1 21  ? 11.386  -12.766 7.308   1.00 35.95  ? 70  GLY A C   1 
ATOM   117  O  O   . GLY A 1 21  ? 12.501  -12.225 7.247   1.00 37.62  ? 70  GLY A O   1 
ATOM   118  N  N   . LYS A 1 22  ? 10.407  -12.510 6.430   1.00 34.08  ? 71  LYS A N   1 
ATOM   119  C  CA  . LYS A 1 22  ? 10.573  -11.471 5.375   1.00 31.87  ? 71  LYS A CA  1 
ATOM   120  C  C   . LYS A 1 22  ? 9.702   -10.256 5.682   1.00 29.52  ? 71  LYS A C   1 
ATOM   121  O  O   . LYS A 1 22  ? 8.914   -10.279 6.604   1.00 27.54  ? 71  LYS A O   1 
ATOM   122  C  CB  . LYS A 1 22  ? 10.275  -12.037 3.978   1.00 32.87  ? 71  LYS A CB  1 
ATOM   123  C  CG  . LYS A 1 22  ? 11.416  -12.927 3.423   1.00 36.19  ? 71  LYS A CG  1 
ATOM   124  C  CD  . LYS A 1 22  ? 11.001  -13.628 2.137   1.00 39.38  ? 71  LYS A CD  1 
ATOM   125  C  CE  . LYS A 1 22  ? 12.024  -14.667 1.757   1.00 41.80  ? 71  LYS A CE  1 
ATOM   126  N  NZ  . LYS A 1 22  ? 11.947  -15.827 2.713   1.00 44.45  ? 71  LYS A NZ  1 
ATOM   127  N  N   . VAL A 1 23  ? 9.846   -9.176  4.899   1.00 28.18  ? 72  VAL A N   1 
ATOM   128  C  CA  . VAL A 1 23  ? 9.187   -7.919  5.205   1.00 26.67  ? 72  VAL A CA  1 
ATOM   129  C  C   . VAL A 1 23  ? 8.228   -7.569  4.053   1.00 25.92  ? 72  VAL A C   1 
ATOM   130  O  O   . VAL A 1 23  ? 8.636   -7.559  2.924   1.00 25.64  ? 72  VAL A O   1 
ATOM   131  C  CB  . VAL A 1 23  ? 10.260  -6.790  5.396   1.00 27.19  ? 72  VAL A CB  1 
ATOM   132  C  CG1 . VAL A 1 23  ? 9.627   -5.435  5.584   1.00 27.56  ? 72  VAL A CG1 1 
ATOM   133  C  CG2 . VAL A 1 23  ? 11.169  -7.126  6.631   1.00 28.94  ? 72  VAL A CG2 1 
ATOM   134  N  N   . ILE A 1 24  ? 6.970   -7.283  4.356   1.00 26.11  ? 73  ILE A N   1 
ATOM   135  C  CA  . ILE A 1 24  ? 6.043   -6.908  3.311   1.00 26.01  ? 73  ILE A CA  1 
ATOM   136  C  C   . ILE A 1 24  ? 5.650   -5.468  3.516   1.00 25.39  ? 73  ILE A C   1 
ATOM   137  O  O   . ILE A 1 24  ? 5.074   -5.101  4.564   1.00 26.01  ? 73  ILE A O   1 
ATOM   138  C  CB  . ILE A 1 24  ? 4.792   -7.843  3.271   1.00 25.75  ? 73  ILE A CB  1 
ATOM   139  C  CG1 . ILE A 1 24  ? 5.219   -9.317  3.245   1.00 27.15  ? 73  ILE A CG1 1 
ATOM   140  C  CG2 . ILE A 1 24  ? 3.876   -7.473  2.079   1.00 25.76  ? 73  ILE A CG2 1 
ATOM   141  C  CD1 . ILE A 1 24  ? 4.054   -10.290 3.687   1.00 29.05  ? 73  ILE A CD1 1 
ATOM   142  N  N   . LEU A 1 25  ? 5.959   -4.643  2.518   1.00 24.93  ? 74  LEU A N   1 
ATOM   143  C  CA  . LEU A 1 25  ? 5.548   -3.248  2.547   1.00 25.44  ? 74  LEU A CA  1 
ATOM   144  C  C   . LEU A 1 25  ? 4.170   -3.185  1.908   1.00 25.94  ? 74  LEU A C   1 
ATOM   145  O  O   . LEU A 1 25  ? 4.015   -3.624  0.765   1.00 25.41  ? 74  LEU A O   1 
ATOM   146  C  CB  . LEU A 1 25  ? 6.562   -2.391  1.781   1.00 27.22  ? 74  LEU A CB  1 
ATOM   147  C  CG  . LEU A 1 25  ? 6.440   -0.863  1.934   1.00 33.52  ? 74  LEU A CG  1 
ATOM   148  C  CD1 . LEU A 1 25  ? 5.928   -0.507  3.293   1.00 37.20  ? 74  LEU A CD1 1 
ATOM   149  C  CD2 . LEU A 1 25  ? 7.770   -0.211  1.716   1.00 32.75  ? 74  LEU A CD2 1 
ATOM   150  N  N   . VAL A 1 26  ? 3.176   -2.655  2.634   1.00 23.20  ? 75  VAL A N   1 
ATOM   151  C  CA  . VAL A 1 26  ? 1.790   -2.601  2.145   1.00 24.34  ? 75  VAL A CA  1 
ATOM   152  C  C   . VAL A 1 26  ? 1.313   -1.180  2.075   1.00 23.66  ? 75  VAL A C   1 
ATOM   153  O  O   . VAL A 1 26  ? 1.362   -0.455  3.085   1.00 24.53  ? 75  VAL A O   1 
ATOM   154  C  CB  . VAL A 1 26  ? 0.824   -3.420  3.052   1.00 24.67  ? 75  VAL A CB  1 
ATOM   155  C  CG1 . VAL A 1 26  ? -0.595  -3.405  2.485   1.00 27.19  ? 75  VAL A CG1 1 
ATOM   156  C  CG2 . VAL A 1 26  ? 1.357   -4.822  3.244   1.00 27.09  ? 75  VAL A CG2 1 
ATOM   157  N  N   . ALA A 1 27  ? 0.873   -0.741  0.885   1.00 21.27  ? 76  ALA A N   1 
ATOM   158  C  CA  . ALA A 1 27  ? 0.282   0.586   0.763   1.00 22.81  ? 76  ALA A CA  1 
ATOM   159  C  C   . ALA A 1 27  ? -1.225  0.408   0.516   1.00 24.35  ? 76  ALA A C   1 
ATOM   160  O  O   . ALA A 1 27  ? -1.629  -0.477  -0.281  1.00 24.01  ? 76  ALA A O   1 
ATOM   161  C  CB  . ALA A 1 27  ? 0.889   1.331   -0.360  1.00 22.41  ? 76  ALA A CB  1 
ATOM   162  N  N   . VAL A 1 28  ? -2.032  1.222   1.199   1.00 22.66  ? 77  VAL A N   1 
ATOM   163  C  CA  . VAL A 1 28  ? -3.488  1.208   1.043   1.00 24.31  ? 77  VAL A CA  1 
ATOM   164  C  C   . VAL A 1 28  ? -3.978  2.571   0.654   1.00 23.70  ? 77  VAL A C   1 
ATOM   165  O  O   . VAL A 1 28  ? -3.603  3.568   1.270   1.00 23.70  ? 77  VAL A O   1 
ATOM   166  C  CB  . VAL A 1 28  ? -4.215  0.774   2.355   1.00 24.11  ? 77  VAL A CB  1 
ATOM   167  C  CG1 . VAL A 1 28  ? -5.746  0.607   2.054   1.00 25.70  ? 77  VAL A CG1 1 
ATOM   168  C  CG2 . VAL A 1 28  ? -3.644  -0.524  2.873   1.00 25.76  ? 77  VAL A CG2 1 
ATOM   169  N  N   . HIS A 1 29  ? -4.788  2.644   -0.411  1.00 23.29  ? 78  HIS A N   1 
ATOM   170  C  CA  . HIS A 1 29  ? -5.410  3.875   -0.795  1.00 24.48  ? 78  HIS A CA  1 
ATOM   171  C  C   . HIS A 1 29  ? -6.659  3.988   0.085   1.00 27.22  ? 78  HIS A C   1 
ATOM   172  O  O   . HIS A 1 29  ? -7.628  3.196   -0.086  1.00 27.74  ? 78  HIS A O   1 
ATOM   173  C  CB  . HIS A 1 29  ? -5.871  3.814   -2.248  1.00 23.69  ? 78  HIS A CB  1 
ATOM   174  C  CG  . HIS A 1 29  ? -6.525  5.070   -2.704  1.00 26.19  ? 78  HIS A CG  1 
ATOM   175  N  ND1 . HIS A 1 29  ? -7.836  5.108   -3.135  1.00 28.69  ? 78  HIS A ND1 1 
ATOM   176  C  CD2 . HIS A 1 29  ? -6.079  6.344   -2.741  1.00 27.53  ? 78  HIS A CD2 1 
ATOM   177  C  CE1 . HIS A 1 29  ? -8.145  6.344   -3.479  1.00 26.96  ? 78  HIS A CE1 1 
ATOM   178  N  NE2 . HIS A 1 29  ? -7.101  7.115   -3.242  1.00 28.26  ? 78  HIS A NE2 1 
ATOM   179  N  N   . VAL A 1 30  ? -6.627  4.914   1.038   1.00 28.20  ? 79  VAL A N   1 
ATOM   180  C  CA  . VAL A 1 30  ? -7.605  4.875   2.126   1.00 30.74  ? 79  VAL A CA  1 
ATOM   181  C  C   . VAL A 1 30  ? -9.069  4.938   1.615   1.00 31.51  ? 79  VAL A C   1 
ATOM   182  O  O   . VAL A 1 30  ? -9.927  4.162   2.068   1.00 32.74  ? 79  VAL A O   1 
ATOM   183  C  CB  . VAL A 1 30  ? -7.295  5.962   3.183   1.00 30.40  ? 79  VAL A CB  1 
ATOM   184  C  CG1 . VAL A 1 30  ? -8.465  6.040   4.247   1.00 34.69  ? 79  VAL A CG1 1 
ATOM   185  C  CG2 . VAL A 1 30  ? -5.951  5.656   3.843   1.00 32.85  ? 79  VAL A CG2 1 
ATOM   186  N  N   . ALA A 1 31  ? -9.330  5.848   0.686   1.00 32.44  ? 80  ALA A N   1 
ATOM   187  C  CA  . ALA A 1 31  ? -10.687 6.066   0.146   1.00 33.05  ? 80  ALA A CA  1 
ATOM   188  C  C   . ALA A 1 31  ? -11.312 4.849   -0.546  1.00 33.55  ? 80  ALA A C   1 
ATOM   189  O  O   . ALA A 1 31  ? -12.529 4.642   -0.458  1.00 32.68  ? 80  ALA A O   1 
ATOM   190  C  CB  . ALA A 1 31  ? -10.691 7.272   -0.803  1.00 33.38  ? 80  ALA A CB  1 
ATOM   191  N  N   . SER A 1 32  ? -10.485 4.029   -1.207  1.00 32.20  ? 81  SER A N   1 
ATOM   192  C  CA  . SER A 1 32  ? -10.977 2.878   -1.969  1.00 31.46  ? 81  SER A CA  1 
ATOM   193  C  C   . SER A 1 32  ? -10.743 1.514   -1.369  1.00 31.58  ? 81  SER A C   1 
ATOM   194  O  O   . SER A 1 32  ? -11.491 0.581   -1.686  1.00 33.07  ? 81  SER A O   1 
ATOM   195  C  CB  . SER A 1 32  ? -10.344 2.895   -3.365  1.00 31.75  ? 81  SER A CB  1 
ATOM   196  O  OG  . SER A 1 32  ? -8.912  2.775   -3.234  1.00 28.31  ? 81  SER A OG  1 
ATOM   197  N  N   . GLY A 1 33  ? -9.708  1.351   -0.531  1.00 29.54  ? 82  GLY A N   1 
ATOM   198  C  CA  . GLY A 1 33  ? -9.314  0.040   -0.068  1.00 26.74  ? 82  GLY A CA  1 
ATOM   199  C  C   . GLY A 1 33  ? -8.338  -0.699  -1.007  1.00 26.75  ? 82  GLY A C   1 
ATOM   200  O  O   . GLY A 1 33  ? -7.976  -1.846  -0.738  1.00 27.06  ? 82  GLY A O   1 
ATOM   201  N  N   . TYR A 1 34  ? -7.942  -0.033  -2.097  1.00 25.33  ? 83  TYR A N   1 
ATOM   202  C  CA  . TYR A 1 34  ? -7.000  -0.616  -3.091  1.00 23.97  ? 83  TYR A CA  1 
ATOM   203  C  C   . TYR A 1 34  ? -5.644  -0.786  -2.391  1.00 23.14  ? 83  TYR A C   1 
ATOM   204  O  O   . TYR A 1 34  ? -5.203  0.114   -1.654  1.00 22.19  ? 83  TYR A O   1 
ATOM   205  C  CB  . TYR A 1 34  ? -6.896  0.309   -4.313  1.00 25.03  ? 83  TYR A CB  1 
ATOM   206  C  CG  . TYR A 1 34  ? -5.643  0.080   -5.159  1.00 23.96  ? 83  TYR A CG  1 
ATOM   207  C  CD1 . TYR A 1 34  ? -4.452  0.740   -4.822  1.00 23.10  ? 83  TYR A CD1 1 
ATOM   208  C  CD2 . TYR A 1 34  ? -5.662  -0.761  -6.288  1.00 28.00  ? 83  TYR A CD2 1 
ATOM   209  C  CE1 . TYR A 1 34  ? -3.277  0.568   -5.596  1.00 26.00  ? 83  TYR A CE1 1 
ATOM   210  C  CE2 . TYR A 1 34  ? -4.483  -0.960  -7.060  1.00 27.31  ? 83  TYR A CE2 1 
ATOM   211  C  CZ  . TYR A 1 34  ? -3.306  -0.263  -6.689  1.00 27.96  ? 83  TYR A CZ  1 
ATOM   212  O  OH  . TYR A 1 34  ? -2.109  -0.416  -7.348  1.00 29.94  ? 83  TYR A OH  1 
ATOM   213  N  N   . ILE A 1 35  ? -4.959  -1.886  -2.664  1.00 21.98  ? 84  ILE A N   1 
ATOM   214  C  CA  . ILE A 1 35  ? -3.648  -2.102  -2.109  1.00 23.43  ? 84  ILE A CA  1 
ATOM   215  C  C   . ILE A 1 35  ? -2.574  -2.270  -3.185  1.00 23.63  ? 84  ILE A C   1 
ATOM   216  O  O   . ILE A 1 35  ? -2.834  -2.830  -4.257  1.00 22.12  ? 84  ILE A O   1 
ATOM   217  C  CB  . ILE A 1 35  ? -3.688  -3.390  -1.262  1.00 23.20  ? 84  ILE A CB  1 
ATOM   218  C  CG1 . ILE A 1 35  ? -4.502  -3.184  0.032   1.00 26.64  ? 84  ILE A CG1 1 
ATOM   219  C  CG2 . ILE A 1 35  ? -2.308  -3.927  -0.903  1.00 28.70  ? 84  ILE A CG2 1 
ATOM   220  C  CD1 . ILE A 1 35  ? -4.805  -4.627  0.681   1.00 27.71  ? 84  ILE A CD1 1 
ATOM   221  N  N   . GLU A 1 36  ? -1.368  -1.799  -2.873  1.00 23.43  ? 85  GLU A N   1 
ATOM   222  C  CA  . GLU A 1 36  ? -0.200  -2.352  -3.551  1.00 24.79  ? 85  GLU A CA  1 
ATOM   223  C  C   . GLU A 1 36  ? 0.882   -2.755  -2.574  1.00 25.37  ? 85  GLU A C   1 
ATOM   224  O  O   . GLU A 1 36  ? 0.955   -2.202  -1.476  1.00 24.68  ? 85  GLU A O   1 
ATOM   225  C  CB  . GLU A 1 36  ? 0.252   -1.537  -4.770  1.00 25.91  ? 85  GLU A CB  1 
ATOM   226  C  CG  . GLU A 1 36  ? 0.431   -0.119  -4.585  1.00 29.71  ? 85  GLU A CG  1 
ATOM   227  C  CD  . GLU A 1 36  ? 0.900   0.560   -5.875  1.00 28.90  ? 85  GLU A CD  1 
ATOM   228  O  OE1 . GLU A 1 36  ? 2.101   0.750   -5.987  1.00 29.64  ? 85  GLU A OE1 1 
ATOM   229  O  OE2 . GLU A 1 36  ? 0.079   0.927   -6.739  1.00 27.54  ? 85  GLU A OE2 1 
ATOM   230  N  N   . ALA A 1 37  ? 1.619   -3.825  -2.890  1.00 25.13  ? 86  ALA A N   1 
ATOM   231  C  CA  . ALA A 1 37  ? 2.612   -4.345  -1.933  1.00 25.54  ? 86  ALA A CA  1 
ATOM   232  C  C   . ALA A 1 37  ? 3.878   -4.834  -2.618  1.00 26.55  ? 86  ALA A C   1 
ATOM   233  O  O   . ALA A 1 37  ? 3.891   -5.123  -3.803  1.00 25.53  ? 86  ALA A O   1 
ATOM   234  C  CB  . ALA A 1 37  ? 2.027   -5.487  -1.124  1.00 25.38  ? 86  ALA A CB  1 
ATOM   235  N  N   . GLU A 1 38  ? 4.947   -4.994  -1.831  1.00 26.91  ? 87  GLU A N   1 
ATOM   236  C  CA  . GLU A 1 38  ? 6.192   -5.532  -2.371  1.00 27.89  ? 87  GLU A CA  1 
ATOM   237  C  C   . GLU A 1 38  ? 6.823   -6.254  -1.190  1.00 27.74  ? 87  GLU A C   1 
ATOM   238  O  O   . GLU A 1 38  ? 6.647   -5.811  -0.026  1.00 26.13  ? 87  GLU A O   1 
ATOM   239  C  CB  . GLU A 1 38  ? 7.072   -4.343  -2.767  1.00 28.98  ? 87  GLU A CB  1 
ATOM   240  C  CG  . GLU A 1 38  ? 8.123   -4.579  -3.840  1.00 35.70  ? 87  GLU A CG  1 
ATOM   241  C  CD  . GLU A 1 38  ? 7.556   -4.715  -5.264  1.00 39.32  ? 87  GLU A CD  1 
ATOM   242  O  OE1 . GLU A 1 38  ? 6.857   -3.793  -5.779  1.00 43.64  ? 87  GLU A OE1 1 
ATOM   243  O  OE2 . GLU A 1 38  ? 7.860   -5.743  -5.870  1.00 37.02  ? 87  GLU A OE2 1 
ATOM   244  N  N   . VAL A 1 39  ? 7.584   -7.312  -1.456  1.00 27.44  ? 88  VAL A N   1 
ATOM   245  C  CA  . VAL A 1 39  ? 8.387   -7.946  -0.390  1.00 28.40  ? 88  VAL A CA  1 
ATOM   246  C  C   . VAL A 1 39  ? 9.748   -7.302  -0.505  1.00 30.02  ? 88  VAL A C   1 
ATOM   247  O  O   . VAL A 1 39  ? 10.362  -7.288  -1.589  1.00 29.63  ? 88  VAL A O   1 
ATOM   248  C  CB  . VAL A 1 39  ? 8.515   -9.494  -0.560  1.00 28.80  ? 88  VAL A CB  1 
ATOM   249  C  CG1 . VAL A 1 39  ? 9.628   -10.039 0.344   1.00 28.33  ? 88  VAL A CG1 1 
ATOM   250  C  CG2 . VAL A 1 39  ? 7.206   -10.166 -0.264  1.00 27.95  ? 88  VAL A CG2 1 
ATOM   251  N  N   . ILE A 1 40  ? 10.222  -6.742  0.599   1.00 30.92  ? 89  ILE A N   1 
ATOM   252  C  CA  . ILE A 1 40  ? 11.447  -5.947  0.527   1.00 33.50  ? 89  ILE A CA  1 
ATOM   253  C  C   . ILE A 1 40  ? 12.543  -6.640  1.299   1.00 35.46  ? 89  ILE A C   1 
ATOM   254  O  O   . ILE A 1 40  ? 12.255  -7.414  2.215   1.00 33.75  ? 89  ILE A O   1 
ATOM   255  C  CB  . ILE A 1 40  ? 11.212  -4.505  0.967   1.00 33.74  ? 89  ILE A CB  1 
ATOM   256  C  CG1 . ILE A 1 40  ? 10.562  -4.461  2.359   1.00 33.67  ? 89  ILE A CG1 1 
ATOM   257  C  CG2 . ILE A 1 40  ? 10.328  -3.815  -0.055  1.00 33.12  ? 89  ILE A CG2 1 
ATOM   258  C  CD1 . ILE A 1 40  ? 10.589  -3.062  3.019   1.00 32.38  ? 89  ILE A CD1 1 
ATOM   259  N  N   . PRO A 1 41  ? 13.811  -6.437  0.868   1.00 38.04  ? 90  PRO A N   1 
ATOM   260  C  CA  . PRO A 1 41  ? 14.871  -7.250  1.422   1.00 38.99  ? 90  PRO A CA  1 
ATOM   261  C  C   . PRO A 1 41  ? 15.240  -6.786  2.805   1.00 40.25  ? 90  PRO A C   1 
ATOM   262  O  O   . PRO A 1 41  ? 15.864  -7.554  3.536   1.00 41.66  ? 90  PRO A O   1 
ATOM   263  C  CB  . PRO A 1 41  ? 16.040  -7.031  0.452   1.00 39.29  ? 90  PRO A CB  1 
ATOM   264  C  CG  . PRO A 1 41  ? 15.758  -5.712  -0.202  1.00 40.54  ? 90  PRO A CG  1 
ATOM   265  C  CD  . PRO A 1 41  ? 14.259  -5.655  -0.301  1.00 38.52  ? 90  PRO A CD  1 
ATOM   266  N  N   . ALA A 1 42  ? 14.865  -5.554  3.174   1.00 39.21  ? 91  ALA A N   1 
ATOM   267  C  CA  . ALA A 1 42  ? 15.111  -5.079  4.544   1.00 38.79  ? 91  ALA A CA  1 
ATOM   268  C  C   . ALA A 1 42  ? 14.086  -4.046  4.928   1.00 37.01  ? 91  ALA A C   1 
ATOM   269  O  O   . ALA A 1 42  ? 13.632  -3.313  4.063   1.00 37.34  ? 91  ALA A O   1 
ATOM   270  C  CB  . ALA A 1 42  ? 16.547  -4.505  4.657   1.00 39.45  ? 91  ALA A CB  1 
ATOM   271  N  N   . GLU A 1 43  ? 13.712  -3.967  6.207   1.00 35.92  ? 92  GLU A N   1 
ATOM   272  C  CA  . GLU A 1 43  ? 12.841  -2.907  6.668   1.00 34.38  ? 92  GLU A CA  1 
ATOM   273  C  C   . GLU A 1 43  ? 13.665  -1.630  6.911   1.00 34.74  ? 92  GLU A C   1 
ATOM   274  O  O   . GLU A 1 43  ? 14.107  -1.380  8.056   1.00 35.82  ? 92  GLU A O   1 
ATOM   275  C  CB  . GLU A 1 43  ? 12.174  -3.357  7.951   1.00 35.62  ? 92  GLU A CB  1 
ATOM   276  C  CG  . GLU A 1 43  ? 10.903  -2.630  8.334   1.00 34.41  ? 92  GLU A CG  1 
ATOM   277  C  CD  . GLU A 1 43  ? 10.142  -3.386  9.400   1.00 37.18  ? 92  GLU A CD  1 
ATOM   278  O  OE1 . GLU A 1 43  ? 9.189   -2.851  9.956   1.00 34.13  ? 92  GLU A OE1 1 
ATOM   279  O  OE2 . GLU A 1 43  ? 10.484  -4.560  9.655   1.00 41.25  ? 92  GLU A OE2 1 
ATOM   280  N  N   . THR A 1 44  ? 13.903  -0.847  5.861   1.00 32.08  ? 93  THR A N   1 
ATOM   281  C  CA  . THR A 1 44  ? 14.873  0.290   5.921   1.00 30.45  ? 93  THR A CA  1 
ATOM   282  C  C   . THR A 1 44  ? 14.296  1.521   5.214   1.00 29.81  ? 93  THR A C   1 
ATOM   283  O  O   . THR A 1 44  ? 13.416  1.392   4.352   1.00 26.02  ? 93  THR A O   1 
ATOM   284  C  CB  . THR A 1 44  ? 16.183  -0.014  5.186   1.00 30.42  ? 93  THR A CB  1 
ATOM   285  O  OG1 . THR A 1 44  ? 15.967  -0.074  3.771   1.00 32.94  ? 93  THR A OG1 1 
ATOM   286  C  CG2 . THR A 1 44  ? 16.875  -1.295  5.661   1.00 33.86  ? 93  THR A CG2 1 
ATOM   287  N  N   . GLY A 1 45  ? 14.797  2.706   5.573   1.00 29.22  ? 94  GLY A N   1 
ATOM   288  C  CA  . GLY A 1 45  ? 14.329  3.945   4.973   1.00 28.42  ? 94  GLY A CA  1 
ATOM   289  C  C   . GLY A 1 45  ? 14.535  3.928   3.467   1.00 26.98  ? 94  GLY A C   1 
ATOM   290  O  O   . GLY A 1 45  ? 13.689  4.387   2.735   1.00 26.65  ? 94  GLY A O   1 
ATOM   291  N  N   . GLN A 1 46  ? 15.644  3.372   3.000   1.00 26.13  ? 95  GLN A N   1 
ATOM   292  C  CA  . GLN A 1 46  ? 15.903  3.365   1.569   1.00 27.12  ? 95  GLN A CA  1 
ATOM   293  C  C   . GLN A 1 46  ? 14.842  2.579   0.806   1.00 26.15  ? 95  GLN A C   1 
ATOM   294  O  O   . GLN A 1 46  ? 14.441  2.978   -0.288  1.00 23.92  ? 95  GLN A O   1 
ATOM   295  C  CB  . GLN A 1 46  ? 17.313  2.845   1.264   1.00 28.74  ? 95  GLN A CB  1 
ATOM   296  C  CG  . GLN A 1 46  ? 18.398  3.831   1.821   1.00 34.24  ? 95  GLN A CG  1 
ATOM   297  C  CD  . GLN A 1 46  ? 19.735  3.773   1.090   1.00 40.89  ? 95  GLN A CD  1 
ATOM   298  O  OE1 . GLN A 1 46  ? 19.899  3.040   0.108   1.00 43.36  ? 95  GLN A OE1 1 
ATOM   299  N  NE2 . GLN A 1 46  ? 20.717  4.563   1.582   1.00 43.52  ? 95  GLN A NE2 1 
ATOM   300  N  N   . GLU A 1 47  ? 14.395  1.459   1.380   1.00 24.24  ? 96  GLU A N   1 
ATOM   301  C  CA  . GLU A 1 47  ? 13.392  0.652   0.678   1.00 24.04  ? 96  GLU A CA  1 
ATOM   302  C  C   . GLU A 1 47  ? 12.069  1.436   0.685   1.00 22.50  ? 96  GLU A C   1 
ATOM   303  O  O   . GLU A 1 47  ? 11.331  1.456   -0.292  1.00 22.18  ? 96  GLU A O   1 
ATOM   304  C  CB  . GLU A 1 47  ? 13.227  -0.713  1.366   1.00 23.75  ? 96  GLU A CB  1 
ATOM   305  C  CG  . GLU A 1 47  ? 14.373  -1.661  1.149   1.00 27.50  ? 96  GLU A CG  1 
ATOM   306  C  CD  . GLU A 1 47  ? 14.681  -1.898  -0.337  1.00 33.83  ? 96  GLU A CD  1 
ATOM   307  O  OE1 . GLU A 1 47  ? 13.772  -1.970  -1.198  1.00 33.64  ? 96  GLU A OE1 1 
ATOM   308  O  OE2 . GLU A 1 47  ? 15.859  -1.989  -0.642  1.00 38.18  ? 96  GLU A OE2 1 
ATOM   309  N  N   . THR A 1 48  ? 11.762  2.075   1.807   1.00 22.05  ? 97  THR A N   1 
ATOM   310  C  CA  . THR A 1 48  ? 10.533  2.876   1.905   1.00 22.27  ? 97  THR A CA  1 
ATOM   311  C  C   . THR A 1 48  ? 10.538  4.037   0.896   1.00 22.07  ? 97  THR A C   1 
ATOM   312  O  O   . THR A 1 48  ? 9.523   4.299   0.262   1.00 20.74  ? 97  THR A O   1 
ATOM   313  C  CB  . THR A 1 48  ? 10.296  3.413   3.364   1.00 23.19  ? 97  THR A CB  1 
ATOM   314  O  OG1 . THR A 1 48  ? 10.258  2.295   4.261   1.00 25.01  ? 97  THR A OG1 1 
ATOM   315  C  CG2 . THR A 1 48  ? 9.000   4.180   3.479   1.00 23.49  ? 97  THR A CG2 1 
ATOM   316  N  N   . ALA A 1 49  ? 11.685  4.725   0.803   1.00 22.27  ? 98  ALA A N   1 
ATOM   317  C  CA  . ALA A 1 49  ? 11.847  5.863   -0.119  1.00 22.86  ? 98  ALA A CA  1 
ATOM   318  C  C   . ALA A 1 49  ? 11.627  5.403   -1.540  1.00 21.84  ? 98  ALA A C   1 
ATOM   319  O  O   . ALA A 1 49  ? 10.904  6.042   -2.307  1.00 21.90  ? 98  ALA A O   1 
ATOM   320  C  CB  . ALA A 1 49  ? 13.289  6.464   0.017   1.00 22.00  ? 98  ALA A CB  1 
ATOM   321  N  N   . TYR A 1 50  ? 12.279  4.302   -1.907  1.00 21.32  ? 99  TYR A N   1 
ATOM   322  C  CA  . TYR A 1 50  ? 12.136  3.779   -3.277  1.00 21.16  ? 99  TYR A CA  1 
ATOM   323  C  C   . TYR A 1 50  ? 10.699  3.386   -3.595  1.00 20.60  ? 99  TYR A C   1 
ATOM   324  O  O   . TYR A 1 50  ? 10.179  3.660   -4.675  1.00 19.49  ? 99  TYR A O   1 
ATOM   325  C  CB  . TYR A 1 50  ? 13.068  2.576   -3.482  1.00 22.35  ? 99  TYR A CB  1 
ATOM   326  C  CG  . TYR A 1 50  ? 13.077  2.061   -4.892  1.00 22.54  ? 99  TYR A CG  1 
ATOM   327  C  CD1 . TYR A 1 50  ? 13.536  2.860   -5.948  1.00 23.02  ? 99  TYR A CD1 1 
ATOM   328  C  CD2 . TYR A 1 50  ? 12.609  0.774   -5.181  1.00 25.77  ? 99  TYR A CD2 1 
ATOM   329  C  CE1 . TYR A 1 50  ? 13.547  2.388   -7.253  1.00 21.12  ? 99  TYR A CE1 1 
ATOM   330  C  CE2 . TYR A 1 50  ? 12.608  0.298   -6.504  1.00 25.68  ? 99  TYR A CE2 1 
ATOM   331  C  CZ  . TYR A 1 50  ? 13.086  1.115   -7.518  1.00 27.02  ? 99  TYR A CZ  1 
ATOM   332  O  OH  . TYR A 1 50  ? 13.096  0.655   -8.817  1.00 26.52  ? 99  TYR A OH  1 
ATOM   333  N  N   . PHE A 1 51  ? 10.049  2.744   -2.633  1.00 20.69  ? 100 PHE A N   1 
ATOM   334  C  CA  . PHE A 1 51  ? 8.654   2.347   -2.812  1.00 20.98  ? 100 PHE A CA  1 
ATOM   335  C  C   . PHE A 1 51  ? 7.779   3.588   -3.002  1.00 19.74  ? 100 PHE A C   1 
ATOM   336  O  O   . PHE A 1 51  ? 6.896   3.594   -3.867  1.00 18.20  ? 100 PHE A O   1 
ATOM   337  C  CB  . PHE A 1 51  ? 8.194   1.529   -1.583  1.00 21.04  ? 100 PHE A CB  1 
ATOM   338  C  CG  . PHE A 1 51  ? 6.797   1.013   -1.709  1.00 24.63  ? 100 PHE A CG  1 
ATOM   339  C  CD1 . PHE A 1 51  ? 5.714   1.857   -1.477  1.00 27.09  ? 100 PHE A CD1 1 
ATOM   340  C  CD2 . PHE A 1 51  ? 6.566   -0.311  -2.084  1.00 27.29  ? 100 PHE A CD2 1 
ATOM   341  C  CE1 . PHE A 1 51  ? 4.402   1.402   -1.620  1.00 28.31  ? 100 PHE A CE1 1 
ATOM   342  C  CE2 . PHE A 1 51  ? 5.220   -0.812  -2.180  1.00 26.65  ? 100 PHE A CE2 1 
ATOM   343  C  CZ  . PHE A 1 51  ? 4.160   0.063   -1.990  1.00 27.34  ? 100 PHE A CZ  1 
ATOM   344  N  N   . LEU A 1 52  ? 7.998   4.640   -2.196  1.00 20.33  ? 101 LEU A N   1 
ATOM   345  C  CA  . LEU A 1 52  ? 7.211   5.881   -2.351  1.00 20.55  ? 101 LEU A CA  1 
ATOM   346  C  C   . LEU A 1 52  ? 7.433   6.529   -3.709  1.00 20.37  ? 101 LEU A C   1 
ATOM   347  O  O   . LEU A 1 52  ? 6.491   7.051   -4.277  1.00 21.11  ? 101 LEU A O   1 
ATOM   348  C  CB  . LEU A 1 52  ? 7.553   6.913   -1.268  1.00 21.57  ? 101 LEU A CB  1 
ATOM   349  C  CG  . LEU A 1 52  ? 7.048   6.579   0.126   1.00 24.95  ? 101 LEU A CG  1 
ATOM   350  C  CD1 . LEU A 1 52  ? 7.813   7.369   1.227   1.00 28.17  ? 101 LEU A CD1 1 
ATOM   351  C  CD2 . LEU A 1 52  ? 5.555   6.861   0.165   1.00 26.22  ? 101 LEU A CD2 1 
ATOM   352  N  N   . LEU A 1 53  ? 8.654   6.488   -4.253  1.00 19.91  ? 102 LEU A N   1 
ATOM   353  C  CA  . LEU A 1 53  ? 8.844   7.066   -5.598  1.00 20.54  ? 102 LEU A CA  1 
ATOM   354  C  C   . LEU A 1 53  ? 8.011   6.342   -6.665  1.00 20.61  ? 102 LEU A C   1 
ATOM   355  O  O   . LEU A 1 53  ? 7.400   6.985   -7.533  1.00 21.40  ? 102 LEU A O   1 
ATOM   356  C  CB  . LEU A 1 53  ? 10.319  7.073   -6.010  1.00 20.48  ? 102 LEU A CB  1 
ATOM   357  C  CG  . LEU A 1 53  ? 11.212  7.981   -5.157  1.00 20.00  ? 102 LEU A CG  1 
ATOM   358  C  CD1 . LEU A 1 53  ? 12.729  7.703   -5.501  1.00 22.55  ? 102 LEU A CD1 1 
ATOM   359  C  CD2 . LEU A 1 53  ? 10.829  9.461   -5.383  1.00 22.70  ? 102 LEU A CD2 1 
ATOM   360  N  N   . LYS A 1 54  ? 7.986   5.016   -6.602  1.00 20.88  ? 103 LYS A N   1 
ATOM   361  C  CA  . LYS A 1 54  ? 7.177   4.216   -7.536  1.00 21.14  ? 103 LYS A CA  1 
ATOM   362  C  C   . LYS A 1 54  ? 5.718   4.536   -7.364  1.00 21.55  ? 103 LYS A C   1 
ATOM   363  O  O   . LYS A 1 54  ? 5.001   4.738   -8.338  1.00 20.77  ? 103 LYS A O   1 
ATOM   364  C  CB  . LYS A 1 54  ? 7.381   2.733   -7.241  1.00 21.04  ? 103 LYS A CB  1 
ATOM   365  C  CG  . LYS A 1 54  ? 8.759   2.245   -7.649  1.00 23.92  ? 103 LYS A CG  1 
ATOM   366  C  CD  . LYS A 1 54  ? 8.780   0.711   -7.769  1.00 27.71  ? 103 LYS A CD  1 
ATOM   367  C  CE  . LYS A 1 54  ? 9.002   0.108   -6.403  1.00 31.09  ? 103 LYS A CE  1 
ATOM   368  N  NZ  . LYS A 1 54  ? 9.086   -1.409  -6.512  1.00 32.40  ? 103 LYS A NZ  1 
ATOM   369  N  N   . LEU A 1 55  ? 5.248   4.515   -6.100  1.00 20.59  ? 104 LEU A N   1 
ATOM   370  C  CA  . LEU A 1 55  ? 3.845   4.796   -5.817  1.00 21.54  ? 104 LEU A CA  1 
ATOM   371  C  C   . LEU A 1 55  ? 3.427   6.166   -6.374  1.00 21.74  ? 104 LEU A C   1 
ATOM   372  O  O   . LEU A 1 55  ? 2.332   6.321   -6.988  1.00 24.02  ? 104 LEU A O   1 
ATOM   373  C  CB  . LEU A 1 55  ? 3.568   4.750   -4.272  1.00 20.77  ? 104 LEU A CB  1 
ATOM   374  C  CG  . LEU A 1 55  ? 2.076   4.903   -3.896  1.00 21.44  ? 104 LEU A CG  1 
ATOM   375  C  CD1 . LEU A 1 55  ? 1.368   3.570   -4.219  1.00 22.83  ? 104 LEU A CD1 1 
ATOM   376  C  CD2 . LEU A 1 55  ? 1.916   5.233   -2.372  1.00 21.40  ? 104 LEU A CD2 1 
ATOM   377  N  N   . ALA A 1 56  ? 4.265   7.175   -6.145  1.00 21.49  ? 105 ALA A N   1 
ATOM   378  C  CA  . ALA A 1 56  ? 3.899   8.552   -6.504  1.00 21.86  ? 105 ALA A CA  1 
ATOM   379  C  C   . ALA A 1 56  ? 3.844   8.719   -8.029  1.00 22.71  ? 105 ALA A C   1 
ATOM   380  O  O   . ALA A 1 56  ? 3.107   9.588   -8.540  1.00 21.57  ? 105 ALA A O   1 
ATOM   381  C  CB  . ALA A 1 56  ? 4.936   9.573   -5.876  1.00 22.85  ? 105 ALA A CB  1 
ATOM   382  N  N   . GLY A 1 57  ? 4.588   7.884   -8.777  1.00 22.81  ? 106 GLY A N   1 
ATOM   383  C  CA  . GLY A 1 57  ? 4.620   8.030   -10.262 1.00 23.77  ? 106 GLY A CA  1 
ATOM   384  C  C   . GLY A 1 57  ? 3.357   7.478   -10.903 1.00 25.36  ? 106 GLY A C   1 
ATOM   385  O  O   . GLY A 1 57  ? 3.024   7.782   -12.065 1.00 24.13  ? 106 GLY A O   1 
ATOM   386  N  N   . ARG A 1 58  ? 2.628   6.695   -10.121 1.00 24.04  ? 107 ARG A N   1 
ATOM   387  C  CA  . ARG A 1 58  ? 1.452   6.012   -10.612 1.00 27.13  ? 107 ARG A CA  1 
ATOM   388  C  C   . ARG A 1 58  ? 0.162   6.713   -10.223 1.00 27.49  ? 107 ARG A C   1 
ATOM   389  O  O   . ARG A 1 58  ? -0.756  6.811   -11.050 1.00 27.97  ? 107 ARG A O   1 
ATOM   390  C  CB  . ARG A 1 58  ? 1.466   4.578   -10.098 1.00 27.48  ? 107 ARG A CB  1 
ATOM   391  C  CG  . ARG A 1 58  ? 0.208   3.824   -10.305 1.00 31.80  ? 107 ARG A CG  1 
ATOM   392  C  CD  . ARG A 1 58  ? 0.463   2.323   -10.209 1.00 34.53  ? 107 ARG A CD  1 
ATOM   393  N  NE  . ARG A 1 58  ? 1.415   1.915   -9.157  1.00 34.56  ? 107 ARG A NE  1 
ATOM   394  C  CZ  . ARG A 1 58  ? 2.675   1.536   -9.353  1.00 31.76  ? 107 ARG A CZ  1 
ATOM   395  N  NH1 . ARG A 1 58  ? 3.234   1.506   -10.567 1.00 36.58  ? 107 ARG A NH1 1 
ATOM   396  N  NH2 . ARG A 1 58  ? 3.396   1.209   -8.308  1.00 31.84  ? 107 ARG A NH2 1 
ATOM   397  N  N   . TRP A 1 59  ? 0.075   7.145   -8.961  1.00 26.08  ? 108 TRP A N   1 
ATOM   398  C  CA  . TRP A 1 59  ? -1.128  7.757   -8.419  1.00 25.91  ? 108 TRP A CA  1 
ATOM   399  C  C   . TRP A 1 59  ? -0.840  9.173   -7.953  1.00 26.26  ? 108 TRP A C   1 
ATOM   400  O  O   . TRP A 1 59  ? 0.327   9.534   -7.765  1.00 26.39  ? 108 TRP A O   1 
ATOM   401  C  CB  . TRP A 1 59  ? -1.668  6.933   -7.236  1.00 24.75  ? 108 TRP A CB  1 
ATOM   402  C  CG  . TRP A 1 59  ? -1.810  5.486   -7.504  1.00 24.17  ? 108 TRP A CG  1 
ATOM   403  C  CD1 . TRP A 1 59  ? -1.004  4.475   -7.035  1.00 24.31  ? 108 TRP A CD1 1 
ATOM   404  C  CD2 . TRP A 1 59  ? -2.830  4.851   -8.282  1.00 23.28  ? 108 TRP A CD2 1 
ATOM   405  N  NE1 . TRP A 1 59  ? -1.455  3.271   -7.465  1.00 22.05  ? 108 TRP A NE1 1 
ATOM   406  C  CE2 . TRP A 1 59  ? -2.569  3.465   -8.252  1.00 24.65  ? 108 TRP A CE2 1 
ATOM   407  C  CE3 . TRP A 1 59  ? -3.948  5.320   -8.991  1.00 24.92  ? 108 TRP A CE3 1 
ATOM   408  C  CZ2 . TRP A 1 59  ? -3.389  2.519   -8.913  1.00 26.33  ? 108 TRP A CZ2 1 
ATOM   409  C  CZ3 . TRP A 1 59  ? -4.750  4.373   -9.686  1.00 27.74  ? 108 TRP A CZ3 1 
ATOM   410  C  CH2 . TRP A 1 59  ? -4.458  2.994   -9.633  1.00 25.98  ? 108 TRP A CH2 1 
ATOM   411  N  N   . PRO A 1 60  ? -1.898  10.000  -7.812  1.00 27.23  ? 109 PRO A N   1 
ATOM   412  C  CA  . PRO A 1 60  ? -1.685  11.346  -7.319  1.00 29.38  ? 109 PRO A CA  1 
ATOM   413  C  C   . PRO A 1 60  ? -1.632  11.354  -5.787  1.00 29.99  ? 109 PRO A C   1 
ATOM   414  O  O   . PRO A 1 60  ? -2.649  11.607  -5.116  1.00 30.77  ? 109 PRO A O   1 
ATOM   415  C  CB  . PRO A 1 60  ? -2.895  12.120  -7.872  1.00 29.92  ? 109 PRO A CB  1 
ATOM   416  C  CG  . PRO A 1 60  ? -3.978  11.117  -7.976  1.00 30.15  ? 109 PRO A CG  1 
ATOM   417  C  CD  . PRO A 1 60  ? -3.296  9.772   -8.234  1.00 28.63  ? 109 PRO A CD  1 
ATOM   418  N  N   . VAL A 1 61  ? -0.437  11.085  -5.263  1.00 29.13  ? 110 VAL A N   1 
ATOM   419  C  CA  . VAL A 1 61  ? -0.190  10.882  -3.830  1.00 28.47  ? 110 VAL A CA  1 
ATOM   420  C  C   . VAL A 1 61  ? 0.044   12.253  -3.172  1.00 30.13  ? 110 VAL A C   1 
ATOM   421  O  O   . VAL A 1 61  ? 1.055   12.926  -3.448  1.00 30.05  ? 110 VAL A O   1 
ATOM   422  C  CB  . VAL A 1 61  ? 1.061   9.970   -3.601  1.00 28.83  ? 110 VAL A CB  1 
ATOM   423  C  CG1 . VAL A 1 61  ? 1.291   9.664   -2.108  1.00 24.68  ? 110 VAL A CG1 1 
ATOM   424  C  CG2 . VAL A 1 61  ? 0.888   8.601   -4.343  1.00 24.90  ? 110 VAL A CG2 1 
ATOM   425  N  N   . LYS A 1 62  ? -0.887  12.662  -2.322  1.00 29.51  ? 111 LYS A N   1 
ATOM   426  C  CA  . LYS A 1 62  ? -0.737  13.941  -1.650  1.00 30.64  ? 111 LYS A CA  1 
ATOM   427  C  C   . LYS A 1 62  ? -0.196  13.762  -0.237  1.00 29.18  ? 111 LYS A C   1 
ATOM   428  O  O   . LYS A 1 62  ? 0.683   14.509  0.201   1.00 30.03  ? 111 LYS A O   1 
ATOM   429  C  CB  . LYS A 1 62  ? -2.075  14.710  -1.621  1.00 30.94  ? 111 LYS A CB  1 
ATOM   430  C  CG  . LYS A 1 62  ? -2.639  14.994  -3.037  1.00 35.56  ? 111 LYS A CG  1 
ATOM   431  C  CD  . LYS A 1 62  ? -2.004  16.222  -3.696  1.00 42.77  ? 111 LYS A CD  1 
ATOM   432  C  CE  . LYS A 1 62  ? -2.507  16.435  -5.146  1.00 48.20  ? 111 LYS A CE  1 
ATOM   433  N  NZ  . LYS A 1 62  ? -1.783  15.590  -6.174  1.00 50.88  ? 111 LYS A NZ  1 
ATOM   434  N  N   . THR A 1 63  ? -0.734  12.807  0.500   1.00 29.19  ? 112 THR A N   1 
ATOM   435  C  CA  . THR A 1 63  ? -0.308  12.623  1.898   1.00 28.92  ? 112 THR A CA  1 
ATOM   436  C  C   . THR A 1 63  ? -0.222  11.156  2.201   1.00 28.65  ? 112 THR A C   1 
ATOM   437  O  O   . THR A 1 63  ? -0.941  10.344  1.585   1.00 28.96  ? 112 THR A O   1 
ATOM   438  C  CB  . THR A 1 63  ? -1.287  13.316  2.905   1.00 30.52  ? 112 THR A CB  1 
ATOM   439  O  OG1 . THR A 1 63  ? -2.559  12.698  2.836   1.00 32.72  ? 112 THR A OG1 1 
ATOM   440  C  CG2 . THR A 1 63  ? -1.476  14.778  2.571   1.00 29.68  ? 112 THR A CG2 1 
ATOM   441  N  N   . VAL A 1 64  ? 0.687   10.795  3.094   1.00 26.55  ? 113 VAL A N   1 
ATOM   442  C  CA  . VAL A 1 64  ? 0.852   9.423   3.488   1.00 26.47  ? 113 VAL A CA  1 
ATOM   443  C  C   . VAL A 1 64  ? 0.816   9.316   5.019   1.00 27.55  ? 113 VAL A C   1 
ATOM   444  O  O   . VAL A 1 64  ? 1.514   10.066  5.714   1.00 28.27  ? 113 VAL A O   1 
ATOM   445  C  CB  . VAL A 1 64  ? 2.159   8.832   2.934   1.00 26.69  ? 113 VAL A CB  1 
ATOM   446  C  CG1 . VAL A 1 64  ? 2.294   7.385   3.301   1.00 27.73  ? 113 VAL A CG1 1 
ATOM   447  C  CG2 . VAL A 1 64  ? 2.213   8.946   1.422   1.00 24.72  ? 113 VAL A CG2 1 
ATOM   448  N  N   . HIS A 1 65  ? 0.039   8.354   5.505   1.00 27.64  ? 114 HIS A N   1 
ATOM   449  C  CA  . HIS A 1 65  ? -0.020  7.999   6.931   1.00 28.20  ? 114 HIS A CA  1 
ATOM   450  C  C   . HIS A 1 65  ? 0.611   6.645   7.184   1.00 27.91  ? 114 HIS A C   1 
ATOM   451  O  O   . HIS A 1 65  ? 0.713   5.796   6.279   1.00 28.23  ? 114 HIS A O   1 
ATOM   452  C  CB  . HIS A 1 65  ? -1.487  7.995   7.365   1.00 29.20  ? 114 HIS A CB  1 
ATOM   453  C  CG  . HIS A 1 65  ? -1.694  7.716   8.826   1.00 34.67  ? 114 HIS A CG  1 
ATOM   454  N  ND1 . HIS A 1 65  ? -1.390  8.635   9.813   1.00 38.51  ? 114 HIS A ND1 1 
ATOM   455  C  CD2 . HIS A 1 65  ? -2.144  6.611   9.467   1.00 36.71  ? 114 HIS A CD2 1 
ATOM   456  C  CE1 . HIS A 1 65  ? -1.661  8.114   10.998  1.00 38.01  ? 114 HIS A CE1 1 
ATOM   457  N  NE2 . HIS A 1 65  ? -2.106  6.882   10.820  1.00 42.56  ? 114 HIS A NE2 1 
ATOM   458  N  N   . THR A 1 66  ? 1.039   6.412   8.415   1.00 25.73  ? 115 THR A N   1 
ATOM   459  C  CA  . THR A 1 66  ? 1.554   5.114   8.809   1.00 26.01  ? 115 THR A CA  1 
ATOM   460  C  C   . THR A 1 66  ? 1.208   4.880   10.288  1.00 26.66  ? 115 THR A C   1 
ATOM   461  O  O   . THR A 1 66  ? 1.010   5.848   11.018  1.00 27.95  ? 115 THR A O   1 
ATOM   462  C  CB  . THR A 1 66  ? 3.078   5.105   8.631   1.00 24.35  ? 115 THR A CB  1 
ATOM   463  O  OG1 . THR A 1 66  ? 3.628   3.818   8.882   1.00 22.99  ? 115 THR A OG1 1 
ATOM   464  C  CG2 . THR A 1 66  ? 3.812   6.178   9.523   1.00 27.44  ? 115 THR A CG2 1 
ATOM   465  N  N   . ASP A 1 67  ? 1.236   3.631   10.719  1.00 27.56  ? 116 ASP A N   1 
ATOM   466  C  CA  . ASP A 1 67  ? 1.025   3.300   12.130  1.00 30.18  ? 116 ASP A CA  1 
ATOM   467  C  C   . ASP A 1 67  ? 2.335   3.203   12.901  1.00 30.46  ? 116 ASP A C   1 
ATOM   468  O  O   . ASP A 1 67  ? 2.339   2.933   14.102  1.00 31.38  ? 116 ASP A O   1 
ATOM   469  C  CB  . ASP A 1 67  ? 0.236   2.000   12.238  1.00 30.19  ? 116 ASP A CB  1 
ATOM   470  C  CG  . ASP A 1 67  ? -1.253  2.191   11.971  1.00 31.79  ? 116 ASP A CG  1 
ATOM   471  O  OD1 . ASP A 1 67  ? -1.767  3.310   11.728  1.00 36.12  ? 116 ASP A OD1 1 
ATOM   472  O  OD2 . ASP A 1 67  ? -1.936  1.177   11.933  1.00 37.68  ? 116 ASP A OD2 1 
ATOM   473  N  N   . ASN A 1 68  ? 3.456   3.414   12.218  1.00 28.58  ? 117 ASN A N   1 
ATOM   474  C  CA  . ASN A 1 68  ? 4.742   3.456   12.894  1.00 28.17  ? 117 ASN A CA  1 
ATOM   475  C  C   . ASN A 1 68  ? 5.441   4.699   12.390  1.00 27.01  ? 117 ASN A C   1 
ATOM   476  O  O   . ASN A 1 68  ? 6.162   4.637   11.396  1.00 25.09  ? 117 ASN A O   1 
ATOM   477  C  CB  . ASN A 1 68  ? 5.548   2.168   12.604  1.00 28.43  ? 117 ASN A CB  1 
ATOM   478  C  CG  . ASN A 1 68  ? 6.882   2.103   13.348  1.00 29.46  ? 117 ASN A CG  1 
ATOM   479  O  OD1 . ASN A 1 68  ? 7.552   1.045   13.400  1.00 30.83  ? 117 ASN A OD1 1 
ATOM   480  N  ND2 . ASN A 1 68  ? 7.275   3.200   13.918  1.00 23.98  ? 117 ASN A ND2 1 
ATOM   481  N  N   . GLY A 1 69  ? 5.254   5.809   13.107  1.00 26.35  ? 118 GLY A N   1 
ATOM   482  C  CA  . GLY A 1 69  ? 5.763   7.129   12.686  1.00 25.69  ? 118 GLY A CA  1 
ATOM   483  C  C   . GLY A 1 69  ? 7.273   7.132   12.436  1.00 25.01  ? 118 GLY A C   1 
ATOM   484  O  O   . GLY A 1 69  ? 7.751   7.873   11.549  1.00 24.69  ? 118 GLY A O   1 
ATOM   485  N  N   . SER A 1 70  ? 8.031   6.355   13.234  1.00 23.11  ? 119 SER A N   1 
ATOM   486  C  CA  . SER A 1 70  ? 9.468   6.275   13.025  1.00 25.09  ? 119 SER A CA  1 
ATOM   487  C  C   . SER A 1 70  ? 9.857   5.734   11.630  1.00 25.42  ? 119 SER A C   1 
ATOM   488  O  O   . SER A 1 70  ? 10.985  5.954   11.207  1.00 25.30  ? 119 SER A O   1 
ATOM   489  C  CB  . SER A 1 70  ? 10.192  5.471   14.085  1.00 24.25  ? 119 SER A CB  1 
ATOM   490  O  OG  . SER A 1 70  ? 9.905   4.107   13.920  1.00 24.30  ? 119 SER A OG  1 
ATOM   491  N  N   . ASN A 1 71  ? 8.929   5.074   10.935  1.00 26.48  ? 120 ASN A N   1 
ATOM   492  C  CA  . ASN A 1 71  ? 9.162   4.678   9.514   1.00 27.95  ? 120 ASN A CA  1 
ATOM   493  C  C   . ASN A 1 71  ? 9.592   5.864   8.663   1.00 28.60  ? 120 ASN A C   1 
ATOM   494  O  O   . ASN A 1 71  ? 10.303  5.684   7.689   1.00 30.11  ? 120 ASN A O   1 
ATOM   495  C  CB  . ASN A 1 71  ? 7.866   4.161   8.863   1.00 27.57  ? 120 ASN A CB  1 
ATOM   496  C  CG  . ASN A 1 71  ? 7.549   2.731   9.228   1.00 30.56  ? 120 ASN A CG  1 
ATOM   497  O  OD1 . ASN A 1 71  ? 8.449   1.942   9.571   1.00 32.97  ? 120 ASN A OD1 1 
ATOM   498  N  ND2 . ASN A 1 71  ? 6.263   2.378   9.140   1.00 24.17  ? 120 ASN A ND2 1 
ATOM   499  N  N   . PHE A 1 72  ? 9.086   7.051   8.970   1.00 28.85  ? 121 PHE A N   1 
ATOM   500  C  CA  . PHE A 1 72  ? 9.305   8.181   8.090   1.00 30.24  ? 121 PHE A CA  1 
ATOM   501  C  C   . PHE A 1 72  ? 10.387  9.187   8.547   1.00 31.54  ? 121 PHE A C   1 
ATOM   502  O  O   . PHE A 1 72  ? 10.521  10.269  7.958   1.00 29.67  ? 121 PHE A O   1 
ATOM   503  C  CB  . PHE A 1 72  ? 7.989   8.912   7.854   1.00 30.69  ? 121 PHE A CB  1 
ATOM   504  C  CG  . PHE A 1 72  ? 6.926   8.108   7.125   1.00 30.24  ? 121 PHE A CG  1 
ATOM   505  C  CD1 . PHE A 1 72  ? 7.250   7.007   6.321   1.00 29.58  ? 121 PHE A CD1 1 
ATOM   506  C  CD2 . PHE A 1 72  ? 5.589   8.550   7.185   1.00 30.73  ? 121 PHE A CD2 1 
ATOM   507  C  CE1 . PHE A 1 72  ? 6.229   6.318   5.622   1.00 28.35  ? 121 PHE A CE1 1 
ATOM   508  C  CE2 . PHE A 1 72  ? 4.564   7.873   6.519   1.00 30.28  ? 121 PHE A CE2 1 
ATOM   509  C  CZ  . PHE A 1 72  ? 4.872   6.783   5.725   1.00 27.96  ? 121 PHE A CZ  1 
ATOM   510  N  N   . THR A 1 73  ? 11.175  8.842   9.568   1.00 32.44  ? 122 THR A N   1 
ATOM   511  C  CA  . THR A 1 73  ? 12.273  9.747   9.965   1.00 34.82  ? 122 THR A CA  1 
ATOM   512  C  C   . THR A 1 73  ? 13.551  9.795   9.117   1.00 34.38  ? 122 THR A C   1 
ATOM   513  O  O   . THR A 1 73  ? 14.363  10.723  9.263   1.00 38.33  ? 122 THR A O   1 
ATOM   514  C  CB  . THR A 1 73  ? 12.777  9.423   11.312  1.00 35.95  ? 122 THR A CB  1 
ATOM   515  O  OG1 . THR A 1 73  ? 13.523  8.201   11.194  1.00 38.06  ? 122 THR A OG1 1 
ATOM   516  C  CG2 . THR A 1 73  ? 11.630  9.347   12.289  1.00 35.44  ? 122 THR A CG2 1 
ATOM   517  N  N   . SER A 1 74  ? 13.798  8.823   8.265   1.00 33.44  ? 123 SER A N   1 
ATOM   518  C  CA  . SER A 1 74  ? 15.061  8.792   7.634   1.00 31.78  ? 123 SER A CA  1 
ATOM   519  C  C   . SER A 1 74  ? 15.132  9.906   6.604   1.00 30.77  ? 123 SER A C   1 
ATOM   520  O  O   . SER A 1 74  ? 14.105  10.402  6.088   1.00 28.16  ? 123 SER A O   1 
ATOM   521  C  CB  . SER A 1 74  ? 15.320  7.448   6.967   1.00 33.56  ? 123 SER A CB  1 
ATOM   522  O  OG  . SER A 1 74  ? 14.483  7.339   5.849   1.00 30.79  ? 123 SER A OG  1 
ATOM   523  N  N   . THR A 1 75  ? 16.353  10.356  6.382   1.00 30.34  ? 124 THR A N   1 
ATOM   524  C  CA  . THR A 1 75  ? 16.562  11.449  5.434   1.00 30.78  ? 124 THR A CA  1 
ATOM   525  C  C   . THR A 1 75  ? 16.189  11.004  4.024   1.00 29.28  ? 124 THR A C   1 
ATOM   526  O  O   . THR A 1 75  ? 15.722  11.815  3.233   1.00 27.75  ? 124 THR A O   1 
ATOM   527  C  CB  . THR A 1 75  ? 18.024  12.056  5.522   1.00 32.73  ? 124 THR A CB  1 
ATOM   528  O  OG1 . THR A 1 75  ? 18.915  11.361  4.675   1.00 37.91  ? 124 THR A OG1 1 
ATOM   529  C  CG2 . THR A 1 75  ? 18.568  11.932  6.880   1.00 32.04  ? 124 THR A CG2 1 
ATOM   530  N  N   . THR A 1 76  ? 16.334  9.702   3.761   1.00 27.68  ? 125 THR A N   1 
ATOM   531  C  CA  . THR A 1 76  ? 16.098  9.119   2.473   1.00 28.24  ? 125 THR A CA  1 
ATOM   532  C  C   . THR A 1 76  ? 14.564  9.165   2.201   1.00 26.68  ? 125 THR A C   1 
ATOM   533  O  O   . THR A 1 76  ? 14.127  9.527   1.090   1.00 26.08  ? 125 THR A O   1 
ATOM   534  C  CB  . THR A 1 76  ? 16.760  7.702   2.548   1.00 30.18  ? 125 THR A CB  1 
ATOM   535  O  OG1 . THR A 1 76  ? 17.730  7.463   1.526   1.00 39.25  ? 125 THR A OG1 1 
ATOM   536  C  CG2 . THR A 1 76  ? 15.859  6.641   2.794   1.00 25.64  ? 125 THR A CG2 1 
ATOM   537  N  N   . VAL A 1 77  ? 13.734  8.820   3.198   1.00 25.15  ? 126 VAL A N   1 
ATOM   538  C  CA  . VAL A 1 77  ? 12.268  8.966   3.036   1.00 24.67  ? 126 VAL A CA  1 
ATOM   539  C  C   . VAL A 1 77  ? 11.871  10.429  2.892   1.00 24.58  ? 126 VAL A C   1 
ATOM   540  O  O   . VAL A 1 77  ? 11.047  10.766  2.074   1.00 23.52  ? 126 VAL A O   1 
ATOM   541  C  CB  . VAL A 1 77  ? 11.460  8.330   4.215   1.00 24.76  ? 126 VAL A CB  1 
ATOM   542  C  CG1 . VAL A 1 77  ? 10.005  8.673   4.146   1.00 28.46  ? 126 VAL A CG1 1 
ATOM   543  C  CG2 . VAL A 1 77  ? 11.654  6.827   4.177   1.00 25.49  ? 126 VAL A CG2 1 
ATOM   544  N  N   . LYS A 1 78  ? 12.419  11.287  3.746   1.00 23.10  ? 127 LYS A N   1 
ATOM   545  C  CA  . LYS A 1 78  ? 12.130  12.718  3.635   1.00 24.64  ? 127 LYS A CA  1 
ATOM   546  C  C   . LYS A 1 78  ? 12.507  13.273  2.230   1.00 23.79  ? 127 LYS A C   1 
ATOM   547  O  O   . LYS A 1 78  ? 11.776  14.095  1.666   1.00 24.50  ? 127 LYS A O   1 
ATOM   548  C  CB  . LYS A 1 78  ? 12.895  13.462  4.733   1.00 24.59  ? 127 LYS A CB  1 
ATOM   549  C  CG  . LYS A 1 78  ? 12.223  13.310  6.092   1.00 31.34  ? 127 LYS A CG  1 
ATOM   550  C  CD  . LYS A 1 78  ? 13.107  13.887  7.193   1.00 36.12  ? 127 LYS A CD  1 
ATOM   551  C  CE  . LYS A 1 78  ? 12.371  13.803  8.521   1.00 41.63  ? 127 LYS A CE  1 
ATOM   552  N  NZ  . LYS A 1 78  ? 13.204  14.330  9.668   1.00 43.87  ? 127 LYS A NZ  1 
ATOM   553  N  N   . ALA A 1 79  ? 13.598  12.774  1.663   1.00 23.59  ? 128 ALA A N   1 
ATOM   554  C  CA  . ALA A 1 79  ? 14.002  13.199  0.308   1.00 23.41  ? 128 ALA A CA  1 
ATOM   555  C  C   . ALA A 1 79  ? 12.993  12.753  -0.744  1.00 23.29  ? 128 ALA A C   1 
ATOM   556  O  O   . ALA A 1 79  ? 12.664  13.521  -1.664  1.00 21.11  ? 128 ALA A O   1 
ATOM   557  C  CB  . ALA A 1 79  ? 15.408  12.687  -0.039  1.00 23.66  ? 128 ALA A CB  1 
ATOM   558  N  N   . ALA A 1 80  ? 12.487  11.508  -0.618  1.00 21.75  ? 129 ALA A N   1 
ATOM   559  C  CA  . ALA A 1 80  ? 11.567  11.007  -1.627  1.00 21.78  ? 129 ALA A CA  1 
ATOM   560  C  C   . ALA A 1 80  ? 10.300  11.837  -1.508  1.00 21.56  ? 129 ALA A C   1 
ATOM   561  O  O   . ALA A 1 80  ? 9.610   12.122  -2.495  1.00 20.67  ? 129 ALA A O   1 
ATOM   562  C  CB  . ALA A 1 80  ? 11.224  9.467   -1.407  1.00 21.62  ? 129 ALA A CB  1 
HETATM 563  N  N   . CAF A 1 81  ? 9.643   12.115  -0.174  1.00 19.72  ? 130 CAF A N   1 
HETATM 564  C  CA  . CAF A 1 81  ? 8.415   12.893  -0.066  1.00 22.96  ? 130 CAF A CA  1 
HETATM 565  C  CB  . CAF A 1 81  ? 8.057   12.942  1.421   1.00 22.53  ? 130 CAF A CB  1 
HETATM 566  C  C   . CAF A 1 81  ? 8.638   14.306  -0.600  1.00 22.99  ? 130 CAF A C   1 
HETATM 567  O  O   . CAF A 1 81  ? 7.765   14.840  -1.265  1.00 24.37  ? 130 CAF A O   1 
HETATM 568  S  SG  . CAF A 1 81  ? 7.508   11.327  1.857   1.00 26.30  ? 130 CAF A SG  1 
HETATM 569  AS AS  . CAF A 1 81  ? 6.388   12.013  3.662   1.00 38.44  ? 130 CAF A AS  1 
HETATM 570  C  CE1 . CAF A 1 81  ? 5.712   10.168  3.878   1.00 37.23  ? 130 CAF A CE1 1 
HETATM 571  O  O1  . CAF A 1 81  ? 7.775   11.679  4.656   1.00 36.61  ? 130 CAF A O1  1 
ATOM   572  N  N   . TRP A 1 82  ? 9.996   14.917  -0.317  1.00 23.59  ? 131 TRP A N   1 
ATOM   573  C  CA  . TRP A 1 82  ? 10.307  16.247  -0.876  1.00 25.58  ? 131 TRP A CA  1 
ATOM   574  C  C   . TRP A 1 82  ? 10.215  16.242  -2.410  1.00 24.42  ? 131 TRP A C   1 
ATOM   575  O  O   . TRP A 1 82  ? 9.492   17.056  -3.021  1.00 24.86  ? 131 TRP A O   1 
ATOM   576  C  CB  . TRP A 1 82  ? 11.704  16.653  -0.436  1.00 25.28  ? 131 TRP A CB  1 
ATOM   577  C  CG  . TRP A 1 82  ? 12.222  17.806  -1.254  1.00 27.77  ? 131 TRP A CG  1 
ATOM   578  C  CD1 . TRP A 1 82  ? 11.868  19.144  -1.139  1.00 30.20  ? 131 TRP A CD1 1 
ATOM   579  C  CD2 . TRP A 1 82  ? 13.163  17.727  -2.318  1.00 27.43  ? 131 TRP A CD2 1 
ATOM   580  N  NE1 . TRP A 1 82  ? 12.568  19.884  -2.074  1.00 28.79  ? 131 TRP A NE1 1 
ATOM   581  C  CE2 . TRP A 1 82  ? 13.350  19.051  -2.820  1.00 28.98  ? 131 TRP A CE2 1 
ATOM   582  C  CE3 . TRP A 1 82  ? 13.862  16.667  -2.921  1.00 26.69  ? 131 TRP A CE3 1 
ATOM   583  C  CZ2 . TRP A 1 82  ? 14.237  19.339  -3.865  1.00 29.14  ? 131 TRP A CZ2 1 
ATOM   584  C  CZ3 . TRP A 1 82  ? 14.739  16.960  -3.969  1.00 30.41  ? 131 TRP A CZ3 1 
ATOM   585  C  CH2 . TRP A 1 82  ? 14.916  18.289  -4.427  1.00 31.38  ? 131 TRP A CH2 1 
ATOM   586  N  N   . TRP A 1 83  ? 10.880  15.284  -3.032  1.00 22.53  ? 132 TRP A N   1 
ATOM   587  C  CA  . TRP A 1 83  ? 10.950  15.295  -4.491  1.00 22.31  ? 132 TRP A CA  1 
ATOM   588  C  C   . TRP A 1 83  ? 9.585   15.097  -5.175  1.00 23.45  ? 132 TRP A C   1 
ATOM   589  O  O   . TRP A 1 83  ? 9.241   15.769  -6.166  1.00 21.84  ? 132 TRP A O   1 
ATOM   590  C  CB  . TRP A 1 83  ? 12.013  14.306  -4.997  1.00 22.99  ? 132 TRP A CB  1 
ATOM   591  C  CG  . TRP A 1 83  ? 12.227  14.477  -6.499  1.00 21.79  ? 132 TRP A CG  1 
ATOM   592  C  CD1 . TRP A 1 83  ? 13.087  15.354  -7.119  1.00 24.81  ? 132 TRP A CD1 1 
ATOM   593  C  CD2 . TRP A 1 83  ? 11.525  13.791  -7.534  1.00 25.19  ? 132 TRP A CD2 1 
ATOM   594  N  NE1 . TRP A 1 83  ? 12.965  15.237  -8.493  1.00 25.14  ? 132 TRP A NE1 1 
ATOM   595  C  CE2 . TRP A 1 83  ? 12.012  14.287  -8.774  1.00 25.87  ? 132 TRP A CE2 1 
ATOM   596  C  CE3 . TRP A 1 83  ? 10.530  12.799  -7.540  1.00 23.71  ? 132 TRP A CE3 1 
ATOM   597  C  CZ2 . TRP A 1 83  ? 11.555  13.807  -10.005 1.00 26.60  ? 132 TRP A CZ2 1 
ATOM   598  C  CZ3 . TRP A 1 83  ? 10.070  12.314  -8.784  1.00 25.93  ? 132 TRP A CZ3 1 
ATOM   599  C  CH2 . TRP A 1 83  ? 10.579  12.832  -9.989  1.00 27.27  ? 132 TRP A CH2 1 
ATOM   600  N  N   . ALA A 1 84  ? 8.781   14.192  -4.621  1.00 22.93  ? 133 ALA A N   1 
ATOM   601  C  CA  . ALA A 1 84  ? 7.503   13.856  -5.203  1.00 24.69  ? 133 ALA A CA  1 
ATOM   602  C  C   . ALA A 1 84  ? 6.362   14.768  -4.754  1.00 26.15  ? 133 ALA A C   1 
ATOM   603  O  O   . ALA A 1 84  ? 5.244   14.643  -5.264  1.00 26.20  ? 133 ALA A O   1 
ATOM   604  C  CB  . ALA A 1 84  ? 7.143   12.367  -4.926  1.00 23.45  ? 133 ALA A CB  1 
ATOM   605  N  N   . GLY A 1 85  ? 6.645   15.697  -3.829  1.00 26.46  ? 134 GLY A N   1 
ATOM   606  C  CA  . GLY A 1 85  ? 5.624   16.639  -3.384  1.00 28.14  ? 134 GLY A CA  1 
ATOM   607  C  C   . GLY A 1 85  ? 4.613   15.997  -2.439  1.00 28.43  ? 134 GLY A C   1 
ATOM   608  O  O   . GLY A 1 85  ? 3.426   16.342  -2.472  1.00 29.14  ? 134 GLY A O   1 
ATOM   609  N  N   . ILE A 1 86  ? 5.085   15.064  -1.606  1.00 27.94  ? 135 ILE A N   1 
ATOM   610  C  CA  . ILE A 1 86  ? 4.233   14.333  -0.646  1.00 28.43  ? 135 ILE A CA  1 
ATOM   611  C  C   . ILE A 1 86  ? 4.383   14.933  0.759   1.00 29.73  ? 135 ILE A C   1 
ATOM   612  O  O   . ILE A 1 86  ? 5.487   15.264  1.171   1.00 28.12  ? 135 ILE A O   1 
ATOM   613  C  CB  . ILE A 1 86  ? 4.657   12.824  -0.528  1.00 27.64  ? 135 ILE A CB  1 
ATOM   614  C  CG1 . ILE A 1 86  ? 4.558   12.160  -1.909  1.00 29.53  ? 135 ILE A CG1 1 
ATOM   615  C  CG2 . ILE A 1 86  ? 3.829   12.056  0.589   1.00 28.71  ? 135 ILE A CG2 1 
ATOM   616  C  CD1 . ILE A 1 86  ? 5.058   10.685  -1.920  1.00 31.81  ? 135 ILE A CD1 1 
ATOM   617  N  N   . LYS A 1 87  ? 3.281   15.037  1.489   1.00 31.96  ? 136 LYS A N   1 
ATOM   618  C  CA  . LYS A 1 87  ? 3.366   15.440  2.899   1.00 35.99  ? 136 LYS A CA  1 
ATOM   619  C  C   . LYS A 1 87  ? 2.912   14.294  3.778   1.00 37.09  ? 136 LYS A C   1 
ATOM   620  O  O   . LYS A 1 87  ? 2.237   13.392  3.325   1.00 35.42  ? 136 LYS A O   1 
ATOM   621  C  CB  . LYS A 1 87  ? 2.548   16.708  3.162   1.00 36.59  ? 136 LYS A CB  1 
ATOM   622  C  CG  . LYS A 1 87  ? 3.041   17.925  2.363   1.00 40.02  ? 136 LYS A CG  1 
ATOM   623  C  CD  . LYS A 1 87  ? 2.386   19.238  2.817   1.00 47.99  ? 136 LYS A CD  1 
ATOM   624  C  CE  . LYS A 1 87  ? 2.351   20.295  1.678   1.00 51.66  ? 136 LYS A CE  1 
ATOM   625  N  NZ  . LYS A 1 87  ? 3.719   20.844  1.295   1.00 54.14  ? 136 LYS A NZ  1 
ATOM   626  N  N   . GLN A 1 88  ? 3.355   14.290  5.026   1.00 40.63  ? 137 GLN A N   1 
ATOM   627  C  CA  . GLN A 1 88  ? 2.858   13.314  5.977   1.00 43.97  ? 137 GLN A CA  1 
ATOM   628  C  C   . GLN A 1 88  ? 1.440   13.699  6.419   1.00 47.01  ? 137 GLN A C   1 
ATOM   629  O  O   . GLN A 1 88  ? 1.116   14.889  6.597   1.00 47.26  ? 137 GLN A O   1 
ATOM   630  C  CB  . GLN A 1 88  ? 3.825   13.180  7.158   1.00 44.44  ? 137 GLN A CB  1 
ATOM   631  C  CG  . GLN A 1 88  ? 3.413   12.177  8.236   1.00 44.04  ? 137 GLN A CG  1 
ATOM   632  C  CD  . GLN A 1 88  ? 4.607   11.627  9.026   1.00 43.81  ? 137 GLN A CD  1 
ATOM   633  O  OE1 . GLN A 1 88  ? 5.734   12.148  8.962   1.00 45.86  ? 137 GLN A OE1 1 
ATOM   634  N  NE2 . GLN A 1 88  ? 4.369   10.537  9.738   1.00 42.00  ? 137 GLN A NE2 1 
ATOM   635  N  N   . GLU A 1 89  ? 0.589   12.682  6.544   1.00 50.33  ? 138 GLU A N   1 
ATOM   636  C  CA  . GLU A 1 89  ? -0.753  12.835  7.099   1.00 53.85  ? 138 GLU A CA  1 
ATOM   637  C  C   . GLU A 1 89  ? -0.629  12.478  8.566   1.00 55.88  ? 138 GLU A C   1 
ATOM   638  O  O   . GLU A 1 89  ? -0.189  11.380  8.910   1.00 56.07  ? 138 GLU A O   1 
ATOM   639  C  CB  . GLU A 1 89  ? -1.740  11.877  6.392   1.00 53.69  ? 138 GLU A CB  1 
ATOM   640  C  CG  . GLU A 1 89  ? -3.214  11.955  6.825   1.00 54.89  ? 138 GLU A CG  1 
ATOM   641  C  CD  . GLU A 1 89  ? -3.929  13.210  6.311   1.00 56.96  ? 138 GLU A CD  1 
ATOM   642  O  OE1 . GLU A 1 89  ? -4.022  13.405  5.070   1.00 55.42  ? 138 GLU A OE1 1 
ATOM   643  O  OE2 . GLU A 1 89  ? -4.400  14.001  7.159   1.00 56.61  ? 138 GLU A OE2 1 
ATOM   644  N  N   . PHE A 1 90  ? -0.972  13.431  9.424   1.00 59.17  ? 139 PHE A N   1 
ATOM   645  C  CA  . PHE A 1 90  ? -1.021  13.189  10.867  1.00 62.18  ? 139 PHE A CA  1 
ATOM   646  C  C   . PHE A 1 90  ? -2.492  13.056  11.312  1.00 63.67  ? 139 PHE A C   1 
ATOM   647  O  O   . PHE A 1 90  ? -2.805  12.301  12.244  1.00 64.10  ? 139 PHE A O   1 
ATOM   648  C  CB  . PHE A 1 90  ? -0.346  14.321  11.670  1.00 62.75  ? 139 PHE A CB  1 
ATOM   649  C  CG  . PHE A 1 90  ? 0.968   14.822  11.092  1.00 64.32  ? 139 PHE A CG  1 
ATOM   650  C  CD1 . PHE A 1 90  ? 2.176   14.175  11.385  1.00 65.14  ? 139 PHE A CD1 1 
ATOM   651  C  CD2 . PHE A 1 90  ? 1.002   15.983  10.303  1.00 65.29  ? 139 PHE A CD2 1 
ATOM   652  C  CE1 . PHE A 1 90  ? 3.394   14.660  10.869  1.00 65.37  ? 139 PHE A CE1 1 
ATOM   653  C  CE2 . PHE A 1 90  ? 2.213   16.477  9.782   1.00 64.80  ? 139 PHE A CE2 1 
ATOM   654  C  CZ  . PHE A 1 90  ? 3.408   15.815  10.064  1.00 65.29  ? 139 PHE A CZ  1 
ATOM   655  N  N   . GLY A 1 91  ? -3.380  13.772  10.614  1.00 65.04  ? 140 GLY A N   1 
ATOM   656  C  CA  . GLY A 1 91  ? -4.807  13.870  10.963  1.00 66.98  ? 140 GLY A CA  1 
ATOM   657  C  C   . GLY A 1 91  ? -5.771  12.706  10.716  1.00 68.04  ? 140 GLY A C   1 
ATOM   658  O  O   . GLY A 1 91  ? -6.994  12.926  10.614  1.00 68.49  ? 140 GLY A O   1 
ATOM   659  N  N   . ILE A 1 92  ? -5.252  11.479  10.617  1.00 68.68  ? 141 ILE A N   1 
ATOM   660  C  CA  . ILE A 1 92  ? -6.110  10.283  10.673  1.00 69.21  ? 141 ILE A CA  1 
ATOM   661  C  C   . ILE A 1 92  ? -6.285  9.843   12.137  1.00 69.50  ? 141 ILE A C   1 
ATOM   662  O  O   . ILE A 1 92  ? -5.319  9.810   12.906  1.00 69.47  ? 141 ILE A O   1 
ATOM   663  C  CB  . ILE A 1 92  ? -5.565  9.101   9.808   1.00 69.37  ? 141 ILE A CB  1 
ATOM   664  C  CG1 . ILE A 1 92  ? -5.873  9.337   8.318   1.00 69.62  ? 141 ILE A CG1 1 
ATOM   665  C  CG2 . ILE A 1 92  ? -6.131  7.748   10.298  1.00 69.26  ? 141 ILE A CG2 1 
ATOM   666  C  CD1 . ILE A 1 92  ? -5.306  8.289   7.364   1.00 68.56  ? 141 ILE A CD1 1 
ATOM   667  N  N   . GLU A 1 103 ? -9.323  -2.446  8.227   1.00 73.79  ? 152 GLU A N   1 
ATOM   668  C  CA  . GLU A 1 103 ? -7.995  -2.102  8.743   1.00 74.03  ? 152 GLU A CA  1 
ATOM   669  C  C   . GLU A 1 103 ? -7.791  -2.485  10.217  1.00 73.87  ? 152 GLU A C   1 
ATOM   670  O  O   . GLU A 1 103 ? -8.576  -2.091  11.084  1.00 73.91  ? 152 GLU A O   1 
ATOM   671  C  CB  . GLU A 1 103 ? -7.658  -0.623  8.504   1.00 74.09  ? 152 GLU A CB  1 
ATOM   672  C  CG  . GLU A 1 103 ? -7.196  -0.320  7.076   1.00 74.78  ? 152 GLU A CG  1 
ATOM   673  C  CD  . GLU A 1 103 ? -6.226  0.858   6.985   1.00 75.69  ? 152 GLU A CD  1 
ATOM   674  O  OE1 . GLU A 1 103 ? -5.361  1.008   7.877   1.00 75.52  ? 152 GLU A OE1 1 
ATOM   675  O  OE2 . GLU A 1 103 ? -6.315  1.629   6.005   1.00 75.32  ? 152 GLU A OE2 1 
ATOM   676  N  N   . SER A 1 104 ? -6.716  -3.219  10.514  1.00 73.47  ? 153 SER A N   1 
ATOM   677  C  CA  . SER A 1 104 ? -5.648  -3.513  9.554   1.00 72.81  ? 153 SER A CA  1 
ATOM   678  C  C   . SER A 1 104 ? -6.135  -4.302  8.337   1.00 72.08  ? 153 SER A C   1 
ATOM   679  O  O   . SER A 1 104 ? -6.927  -5.248  8.464   1.00 72.14  ? 153 SER A O   1 
ATOM   680  C  CB  . SER A 1 104 ? -4.489  -4.253  10.244  1.00 72.90  ? 153 SER A CB  1 
ATOM   681  O  OG  . SER A 1 104 ? -4.871  -5.567  10.619  1.00 72.95  ? 153 SER A OG  1 
ATOM   682  N  N   . MET A 1 105 ? -5.678  -3.880  7.156   1.00 70.84  ? 154 MET A N   1 
ATOM   683  C  CA  . MET A 1 105 ? -5.820  -4.696  5.963   1.00 69.33  ? 154 MET A CA  1 
ATOM   684  C  C   . MET A 1 105 ? -4.758  -5.759  6.070   1.00 68.08  ? 154 MET A C   1 
ATOM   685  O  O   . MET A 1 105 ? -4.895  -6.860  5.558   1.00 68.04  ? 154 MET A O   1 
ATOM   686  C  CB  . MET A 1 105 ? -5.629  -3.874  4.698   1.00 69.97  ? 154 MET A CB  1 
ATOM   687  C  CG  . MET A 1 105 ? -6.623  -4.243  3.592   1.00 70.36  ? 154 MET A CG  1 
ATOM   688  S  SD  . MET A 1 105 ? -8.144  -3.268  3.643   1.00 73.50  ? 154 MET A SD  1 
ATOM   689  C  CE  . MET A 1 105 ? -9.030  -3.947  5.070   1.00 72.51  ? 154 MET A CE  1 
ATOM   690  N  N   . ASN A 1 106 ? -3.706  -5.427  6.797   1.00 66.59  ? 155 ASN A N   1 
ATOM   691  C  CA  . ASN A 1 106 ? -2.621  -6.357  7.035   1.00 65.30  ? 155 ASN A CA  1 
ATOM   692  C  C   . ASN A 1 106 ? -3.088  -7.688  7.683   1.00 64.12  ? 155 ASN A C   1 
ATOM   693  O  O   . ASN A 1 106 ? -2.394  -8.705  7.591   1.00 64.15  ? 155 ASN A O   1 
ATOM   694  C  CB  . ASN A 1 106 ? -1.477  -5.631  7.767   1.00 65.33  ? 155 ASN A CB  1 
ATOM   695  C  CG  . ASN A 1 106 ? -0.926  -4.416  6.953   1.00 65.42  ? 155 ASN A CG  1 
ATOM   696  O  OD1 . ASN A 1 106 ? -1.655  -3.770  6.179   1.00 63.36  ? 155 ASN A OD1 1 
ATOM   697  N  ND2 . ASN A 1 106 ? 0.353   -4.113  7.136   1.00 65.64  ? 155 ASN A ND2 1 
ATOM   698  N  N   . LYS A 1 107 ? -4.284  -7.677  8.283   1.00 62.40  ? 156 LYS A N   1 
ATOM   699  C  CA  . LYS A 1 107 ? -4.969  -8.910  8.711   1.00 60.37  ? 156 LYS A CA  1 
ATOM   700  C  C   . LYS A 1 107 ? -5.659  -9.638  7.536   1.00 58.54  ? 156 LYS A C   1 
ATOM   701  O  O   . LYS A 1 107 ? -5.398  -10.818 7.307   1.00 58.67  ? 156 LYS A O   1 
ATOM   702  C  CB  . LYS A 1 107 ? -5.976  -8.645  9.852   1.00 60.88  ? 156 LYS A CB  1 
ATOM   703  C  CG  . LYS A 1 107 ? -7.365  -8.106  9.425   1.00 61.24  ? 156 LYS A CG  1 
ATOM   704  C  CD  . LYS A 1 107 ? -8.450  -8.520  10.433  1.00 64.55  ? 156 LYS A CD  1 
ATOM   705  C  CE  . LYS A 1 107 ? -9.832  -7.977  10.061  1.00 65.00  ? 156 LYS A CE  1 
ATOM   706  N  NZ  . LYS A 1 107 ? -9.970  -6.502  10.294  1.00 64.79  ? 156 LYS A NZ  1 
ATOM   707  N  N   . GLU A 1 108 ? -6.549  -8.935  6.830   1.00 55.99  ? 157 GLU A N   1 
ATOM   708  C  CA  . GLU A 1 108 ? -7.303  -9.472  5.701   1.00 53.87  ? 157 GLU A CA  1 
ATOM   709  C  C   . GLU A 1 108 ? -6.406  -9.894  4.511   1.00 51.92  ? 157 GLU A C   1 
ATOM   710  O  O   . GLU A 1 108 ? -6.702  -10.860 3.806   1.00 50.99  ? 157 GLU A O   1 
ATOM   711  C  CB  . GLU A 1 108 ? -8.393  -8.458  5.286   1.00 54.81  ? 157 GLU A CB  1 
ATOM   712  C  CG  . GLU A 1 108 ? -8.507  -8.096  3.788   1.00 56.39  ? 157 GLU A CG  1 
ATOM   713  C  CD  . GLU A 1 108 ? -9.480  -8.966  2.986   1.00 60.47  ? 157 GLU A CD  1 
ATOM   714  O  OE1 . GLU A 1 108 ? -10.060 -9.917  3.563   1.00 61.23  ? 157 GLU A OE1 1 
ATOM   715  O  OE2 . GLU A 1 108 ? -9.662  -8.690  1.763   1.00 60.48  ? 157 GLU A OE2 1 
ATOM   716  N  N   . LEU A 1 109 ? -5.307  -9.174  4.306   1.00 49.03  ? 158 LEU A N   1 
ATOM   717  C  CA  . LEU A 1 109 ? -4.378  -9.504  3.235   1.00 46.42  ? 158 LEU A CA  1 
ATOM   718  C  C   . LEU A 1 109 ? -3.544  -10.690 3.720   1.00 44.61  ? 158 LEU A C   1 
ATOM   719  O  O   . LEU A 1 109 ? -3.229  -11.611 2.963   1.00 41.86  ? 158 LEU A O   1 
ATOM   720  C  CB  . LEU A 1 109 ? -3.527  -8.275  2.873   1.00 47.06  ? 158 LEU A CB  1 
ATOM   721  C  CG  . LEU A 1 109 ? -2.609  -8.273  1.640   1.00 48.00  ? 158 LEU A CG  1 
ATOM   722  C  CD1 . LEU A 1 109 ? -1.422  -9.159  1.852   1.00 50.49  ? 158 LEU A CD1 1 
ATOM   723  C  CD2 . LEU A 1 109 ? -3.336  -8.627  0.345   1.00 46.10  ? 158 LEU A CD2 1 
ATOM   724  N  N   . LYS A 1 110 ? -3.233  -10.694 5.016   1.00 42.76  ? 159 LYS A N   1 
ATOM   725  C  CA  . LYS A 1 110 ? -2.547  -11.824 5.605   1.00 41.80  ? 159 LYS A CA  1 
ATOM   726  C  C   . LYS A 1 110 ? -3.450  -13.071 5.514   1.00 40.05  ? 159 LYS A C   1 
ATOM   727  O  O   . LYS A 1 110 ? -2.961  -14.176 5.354   1.00 39.65  ? 159 LYS A O   1 
ATOM   728  C  CB  . LYS A 1 110 ? -2.217  -11.534 7.076   1.00 43.01  ? 159 LYS A CB  1 
ATOM   729  C  CG  . LYS A 1 110 ? -0.963  -12.223 7.575   1.00 45.21  ? 159 LYS A CG  1 
ATOM   730  C  CD  . LYS A 1 110 ? 0.252   -11.281 7.541   1.00 48.31  ? 159 LYS A CD  1 
ATOM   731  C  CE  . LYS A 1 110 ? 0.426   -10.476 8.846   1.00 47.73  ? 159 LYS A CE  1 
ATOM   732  N  NZ  . LYS A 1 110 ? 1.619   -10.900 9.650   1.00 47.81  ? 159 LYS A NZ  1 
ATOM   733  N  N   . LYS A 1 111 ? -4.761  -12.875 5.615   1.00 39.31  ? 160 LYS A N   1 
ATOM   734  C  CA  . LYS A 1 111 ? -5.720  -13.988 5.538   1.00 38.42  ? 160 LYS A CA  1 
ATOM   735  C  C   . LYS A 1 111 ? -5.669  -14.570 4.127   1.00 37.17  ? 160 LYS A C   1 
ATOM   736  O  O   . LYS A 1 111 ? -5.524  -15.778 3.959   1.00 37.05  ? 160 LYS A O   1 
ATOM   737  C  CB  . LYS A 1 111 ? -7.125  -13.489 5.810   1.00 38.99  ? 160 LYS A CB  1 
ATOM   738  C  CG  . LYS A 1 111 ? -8.165  -14.590 5.836   1.00 43.01  ? 160 LYS A CG  1 
ATOM   739  C  CD  . LYS A 1 111 ? -9.556  -14.053 5.510   1.00 48.00  ? 160 LYS A CD  1 
ATOM   740  C  CE  . LYS A 1 111 ? -10.077 -13.079 6.562   1.00 50.70  ? 160 LYS A CE  1 
ATOM   741  N  NZ  . LYS A 1 111 ? -11.543 -12.861 6.374   1.00 53.10  ? 160 LYS A NZ  1 
ATOM   742  N  N   . ILE A 1 112 ? -5.768  -13.699 3.121   1.00 35.40  ? 161 ILE A N   1 
ATOM   743  C  CA  . ILE A 1 112 ? -5.682  -14.149 1.725   1.00 33.95  ? 161 ILE A CA  1 
ATOM   744  C  C   . ILE A 1 112 ? -4.332  -14.814 1.448   1.00 32.57  ? 161 ILE A C   1 
ATOM   745  O  O   . ILE A 1 112 ? -4.257  -15.912 0.863   1.00 31.56  ? 161 ILE A O   1 
ATOM   746  C  CB  . ILE A 1 112 ? -5.983  -13.016 0.712   1.00 34.19  ? 161 ILE A CB  1 
ATOM   747  C  CG1 . ILE A 1 112 ? -7.346  -12.360 1.028   1.00 35.94  ? 161 ILE A CG1 1 
ATOM   748  C  CG2 . ILE A 1 112 ? -5.858  -13.556 -0.739  1.00 32.93  ? 161 ILE A CG2 1 
ATOM   749  C  CD1 . ILE A 1 112 ? -7.762  -11.242 0.076   1.00 36.78  ? 161 ILE A CD1 1 
ATOM   750  N  N   . ILE A 1 113 ? -3.240  -14.184 1.898   1.00 31.75  ? 162 ILE A N   1 
ATOM   751  C  CA  . ILE A 1 113 ? -1.918  -14.816 1.707   1.00 31.30  ? 162 ILE A CA  1 
ATOM   752  C  C   . ILE A 1 113 ? -1.890  -16.253 2.229   1.00 32.70  ? 162 ILE A C   1 
ATOM   753  O  O   . ILE A 1 113 ? -1.364  -17.157 1.560   1.00 32.79  ? 162 ILE A O   1 
ATOM   754  C  CB  . ILE A 1 113 ? -0.741  -13.986 2.331   1.00 31.12  ? 162 ILE A CB  1 
ATOM   755  C  CG1 . ILE A 1 113 ? -0.517  -12.709 1.537   1.00 29.65  ? 162 ILE A CG1 1 
ATOM   756  C  CG2 . ILE A 1 113 ? 0.578   -14.800 2.328   1.00 31.34  ? 162 ILE A CG2 1 
ATOM   757  C  CD1 . ILE A 1 113 ? 0.244   -11.620 2.330   1.00 32.65  ? 162 ILE A CD1 1 
ATOM   758  N  N   . GLY A 1 114 ? -2.420  -16.457 3.441   1.00 33.94  ? 163 GLY A N   1 
ATOM   759  C  CA  . GLY A 1 114 ? -2.532  -17.821 4.015   1.00 35.46  ? 163 GLY A CA  1 
ATOM   760  C  C   . GLY A 1 114 ? -3.323  -18.765 3.119   1.00 35.58  ? 163 GLY A C   1 
ATOM   761  O  O   . GLY A 1 114 ? -2.907  -19.913 2.884   1.00 36.24  ? 163 GLY A O   1 
ATOM   762  N  N   . GLN A 1 115 ? -4.442  -18.266 2.583   1.00 36.28  ? 164 GLN A N   1 
ATOM   763  C  CA  . GLN A 1 115 ? -5.312  -19.060 1.688   1.00 37.02  ? 164 GLN A CA  1 
ATOM   764  C  C   . GLN A 1 115 ? -4.653  -19.545 0.394   1.00 36.97  ? 164 GLN A C   1 
ATOM   765  O  O   . GLN A 1 115 ? -4.949  -20.648 -0.083  1.00 36.44  ? 164 GLN A O   1 
ATOM   766  C  CB  . GLN A 1 115 ? -6.620  -18.323 1.395   1.00 37.68  ? 164 GLN A CB  1 
ATOM   767  C  CG  . GLN A 1 115 ? -7.491  -18.144 2.623   1.00 40.70  ? 164 GLN A CG  1 
ATOM   768  C  CD  . GLN A 1 115 ? -8.687  -17.255 2.394   1.00 45.56  ? 164 GLN A CD  1 
ATOM   769  O  OE1 . GLN A 1 115 ? -8.693  -16.378 1.513   1.00 47.39  ? 164 GLN A OE1 1 
ATOM   770  N  NE2 . GLN A 1 115 ? -9.720  -17.470 3.188   1.00 48.16  ? 164 GLN A NE2 1 
ATOM   771  N  N   . VAL A 1 116 ? -3.729  -18.749 -0.157  1.00 35.95  ? 165 VAL A N   1 
ATOM   772  C  CA  . VAL A 1 116 ? -3.089  -19.102 -1.426  1.00 34.99  ? 165 VAL A CA  1 
ATOM   773  C  C   . VAL A 1 116 ? -1.654  -19.597 -1.272  1.00 34.80  ? 165 VAL A C   1 
ATOM   774  O  O   . VAL A 1 116 ? -1.008  -19.952 -2.245  1.00 33.60  ? 165 VAL A O   1 
ATOM   775  C  CB  . VAL A 1 116 ? -3.108  -17.882 -2.418  1.00 34.70  ? 165 VAL A CB  1 
ATOM   776  C  CG1 . VAL A 1 116 ? -4.485  -17.395 -2.622  1.00 34.13  ? 165 VAL A CG1 1 
ATOM   777  C  CG2 . VAL A 1 116 ? -2.195  -16.732 -1.914  1.00 34.76  ? 165 VAL A CG2 1 
ATOM   778  N  N   . ARG A 1 117 ? -1.129  -19.604 -0.048  1.00 35.95  ? 166 ARG A N   1 
ATOM   779  C  CA  . ARG A 1 117 ? 0.315   -19.761 0.145   1.00 36.10  ? 166 ARG A CA  1 
ATOM   780  C  C   . ARG A 1 117 ? 0.940   -20.992 -0.476  1.00 37.48  ? 166 ARG A C   1 
ATOM   781  O  O   . ARG A 1 117 ? 2.081   -20.944 -0.931  1.00 35.90  ? 166 ARG A O   1 
ATOM   782  C  CB  . ARG A 1 117 ? 0.700   -19.734 1.636   1.00 36.62  ? 166 ARG A CB  1 
ATOM   783  C  CG  . ARG A 1 117 ? 2.214   -19.882 1.859   1.00 35.75  ? 166 ARG A CG  1 
ATOM   784  C  CD  . ARG A 1 117 ? 2.969   -18.574 1.461   1.00 35.01  ? 166 ARG A CD  1 
ATOM   785  N  NE  . ARG A 1 117 ? 4.427   -18.702 1.552   1.00 33.25  ? 166 ARG A NE  1 
ATOM   786  C  CZ  . ARG A 1 117 ? 5.209   -19.208 0.603   1.00 34.01  ? 166 ARG A CZ  1 
ATOM   787  N  NH1 . ARG A 1 117 ? 4.699   -19.640 -0.542  1.00 34.90  ? 166 ARG A NH1 1 
ATOM   788  N  NH2 . ARG A 1 117 ? 6.510   -19.267 0.786   1.00 32.42  ? 166 ARG A NH2 1 
ATOM   789  N  N   . ASP A 1 118 ? 0.217   -22.104 -0.447  1.00 38.43  ? 167 ASP A N   1 
ATOM   790  C  CA  . ASP A 1 118 ? 0.755   -23.372 -0.918  1.00 40.68  ? 167 ASP A CA  1 
ATOM   791  C  C   . ASP A 1 118 ? 0.748   -23.458 -2.445  1.00 40.65  ? 167 ASP A C   1 
ATOM   792  O  O   . ASP A 1 118 ? 1.379   -24.352 -3.025  1.00 41.42  ? 167 ASP A O   1 
ATOM   793  C  CB  . ASP A 1 118 ? -0.054  -24.546 -0.323  1.00 42.07  ? 167 ASP A CB  1 
ATOM   794  C  CG  . ASP A 1 118 ? -1.439  -24.682 -0.950  1.00 46.00  ? 167 ASP A CG  1 
ATOM   795  O  OD1 . ASP A 1 118 ? -2.234  -23.714 -0.945  1.00 50.70  ? 167 ASP A OD1 1 
ATOM   796  O  OD2 . ASP A 1 118 ? -1.733  -25.772 -1.475  1.00 53.35  ? 167 ASP A OD2 1 
ATOM   797  N  N   . GLN A 1 119 ? 0.051   -22.517 -3.083  1.00 40.18  ? 168 GLN A N   1 
ATOM   798  C  CA  . GLN A 1 119 ? -0.045  -22.462 -4.546  1.00 40.25  ? 168 GLN A CA  1 
ATOM   799  C  C   . GLN A 1 119 ? 1.175   -21.819 -5.213  1.00 38.83  ? 168 GLN A C   1 
ATOM   800  O  O   . GLN A 1 119 ? 1.244   -21.740 -6.447  1.00 39.03  ? 168 GLN A O   1 
ATOM   801  C  CB  . GLN A 1 119 ? -1.320  -21.733 -4.982  1.00 40.38  ? 168 GLN A CB  1 
ATOM   802  C  CG  . GLN A 1 119 ? -2.629  -22.303 -4.415  1.00 44.94  ? 168 GLN A CG  1 
ATOM   803  C  CD  . GLN A 1 119 ? -3.838  -21.446 -4.748  1.00 51.37  ? 168 GLN A CD  1 
ATOM   804  O  OE1 . GLN A 1 119 ? -4.775  -21.329 -3.948  1.00 52.88  ? 168 GLN A OE1 1 
ATOM   805  N  NE2 . GLN A 1 119 ? -3.827  -20.825 -5.940  1.00 54.10  ? 168 GLN A NE2 1 
ATOM   806  N  N   . ALA A 1 120 ? 2.127   -21.352 -4.411  1.00 36.53  ? 169 ALA A N   1 
ATOM   807  C  CA  . ALA A 1 120 ? 3.324   -20.712 -4.957  1.00 35.22  ? 169 ALA A CA  1 
ATOM   808  C  C   . ALA A 1 120 ? 4.476   -21.090 -4.113  1.00 34.75  ? 169 ALA A C   1 
ATOM   809  O  O   . ALA A 1 120 ? 4.311   -21.330 -2.898  1.00 34.17  ? 169 ALA A O   1 
ATOM   810  C  CB  . ALA A 1 120 ? 3.170   -19.157 -4.956  1.00 35.25  ? 169 ALA A CB  1 
ATOM   811  N  N   . GLU A 1 121 ? 5.649   -21.117 -4.737  1.00 33.95  ? 170 GLU A N   1 
ATOM   812  C  CA  . GLU A 1 121 ? 6.894   -21.351 -4.023  1.00 34.04  ? 170 GLU A CA  1 
ATOM   813  C  C   . GLU A 1 121 ? 7.318   -20.190 -3.115  1.00 34.01  ? 170 GLU A C   1 
ATOM   814  O  O   . GLU A 1 121 ? 7.521   -20.386 -1.898  1.00 33.03  ? 170 GLU A O   1 
ATOM   815  C  CB  . GLU A 1 121 ? 8.016   -21.630 -4.994  1.00 34.89  ? 170 GLU A CB  1 
ATOM   816  C  CG  . GLU A 1 121 ? 9.351   -21.866 -4.276  1.00 37.53  ? 170 GLU A CG  1 
ATOM   817  C  CD  . GLU A 1 121 ? 10.452  -22.302 -5.186  1.00 41.12  ? 170 GLU A CD  1 
ATOM   818  O  OE1 . GLU A 1 121 ? 11.625  -22.208 -4.757  1.00 44.67  ? 170 GLU A OE1 1 
ATOM   819  O  OE2 . GLU A 1 121 ? 10.166  -22.733 -6.323  1.00 43.57  ? 170 GLU A OE2 1 
ATOM   820  N  N   . HIS A 1 122 ? 7.492   -19.012 -3.723  1.00 31.80  ? 171 HIS A N   1 
ATOM   821  C  CA  . HIS A 1 122 ? 7.990   -17.815 -3.019  1.00 30.51  ? 171 HIS A CA  1 
ATOM   822  C  C   . HIS A 1 122 ? 6.904   -17.034 -2.330  1.00 29.38  ? 171 HIS A C   1 
ATOM   823  O  O   . HIS A 1 122 ? 5.792   -16.858 -2.897  1.00 28.44  ? 171 HIS A O   1 
ATOM   824  C  CB  . HIS A 1 122 ? 8.718   -16.907 -4.003  1.00 30.17  ? 171 HIS A CB  1 
ATOM   825  C  CG  . HIS A 1 122 ? 9.895   -17.550 -4.643  1.00 33.55  ? 171 HIS A CG  1 
ATOM   826  N  ND1 . HIS A 1 122 ? 9.999   -17.727 -6.007  1.00 36.92  ? 171 HIS A ND1 1 
ATOM   827  C  CD2 . HIS A 1 122 ? 11.009  -18.097 -4.104  1.00 35.19  ? 171 HIS A CD2 1 
ATOM   828  C  CE1 . HIS A 1 122 ? 11.134  -18.346 -6.278  1.00 34.70  ? 171 HIS A CE1 1 
ATOM   829  N  NE2 . HIS A 1 122 ? 11.769  -18.567 -5.139  1.00 38.97  ? 171 HIS A NE2 1 
ATOM   830  N  N   . LEU A 1 123 ? 7.198   -16.551 -1.111  1.00 26.86  ? 172 LEU A N   1 
ATOM   831  C  CA  . LEU A 1 123 ? 6.245   -15.689 -0.434  1.00 27.31  ? 172 LEU A CA  1 
ATOM   832  C  C   . LEU A 1 123 ? 5.825   -14.511 -1.309  1.00 24.81  ? 172 LEU A C   1 
ATOM   833  O  O   . LEU A 1 123 ? 4.660   -14.154 -1.323  1.00 24.47  ? 172 LEU A O   1 
ATOM   834  C  CB  . LEU A 1 123 ? 6.777   -15.177 0.919   1.00 27.71  ? 172 LEU A CB  1 
ATOM   835  C  CG  . LEU A 1 123 ? 5.935   -14.137 1.670   1.00 28.60  ? 172 LEU A CG  1 
ATOM   836  C  CD1 . LEU A 1 123 ? 4.552   -14.622 1.990   1.00 31.83  ? 172 LEU A CD1 1 
ATOM   837  C  CD2 . LEU A 1 123 ? 6.666   -13.639 2.978   1.00 32.76  ? 172 LEU A CD2 1 
ATOM   838  N  N   . LYS A 1 124 ? 6.783   -13.900 -2.008  1.00 24.90  ? 173 LYS A N   1 
ATOM   839  C  CA  . LYS A 1 124 ? 6.482   -12.693 -2.808  1.00 24.17  ? 173 LYS A CA  1 
ATOM   840  C  C   . LYS A 1 124 ? 5.431   -13.033 -3.853  1.00 23.30  ? 173 LYS A C   1 
ATOM   841  O  O   . LYS A 1 124 ? 4.590   -12.208 -4.184  1.00 23.42  ? 173 LYS A O   1 
ATOM   842  C  CB  . LYS A 1 124 ? 7.741   -12.084 -3.478  1.00 23.69  ? 173 LYS A CB  1 
ATOM   843  C  CG  . LYS A 1 124 ? 8.322   -12.890 -4.641  1.00 26.74  ? 173 LYS A CG  1 
ATOM   844  C  CD  . LYS A 1 124 ? 9.715   -12.305 -5.090  1.00 32.50  ? 173 LYS A CD  1 
ATOM   845  C  CE  . LYS A 1 124 ? 10.167  -12.933 -6.386  1.00 33.81  ? 173 LYS A CE  1 
ATOM   846  N  NZ  . LYS A 1 124 ? 11.500  -12.429 -6.824  1.00 38.36  ? 173 LYS A NZ  1 
ATOM   847  N  N   . THR A 1 125 ? 5.482   -14.248 -4.383  1.00 22.72  ? 174 THR A N   1 
ATOM   848  C  CA  . THR A 1 125 ? 4.487   -14.638 -5.387  1.00 22.90  ? 174 THR A CA  1 
ATOM   849  C  C   . THR A 1 125 ? 3.089   -14.726 -4.779  1.00 22.72  ? 174 THR A C   1 
ATOM   850  O  O   . THR A 1 125 ? 2.137   -14.206 -5.339  1.00 22.22  ? 174 THR A O   1 
ATOM   851  C  CB  . THR A 1 125 ? 4.855   -15.957 -6.029  1.00 23.09  ? 174 THR A CB  1 
ATOM   852  O  OG1 . THR A 1 125 ? 6.166   -15.816 -6.583  1.00 23.16  ? 174 THR A OG1 1 
ATOM   853  C  CG2 . THR A 1 125 ? 3.821   -16.306 -7.143  1.00 23.69  ? 174 THR A CG2 1 
ATOM   854  N  N   . ALA A 1 126 ? 2.982   -15.351 -3.599  1.00 22.49  ? 175 ALA A N   1 
ATOM   855  C  CA  . ALA A 1 126 ? 1.705   -15.394 -2.873  1.00 23.48  ? 175 ALA A CA  1 
ATOM   856  C  C   . ALA A 1 126 ? 1.155   -14.000 -2.498  1.00 22.89  ? 175 ALA A C   1 
ATOM   857  O  O   . ALA A 1 126 ? -0.055  -13.749 -2.525  1.00 23.80  ? 175 ALA A O   1 
ATOM   858  C  CB  . ALA A 1 126 ? 1.891   -16.259 -1.581  1.00 23.59  ? 175 ALA A CB  1 
ATOM   859  N  N   . VAL A 1 127 ? 2.070   -13.109 -2.127  1.00 23.13  ? 176 VAL A N   1 
ATOM   860  C  CA  . VAL A 1 127 ? 1.689   -11.732 -1.799  1.00 23.00  ? 176 VAL A CA  1 
ATOM   861  C  C   . VAL A 1 127 ? 0.993   -11.099 -2.996  1.00 21.23  ? 176 VAL A C   1 
ATOM   862  O  O   . VAL A 1 127 ? -0.081  -10.508 -2.861  1.00 21.51  ? 176 VAL A O   1 
ATOM   863  C  CB  . VAL A 1 127 ? 2.927   -10.918 -1.367  1.00 21.99  ? 176 VAL A CB  1 
ATOM   864  C  CG1 . VAL A 1 127 ? 2.595   -9.415  -1.335  1.00 23.40  ? 176 VAL A CG1 1 
ATOM   865  C  CG2 . VAL A 1 127 ? 3.495   -11.443 0.018   1.00 24.39  ? 176 VAL A CG2 1 
ATOM   866  N  N   . GLN A 1 128 ? 1.603   -11.226 -4.188  1.00 21.50  ? 177 GLN A N   1 
ATOM   867  C  CA  . GLN A 1 128 ? 1.014   -10.562 -5.341  1.00 20.96  ? 177 GLN A CA  1 
ATOM   868  C  C   . GLN A 1 128 ? -0.285  -11.250 -5.750  1.00 20.55  ? 177 GLN A C   1 
ATOM   869  O  O   . GLN A 1 128 ? -1.215  -10.571 -6.177  1.00 21.14  ? 177 GLN A O   1 
ATOM   870  C  CB  . GLN A 1 128 ? 1.993   -10.497 -6.508  1.00 20.51  ? 177 GLN A CB  1 
ATOM   871  C  CG  . GLN A 1 128 ? 3.340   -9.810  -6.110  1.00 20.16  ? 177 GLN A CG  1 
ATOM   872  C  CD  . GLN A 1 128 ? 3.140   -8.400  -5.627  1.00 22.09  ? 177 GLN A CD  1 
ATOM   873  O  OE1 . GLN A 1 128 ? 2.058   -7.805  -5.800  1.00 23.62  ? 177 GLN A OE1 1 
ATOM   874  N  NE2 . GLN A 1 128 ? 4.142   -7.871  -4.949  1.00 19.05  ? 177 GLN A NE2 1 
ATOM   875  N  N   . MET A 1 129 ? -0.359  -12.578 -5.563  1.00 21.17  ? 178 MET A N   1 
ATOM   876  C  CA  . MET A 1 129 ? -1.669  -13.257 -5.777  1.00 21.73  ? 178 MET A CA  1 
ATOM   877  C  C   . MET A 1 129 ? -2.708  -12.702 -4.825  1.00 20.98  ? 178 MET A C   1 
ATOM   878  O  O   . MET A 1 129 ? -3.839  -12.423 -5.224  1.00 22.64  ? 178 MET A O   1 
ATOM   879  C  CB  . MET A 1 129 ? -1.537  -14.765 -5.584  1.00 21.93  ? 178 MET A CB  1 
ATOM   880  C  CG  . MET A 1 129 ? -0.688  -15.450 -6.677  1.00 20.51  ? 178 MET A CG  1 
ATOM   881  S  SD  . MET A 1 129 ? -0.149  -17.123 -6.154  1.00 26.89  ? 178 MET A SD  1 
ATOM   882  C  CE  . MET A 1 129 ? -1.721  -17.931 -6.195  1.00 26.08  ? 178 MET A CE  1 
ATOM   883  N  N   . ALA A 1 130 ? -2.318  -12.471 -3.575  1.00 22.70  ? 179 ALA A N   1 
ATOM   884  C  CA  . ALA A 1 130 ? -3.288  -11.965 -2.603  1.00 22.66  ? 179 ALA A CA  1 
ATOM   885  C  C   . ALA A 1 130 ? -3.685  -10.533 -2.913  1.00 22.63  ? 179 ALA A C   1 
ATOM   886  O  O   . ALA A 1 130 ? -4.842  -10.140 -2.730  1.00 23.79  ? 179 ALA A O   1 
ATOM   887  C  CB  . ALA A 1 130 ? -2.708  -12.097 -1.182  1.00 22.37  ? 179 ALA A CB  1 
ATOM   888  N  N   . VAL A 1 131 ? -2.738  -9.714  -3.403  1.00 22.44  ? 180 VAL A N   1 
ATOM   889  C  CA  . VAL A 1 131 ? -3.074  -8.349  -3.805  1.00 21.56  ? 180 VAL A CA  1 
ATOM   890  C  C   . VAL A 1 131 ? -4.119  -8.331  -4.897  1.00 21.26  ? 180 VAL A C   1 
ATOM   891  O  O   . VAL A 1 131 ? -5.121  -7.597  -4.833  1.00 20.50  ? 180 VAL A O   1 
ATOM   892  C  CB  . VAL A 1 131 ? -1.789  -7.544  -4.264  1.00 22.12  ? 180 VAL A CB  1 
ATOM   893  C  CG1 . VAL A 1 131 ? -2.188  -6.216  -4.884  1.00 20.41  ? 180 VAL A CG1 1 
ATOM   894  C  CG2 . VAL A 1 131 ? -0.836  -7.329  -3.044  1.00 23.83  ? 180 VAL A CG2 1 
ATOM   895  N  N   . PHE A 1 132 ? -3.880  -9.155  -5.900  1.00 21.09  ? 181 PHE A N   1 
ATOM   896  C  CA  . PHE A 1 132 ? -4.769  -9.314  -7.049  1.00 21.79  ? 181 PHE A CA  1 
ATOM   897  C  C   . PHE A 1 132 ? -6.171  -9.742  -6.576  1.00 22.58  ? 181 PHE A C   1 
ATOM   898  O  O   . PHE A 1 132 ? -7.165  -9.108  -6.942  1.00 23.00  ? 181 PHE A O   1 
ATOM   899  C  CB  . PHE A 1 132 ? -4.167  -10.418 -7.950  1.00 21.49  ? 181 PHE A CB  1 
ATOM   900  C  CG  . PHE A 1 132 ? -5.014  -10.767 -9.174  1.00 24.93  ? 181 PHE A CG  1 
ATOM   901  C  CD1 . PHE A 1 132 ? -6.136  -11.619 -9.058  1.00 27.29  ? 181 PHE A CD1 1 
ATOM   902  C  CD2 . PHE A 1 132 ? -4.622  -10.346 -10.452 1.00 24.97  ? 181 PHE A CD2 1 
ATOM   903  C  CE1 . PHE A 1 132 ? -6.892  -11.979 -10.206 1.00 27.32  ? 181 PHE A CE1 1 
ATOM   904  C  CE2 . PHE A 1 132 ? -5.360  -10.717 -11.602 1.00 26.48  ? 181 PHE A CE2 1 
ATOM   905  C  CZ  . PHE A 1 132 ? -6.500  -11.541 -11.461 1.00 27.78  ? 181 PHE A CZ  1 
ATOM   906  N  N   . ILE A 1 133 ? -6.230  -10.796 -5.777  1.00 23.53  ? 182 ILE A N   1 
ATOM   907  C  CA  . ILE A 1 133 ? -7.542  -11.257 -5.215  1.00 25.39  ? 182 ILE A CA  1 
ATOM   908  C  C   . ILE A 1 133 ? -8.272  -10.150 -4.440  1.00 25.32  ? 182 ILE A C   1 
ATOM   909  O  O   . ILE A 1 133 ? -9.470  -9.842  -4.684  1.00 26.04  ? 182 ILE A O   1 
ATOM   910  C  CB  . ILE A 1 133 ? -7.305  -12.496 -4.332  1.00 25.20  ? 182 ILE A CB  1 
ATOM   911  C  CG1 . ILE A 1 133 ? -6.938  -13.672 -5.243  1.00 26.89  ? 182 ILE A CG1 1 
ATOM   912  C  CG2 . ILE A 1 133 ? -8.536  -12.793 -3.425  1.00 28.84  ? 182 ILE A CG2 1 
ATOM   913  C  CD1 . ILE A 1 133 ? -6.006  -14.638 -4.619  1.00 30.99  ? 182 ILE A CD1 1 
ATOM   914  N  N   . HIS A 1 134 ? -7.536  -9.489  -3.547  1.00 24.84  ? 183 HIS A N   1 
ATOM   915  C  CA  . HIS A 1 134 ? -8.110  -8.365  -2.817  1.00 25.54  ? 183 HIS A CA  1 
ATOM   916  C  C   . HIS A 1 134 ? -8.664  -7.258  -3.715  1.00 26.23  ? 183 HIS A C   1 
ATOM   917  O  O   . HIS A 1 134 ? -9.776  -6.773  -3.494  1.00 26.23  ? 183 HIS A O   1 
ATOM   918  C  CB  . HIS A 1 134 ? -7.073  -7.756  -1.863  1.00 26.01  ? 183 HIS A CB  1 
ATOM   919  C  CG  . HIS A 1 134 ? -7.611  -6.575  -1.134  1.00 28.54  ? 183 HIS A CG  1 
ATOM   920  N  ND1 . HIS A 1 134 ? -7.405  -5.284  -1.549  1.00 30.25  ? 183 HIS A ND1 1 
ATOM   921  C  CD2 . HIS A 1 134 ? -8.459  -6.505  -0.083  1.00 24.53  ? 183 HIS A CD2 1 
ATOM   922  C  CE1 . HIS A 1 134 ? -8.056  -4.452  -0.747  1.00 29.29  ? 183 HIS A CE1 1 
ATOM   923  N  NE2 . HIS A 1 134 ? -8.683  -5.174  0.164   1.00 32.83  ? 183 HIS A NE2 1 
ATOM   924  N  N   . ASN A 1 135 ? -7.877  -6.799  -4.695  1.00 23.83  ? 184 ASN A N   1 
ATOM   925  C  CA  . ASN A 1 135 ? -8.263  -5.649  -5.484  1.00 25.72  ? 184 ASN A CA  1 
ATOM   926  C  C   . ASN A 1 135 ? -9.398  -5.961  -6.445  1.00 26.80  ? 184 ASN A C   1 
ATOM   927  O  O   . ASN A 1 135 ? -10.106 -5.043  -6.877  1.00 27.27  ? 184 ASN A O   1 
ATOM   928  C  CB  . ASN A 1 135 ? -7.070  -5.095  -6.325  1.00 24.24  ? 184 ASN A CB  1 
ATOM   929  C  CG  . ASN A 1 135 ? -6.048  -4.330  -5.446  1.00 26.23  ? 184 ASN A CG  1 
ATOM   930  O  OD1 . ASN A 1 135 ? -6.398  -3.893  -4.375  1.00 26.19  ? 184 ASN A OD1 1 
ATOM   931  N  ND2 . ASN A 1 135 ? -4.808  -4.144  -5.927  1.00 23.81  ? 184 ASN A ND2 1 
ATOM   932  N  N   . LYS A 1 136 ? -9.530  -7.228  -6.812  1.00 29.24  ? 185 LYS A N   1 
ATOM   933  C  CA  . LYS A 1 136 ? -10.545 -7.574  -7.830  1.00 33.58  ? 185 LYS A CA  1 
ATOM   934  C  C   . LYS A 1 136 ? -11.898 -7.951  -7.212  1.00 36.25  ? 185 LYS A C   1 
ATOM   935  O  O   . LYS A 1 136 ? -12.918 -7.923  -7.912  1.00 37.87  ? 185 LYS A O   1 
ATOM   936  C  CB  . LYS A 1 136 ? -10.095 -8.722  -8.738  1.00 33.18  ? 185 LYS A CB  1 
ATOM   937  C  CG  . LYS A 1 136 ? -8.783  -8.569  -9.527  1.00 34.83  ? 185 LYS A CG  1 
ATOM   938  C  CD  . LYS A 1 136 ? -8.647  -7.254  -10.285 1.00 37.15  ? 185 LYS A CD  1 
ATOM   939  C  CE  . LYS A 1 136 ? -7.508  -7.372  -11.305 1.00 39.31  ? 185 LYS A CE  1 
ATOM   940  N  NZ  . LYS A 1 136 ? -7.180  -6.063  -11.896 1.00 39.90  ? 185 LYS A NZ  1 
ATOM   941  N  N   . LYS A 1 137 ? -11.908 -8.312  -5.929  1.00 39.24  ? 186 LYS A N   1 
ATOM   942  C  CA  . LYS A 1 137 ? -13.142 -8.694  -5.247  1.00 42.61  ? 186 LYS A CA  1 
ATOM   943  C  C   . LYS A 1 137 ? -14.238 -7.613  -5.241  1.00 45.26  ? 186 LYS A C   1 
ATOM   944  O  O   . LYS A 1 137 ? -14.074 -6.529  -4.684  1.00 43.79  ? 186 LYS A O   1 
ATOM   945  C  CB  . LYS A 1 137 ? -12.878 -9.183  -3.820  1.00 42.88  ? 186 LYS A CB  1 
ATOM   946  C  CG  . LYS A 1 137 ? -14.167 -9.754  -3.182  1.00 45.70  ? 186 LYS A CG  1 
ATOM   947  C  CD  . LYS A 1 137 ? -13.892 -10.864 -2.187  1.00 48.51  ? 186 LYS A CD  1 
ATOM   948  C  CE  . LYS A 1 137 ? -15.016 -11.935 -2.239  1.00 51.46  ? 186 LYS A CE  1 
ATOM   949  N  NZ  . LYS A 1 137 ? -16.392 -11.373 -2.478  1.00 49.69  ? 186 LYS A NZ  1 
ATOM   950  N  N   . ARG A 1 138 ? -15.356 -7.937  -5.893  1.00 49.01  ? 187 ARG A N   1 
ATOM   951  C  CA  . ARG A 1 138 ? -16.602 -7.174  -5.790  1.00 52.66  ? 187 ARG A CA  1 
ATOM   952  C  C   . ARG A 1 138 ? -17.012 -7.075  -4.322  1.00 54.24  ? 187 ARG A C   1 
ATOM   953  O  O   . ARG A 1 138 ? -17.160 -8.087  -3.652  1.00 54.07  ? 187 ARG A O   1 
ATOM   954  C  CB  . ARG A 1 138 ? -17.705 -7.883  -6.600  1.00 53.46  ? 187 ARG A CB  1 
ATOM   955  C  CG  . ARG A 1 138 ? -17.493 -9.413  -6.812  1.00 56.37  ? 187 ARG A CG  1 
ATOM   956  C  CD  . ARG A 1 138 ? -17.726 -10.248 -5.515  1.00 60.41  ? 187 ARG A CD  1 
ATOM   957  N  NE  . ARG A 1 138 ? -17.154 -11.613 -5.482  1.00 63.92  ? 187 ARG A NE  1 
ATOM   958  C  CZ  . ARG A 1 138 ? -16.029 -12.036 -6.070  1.00 65.20  ? 187 ARG A CZ  1 
ATOM   959  N  NH1 . ARG A 1 138 ? -15.263 -11.217 -6.789  1.00 65.58  ? 187 ARG A NH1 1 
ATOM   960  N  NH2 . ARG A 1 138 ? -15.661 -13.314 -5.932  1.00 65.50  ? 187 ARG A NH2 1 
ATOM   961  N  N   . LYS A 1 139 ? -17.154 -5.858  -3.807  1.00 56.96  ? 188 LYS A N   1 
ATOM   962  C  CA  . LYS A 1 139 ? -17.617 -5.707  -2.431  1.00 59.47  ? 188 LYS A CA  1 
ATOM   963  C  C   . LYS A 1 139 ? -19.097 -5.386  -2.531  1.00 61.33  ? 188 LYS A C   1 
ATOM   964  O  O   . LYS A 1 139 ? -19.519 -4.232  -2.341  1.00 61.89  ? 188 LYS A O   1 
ATOM   965  C  CB  . LYS A 1 139 ? -16.815 -4.642  -1.663  1.00 59.66  ? 188 LYS A CB  1 
ATOM   966  N  N   . GLY A 1 140 ? -19.864 -6.434  -2.859  1.00 62.67  ? 189 GLY A N   1 
ATOM   967  C  CA  . GLY A 1 140 ? -21.276 -6.334  -3.223  1.00 64.22  ? 189 GLY A CA  1 
ATOM   968  C  C   . GLY A 1 140 ? -22.228 -6.476  -2.054  1.00 65.26  ? 189 GLY A C   1 
ATOM   969  O  O   . GLY A 1 140 ? -22.387 -7.573  -1.497  1.00 65.46  ? 189 GLY A O   1 
ATOM   970  N  N   . GLY A 1 141 ? -22.855 -5.359  -1.689  1.00 66.09  ? 190 GLY A N   1 
ATOM   971  C  CA  . GLY A 1 141 ? -23.837 -5.309  -0.596  1.00 66.83  ? 190 GLY A CA  1 
ATOM   972  C  C   . GLY A 1 141 ? -24.454 -3.926  -0.492  1.00 67.24  ? 190 GLY A C   1 
ATOM   973  O  O   . GLY A 1 141 ? -24.077 -3.014  -1.237  1.00 67.71  ? 190 GLY A O   1 
ATOM   974  N  N   . GLY A 1 144 ? -21.854 -2.631  -5.674  1.00 51.54  ? 193 GLY A N   1 
ATOM   975  C  CA  . GLY A 1 144 ? -20.818 -3.581  -5.259  1.00 51.18  ? 193 GLY A CA  1 
ATOM   976  C  C   . GLY A 1 144 ? -19.582 -3.656  -6.147  1.00 50.96  ? 193 GLY A C   1 
ATOM   977  O  O   . GLY A 1 144 ? -19.329 -4.692  -6.786  1.00 52.48  ? 193 GLY A O   1 
ATOM   978  N  N   . TYR A 1 145 ? -18.799 -2.575  -6.188  1.00 48.80  ? 194 TYR A N   1 
ATOM   979  C  CA  . TYR A 1 145 ? -17.563 -2.561  -6.989  1.00 46.12  ? 194 TYR A CA  1 
ATOM   980  C  C   . TYR A 1 145 ? -16.345 -3.068  -6.220  1.00 43.00  ? 194 TYR A C   1 
ATOM   981  O  O   . TYR A 1 145 ? -16.358 -3.110  -4.994  1.00 41.92  ? 194 TYR A O   1 
ATOM   982  C  CB  . TYR A 1 145 ? -17.319 -1.174  -7.556  1.00 47.15  ? 194 TYR A CB  1 
ATOM   983  C  CG  . TYR A 1 145 ? -18.482 -0.732  -8.407  1.00 51.46  ? 194 TYR A CG  1 
ATOM   984  C  CD1 . TYR A 1 145 ? -19.415 0.186   -7.927  1.00 53.79  ? 194 TYR A CD1 1 
ATOM   985  C  CD2 . TYR A 1 145 ? -18.667 -1.264  -9.685  1.00 55.29  ? 194 TYR A CD2 1 
ATOM   986  C  CE1 . TYR A 1 145 ? -20.502 0.578   -8.713  1.00 57.71  ? 194 TYR A CE1 1 
ATOM   987  C  CE2 . TYR A 1 145 ? -19.750 -0.883  -10.480 1.00 57.96  ? 194 TYR A CE2 1 
ATOM   988  C  CZ  . TYR A 1 145 ? -20.663 0.036   -9.989  1.00 58.72  ? 194 TYR A CZ  1 
ATOM   989  O  OH  . TYR A 1 145 ? -21.732 0.416   -10.787 1.00 61.47  ? 194 TYR A OH  1 
ATOM   990  N  N   . SER A 1 146 ? -15.312 -3.484  -6.953  1.00 39.49  ? 195 SER A N   1 
ATOM   991  C  CA  . SER A 1 146 ? -14.056 -3.910  -6.331  1.00 36.20  ? 195 SER A CA  1 
ATOM   992  C  C   . SER A 1 146 ? -13.216 -2.699  -5.900  1.00 34.44  ? 195 SER A C   1 
ATOM   993  O  O   . SER A 1 146 ? -13.418 -1.593  -6.396  1.00 33.15  ? 195 SER A O   1 
ATOM   994  C  CB  . SER A 1 146 ? -13.240 -4.750  -7.316  1.00 36.16  ? 195 SER A CB  1 
ATOM   995  O  OG  . SER A 1 146 ? -12.857 -3.934  -8.391  1.00 36.00  ? 195 SER A OG  1 
ATOM   996  N  N   . ALA A 1 147 ? -12.241 -2.925  -5.004  1.00 33.43  ? 196 ALA A N   1 
ATOM   997  C  CA  . ALA A 1 147 ? -11.256 -1.866  -4.683  1.00 31.60  ? 196 ALA A CA  1 
ATOM   998  C  C   . ALA A 1 147 ? -10.560 -1.287  -5.927  1.00 30.93  ? 196 ALA A C   1 
ATOM   999  O  O   . ALA A 1 147 ? -10.395 -0.075  -6.044  1.00 30.41  ? 196 ALA A O   1 
ATOM   1000 C  CB  . ALA A 1 147 ? -10.230 -2.389  -3.646  1.00 30.97  ? 196 ALA A CB  1 
ATOM   1001 N  N   . GLY A 1 148 ? -10.137 -2.145  -6.860  1.00 31.33  ? 197 GLY A N   1 
ATOM   1002 C  CA  . GLY A 1 148 ? -9.499  -1.672  -8.090  1.00 31.80  ? 197 GLY A CA  1 
ATOM   1003 C  C   . GLY A 1 148 ? -10.367 -0.793  -8.984  1.00 33.10  ? 197 GLY A C   1 
ATOM   1004 O  O   . GLY A 1 148 ? -9.868  0.134   -9.665  1.00 32.15  ? 197 GLY A O   1 
ATOM   1005 N  N   . GLU A 1 149 ? -11.671 -1.082  -8.983  1.00 33.01  ? 198 GLU A N   1 
ATOM   1006 C  CA  . GLU A 1 149 ? -12.646 -0.253  -9.697  1.00 33.97  ? 198 GLU A CA  1 
ATOM   1007 C  C   . GLU A 1 149 ? -12.869 1.079   -8.981  1.00 33.60  ? 198 GLU A C   1 
ATOM   1008 O  O   . GLU A 1 149 ? -12.942 2.121   -9.639  1.00 33.80  ? 198 GLU A O   1 
ATOM   1009 C  CB  . GLU A 1 149 ? -13.986 -1.004  -9.868  1.00 35.00  ? 198 GLU A CB  1 
ATOM   1010 C  CG  . GLU A 1 149 ? -13.887 -2.218  -10.774 1.00 36.88  ? 198 GLU A CG  1 
ATOM   1011 C  CD  . GLU A 1 149 ? -15.149 -3.090  -10.744 1.00 41.67  ? 198 GLU A CD  1 
ATOM   1012 O  OE1 . GLU A 1 149 ? -15.802 -3.218  -9.687  1.00 40.20  ? 198 GLU A OE1 1 
ATOM   1013 O  OE2 . GLU A 1 149 ? -15.469 -3.659  -11.803 1.00 44.11  ? 198 GLU A OE2 1 
ATOM   1014 N  N   . ARG A 1 150 ? -12.940 1.040   -7.650  1.00 33.33  ? 199 ARG A N   1 
ATOM   1015 C  CA  . ARG A 1 150 ? -13.194 2.257   -6.851  1.00 34.14  ? 199 ARG A CA  1 
ATOM   1016 C  C   . ARG A 1 150 ? -12.042 3.217   -6.960  1.00 32.95  ? 199 ARG A C   1 
ATOM   1017 O  O   . ARG A 1 150 ? -12.268 4.415   -7.129  1.00 32.73  ? 199 ARG A O   1 
ATOM   1018 C  CB  . ARG A 1 150 ? -13.436 1.943   -5.359  1.00 35.53  ? 199 ARG A CB  1 
ATOM   1019 C  CG  . ARG A 1 150 ? -14.771 1.274   -5.041  1.00 40.31  ? 199 ARG A CG  1 
ATOM   1020 C  CD  . ARG A 1 150 ? -15.028 1.188   -3.520  1.00 43.65  ? 199 ARG A CD  1 
ATOM   1021 N  NE  . ARG A 1 150 ? -14.087 0.330   -2.798  1.00 47.03  ? 199 ARG A NE  1 
ATOM   1022 C  CZ  . ARG A 1 150 ? -14.241 -0.977  -2.570  1.00 47.73  ? 199 ARG A CZ  1 
ATOM   1023 N  NH1 . ARG A 1 150 ? -15.315 -1.618  -3.023  1.00 48.08  ? 199 ARG A NH1 1 
ATOM   1024 N  NH2 . ARG A 1 150 ? -13.319 -1.650  -1.875  1.00 46.24  ? 199 ARG A NH2 1 
ATOM   1025 N  N   . ILE A 1 151 ? -10.784 2.722   -6.900  1.00 30.55  ? 200 ILE A N   1 
ATOM   1026 C  CA  . ILE A 1 151 ? -9.713  3.705   -6.947  1.00 29.07  ? 200 ILE A CA  1 
ATOM   1027 C  C   . ILE A 1 151 ? -9.726  4.456   -8.268  1.00 29.61  ? 200 ILE A C   1 
ATOM   1028 O  O   . ILE A 1 151 ? -9.544  5.660   -8.318  1.00 29.85  ? 200 ILE A O   1 
ATOM   1029 C  CB  . ILE A 1 151 ? -8.280  3.106   -6.649  1.00 28.79  ? 200 ILE A CB  1 
ATOM   1030 C  CG1 . ILE A 1 151 ? -7.248  4.229   -6.693  1.00 26.42  ? 200 ILE A CG1 1 
ATOM   1031 C  CG2 . ILE A 1 151 ? -7.906  1.889   -7.599  1.00 27.36  ? 200 ILE A CG2 1 
ATOM   1032 C  CD1 . ILE A 1 151 ? -5.850  3.736   -6.238  1.00 27.52  ? 200 ILE A CD1 1 
ATOM   1033 N  N   . VAL A 1 152 ? -9.918  3.729   -9.359  1.00 29.79  ? 201 VAL A N   1 
ATOM   1034 C  CA  . VAL A 1 152 ? -9.885  4.329   -10.659 1.00 32.23  ? 201 VAL A CA  1 
ATOM   1035 C  C   . VAL A 1 152 ? -11.059 5.359   -10.784 1.00 33.50  ? 201 VAL A C   1 
ATOM   1036 O  O   . VAL A 1 152 ? -10.872 6.452   -11.284 1.00 34.15  ? 201 VAL A O   1 
ATOM   1037 C  CB  . VAL A 1 152 ? -9.846  3.165   -11.684 1.00 33.16  ? 201 VAL A CB  1 
ATOM   1038 C  CG1 . VAL A 1 152 ? -10.561 3.446   -12.937 1.00 36.04  ? 201 VAL A CG1 1 
ATOM   1039 C  CG2 . VAL A 1 152 ? -8.359  2.676   -11.894 1.00 32.03  ? 201 VAL A CG2 1 
ATOM   1040 N  N   . ASP A 1 153 ? -12.217 5.020   -10.246 1.00 35.89  ? 202 ASP A N   1 
ATOM   1041 C  CA  . ASP A 1 153 ? -13.387 5.931   -10.277 1.00 38.92  ? 202 ASP A CA  1 
ATOM   1042 C  C   . ASP A 1 153 ? -13.153 7.189   -9.424  1.00 38.55  ? 202 ASP A C   1 
ATOM   1043 O  O   . ASP A 1 153 ? -13.290 8.326   -9.907  1.00 39.19  ? 202 ASP A O   1 
ATOM   1044 C  CB  . ASP A 1 153 ? -14.622 5.183   -9.786  1.00 39.97  ? 202 ASP A CB  1 
ATOM   1045 C  CG  . ASP A 1 153 ? -15.894 6.009   -9.928  1.00 43.99  ? 202 ASP A CG  1 
ATOM   1046 O  OD1 . ASP A 1 153 ? -16.227 6.369   -11.071 1.00 46.63  ? 202 ASP A OD1 1 
ATOM   1047 O  OD2 . ASP A 1 153 ? -16.536 6.274   -8.898  1.00 46.19  ? 202 ASP A OD2 1 
ATOM   1048 N  N   . ILE A 1 154 ? -12.735 6.976   -8.177  1.00 39.15  ? 203 ILE A N   1 
ATOM   1049 C  CA  . ILE A 1 154 ? -12.416 8.064   -7.262  1.00 38.70  ? 203 ILE A CA  1 
ATOM   1050 C  C   . ILE A 1 154 ? -11.430 9.045   -7.877  1.00 38.96  ? 203 ILE A C   1 
ATOM   1051 O  O   . ILE A 1 154 ? -11.703 10.244  -7.875  1.00 37.95  ? 203 ILE A O   1 
ATOM   1052 C  CB  . ILE A 1 154 ? -11.948 7.545   -5.865  1.00 38.70  ? 203 ILE A CB  1 
ATOM   1053 C  CG1 . ILE A 1 154 ? -13.146 7.014   -5.088  1.00 40.27  ? 203 ILE A CG1 1 
ATOM   1054 C  CG2 . ILE A 1 154 ? -11.277 8.660   -5.075  1.00 39.70  ? 203 ILE A CG2 1 
ATOM   1055 C  CD1 . ILE A 1 154 ? -12.860 5.995   -3.948  1.00 41.24  ? 203 ILE A CD1 1 
ATOM   1056 N  N   . ILE A 1 155 ? -10.303 8.555   -8.420  1.00 38.17  ? 204 ILE A N   1 
ATOM   1057 C  CA  . ILE A 1 155 ? -9.271  9.450   -8.977  1.00 38.97  ? 204 ILE A CA  1 
ATOM   1058 C  C   . ILE A 1 155 ? -9.733  10.174  -10.260 1.00 40.25  ? 204 ILE A C   1 
ATOM   1059 O  O   . ILE A 1 155 ? -9.482  11.387  -10.418 1.00 40.04  ? 204 ILE A O   1 
ATOM   1060 C  CB  . ILE A 1 155 ? -7.880  8.731   -9.176  1.00 38.63  ? 204 ILE A CB  1 
ATOM   1061 C  CG1 . ILE A 1 155 ? -7.133  8.593   -7.843  1.00 40.26  ? 204 ILE A CG1 1 
ATOM   1062 C  CG2 . ILE A 1 155 ? -6.939  9.524   -10.074 1.00 37.76  ? 204 ILE A CG2 1 
ATOM   1063 C  CD1 . ILE A 1 155 ? -7.559  7.492   -7.043  1.00 42.55  ? 204 ILE A CD1 1 
ATOM   1064 N  N   . ALA A 1 156 ? -10.364 9.423   -11.174 1.00 40.86  ? 205 ALA A N   1 
ATOM   1065 C  CA  . ALA A 1 156 ? -10.887 9.973   -12.443 1.00 42.36  ? 205 ALA A CA  1 
ATOM   1066 C  C   . ALA A 1 156 ? -11.898 11.087  -12.181 1.00 43.49  ? 205 ALA A C   1 
ATOM   1067 O  O   . ALA A 1 156 ? -11.812 12.176  -12.784 1.00 44.05  ? 205 ALA A O   1 
ATOM   1068 C  CB  . ALA A 1 156 ? -11.543 8.861   -13.321 1.00 41.72  ? 205 ALA A CB  1 
ATOM   1069 N  N   . THR A 1 157 ? -12.840 10.800  -11.292 1.00 44.71  ? 206 THR A N   1 
ATOM   1070 C  CA  . THR A 1 157 ? -13.834 11.790  -10.840 1.00 46.79  ? 206 THR A CA  1 
ATOM   1071 C  C   . THR A 1 157 ? -13.159 13.052  -10.275 1.00 48.63  ? 206 THR A C   1 
ATOM   1072 O  O   . THR A 1 157 ? -13.563 14.169  -10.596 1.00 49.05  ? 206 THR A O   1 
ATOM   1073 C  CB  . THR A 1 157 ? -14.839 11.190  -9.811  1.00 46.13  ? 206 THR A CB  1 
ATOM   1074 O  OG1 . THR A 1 157 ? -15.535 10.078  -10.397 1.00 46.00  ? 206 THR A OG1 1 
ATOM   1075 C  CG2 . THR A 1 157 ? -15.888 12.238  -9.374  1.00 47.04  ? 206 THR A CG2 1 
ATOM   1076 N  N   . ASP A 1 158 ? -12.112 12.870  -9.467  1.00 50.12  ? 207 ASP A N   1 
ATOM   1077 C  CA  . ASP A 1 158 ? -11.372 13.993  -8.867  1.00 51.66  ? 207 ASP A CA  1 
ATOM   1078 C  C   . ASP A 1 158 ? -10.569 14.825  -9.872  1.00 53.32  ? 207 ASP A C   1 
ATOM   1079 O  O   . ASP A 1 158 ? -10.212 15.970  -9.589  1.00 53.98  ? 207 ASP A O   1 
ATOM   1080 C  CB  . ASP A 1 158 ? -10.450 13.465  -7.758  1.00 51.06  ? 207 ASP A CB  1 
ATOM   1081 C  CG  . ASP A 1 158 ? -10.026 14.542  -6.781  1.00 51.86  ? 207 ASP A CG  1 
ATOM   1082 O  OD1 . ASP A 1 158 ? -10.914 15.179  -6.152  1.00 50.63  ? 207 ASP A OD1 1 
ATOM   1083 O  OD2 . ASP A 1 158 ? -8.797  14.743  -6.635  1.00 48.26  ? 207 ASP A OD2 1 
ATOM   1084 N  N   . ILE A 1 159 ? -10.268 14.252  -11.036 1.00 55.20  ? 208 ILE A N   1 
ATOM   1085 C  CA  . ILE A 1 159 ? -9.590  14.974  -12.113 1.00 56.94  ? 208 ILE A CA  1 
ATOM   1086 C  C   . ILE A 1 159 ? -10.565 16.023  -12.637 1.00 58.65  ? 208 ILE A C   1 
ATOM   1087 O  O   . ILE A 1 159 ? -10.179 17.158  -12.912 1.00 58.77  ? 208 ILE A O   1 
ATOM   1088 C  CB  . ILE A 1 159 ? -9.163  14.040  -13.304 1.00 57.02  ? 208 ILE A CB  1 
ATOM   1089 C  CG1 . ILE A 1 159 ? -8.166  12.943  -12.867 1.00 57.16  ? 208 ILE A CG1 1 
ATOM   1090 C  CG2 . ILE A 1 159 ? -8.617  14.859  -14.485 1.00 56.50  ? 208 ILE A CG2 1 
ATOM   1091 C  CD1 . ILE A 1 159 ? -7.011  13.404  -11.968 1.00 56.34  ? 208 ILE A CD1 1 
ATOM   1092 N  N   . GLN A 1 160 ? -11.828 15.609  -12.758 1.00 60.26  ? 209 GLN A N   1 
ATOM   1093 C  CA  . GLN A 1 160 ? -12.898 16.422  -13.316 1.00 61.87  ? 209 GLN A CA  1 
ATOM   1094 C  C   . GLN A 1 160 ? -13.590 17.262  -12.245 1.00 62.33  ? 209 GLN A C   1 
ATOM   1095 O  O   . GLN A 1 160 ? -14.479 18.067  -12.548 1.00 62.56  ? 209 GLN A O   1 
ATOM   1096 C  CB  . GLN A 1 160 ? -13.921 15.512  -13.995 1.00 62.37  ? 209 GLN A CB  1 
ATOM   1097 C  CG  . GLN A 1 160 ? -13.303 14.553  -14.994 1.00 64.57  ? 209 GLN A CG  1 
ATOM   1098 C  CD  . GLN A 1 160 ? -14.298 14.086  -16.028 1.00 68.04  ? 209 GLN A CD  1 
ATOM   1099 O  OE1 . GLN A 1 160 ? -15.505 13.975  -15.752 1.00 69.12  ? 209 GLN A OE1 1 
ATOM   1100 N  NE2 . GLN A 1 160 ? -13.801 13.807  -17.240 1.00 68.71  ? 209 GLN A NE2 1 
HETATM 1101 C  C1  . LF0 B 2 .   ? 18.568  9.042   -1.979  1.00 27.09  ? 301 LF0 A C1  1 
HETATM 1102 C  C2  . LF0 B 2 .   ? 19.149  7.868   -2.471  1.00 25.09  ? 301 LF0 A C2  1 
HETATM 1103 C  C3  . LF0 B 2 .   ? 20.276  7.337   -1.828  1.00 30.31  ? 301 LF0 A C3  1 
HETATM 1104 N  N1  . LF0 B 2 .   ? 20.797  7.964   -0.723  1.00 30.76  ? 301 LF0 A N1  1 
HETATM 1105 C  C5  . LF0 B 2 .   ? 20.259  9.097   -0.226  1.00 30.15  ? 301 LF0 A C5  1 
HETATM 1106 C  C6  . LF0 B 2 .   ? 19.121  9.668   -0.840  1.00 29.22  ? 301 LF0 A C6  1 
HETATM 1107 C  C7  . LF0 B 2 .   ? 17.365  9.613   -2.655  1.00 24.70  ? 301 LF0 A C7  1 
HETATM 1108 C  C8  . LF0 B 2 .   ? 16.128  9.458   -2.029  1.00 23.77  ? 301 LF0 A C8  1 
HETATM 1109 C  C9  . LF0 B 2 .   ? 14.995  9.962   -2.661  1.00 22.90  ? 301 LF0 A C9  1 
HETATM 1110 C  C10 . LF0 B 2 .   ? 15.102  10.609  -3.896  1.00 23.59  ? 301 LF0 A C10 1 
HETATM 1111 C  C11 . LF0 B 2 .   ? 16.338  10.788  -4.523  1.00 25.60  ? 301 LF0 A C11 1 
HETATM 1112 C  C12 . LF0 B 2 .   ? 17.468  10.294  -3.888  1.00 25.44  ? 301 LF0 A C12 1 
HETATM 1113 C  C13 . LF0 B 2 .   ? 18.582  10.847  -0.337  1.00 28.87  ? 301 LF0 A C13 1 
HETATM 1114 C  C14 . LF0 B 2 .   ? 19.135  11.458  0.797   1.00 34.53  ? 301 LF0 A C14 1 
HETATM 1115 C  C15 . LF0 B 2 .   ? 20.253  10.876  1.414   1.00 32.53  ? 301 LF0 A C15 1 
HETATM 1116 C  C16 . LF0 B 2 .   ? 20.832  9.711   0.899   1.00 33.64  ? 301 LF0 A C16 1 
HETATM 1117 C  C17 . LF0 B 2 .   ? 20.961  6.059   -2.320  1.00 28.50  ? 301 LF0 A C17 1 
HETATM 1118 C  C18 . LF0 B 2 .   ? 18.557  7.181   -3.690  1.00 26.80  ? 301 LF0 A C18 1 
HETATM 1119 C  C19 . LF0 B 2 .   ? 19.492  7.344   -4.887  1.00 29.13  ? 301 LF0 A C19 1 
HETATM 1120 O  O20 . LF0 B 2 .   ? 20.171  8.391   -4.938  1.00 27.66  ? 301 LF0 A O20 1 
HETATM 1121 O  O21 . LF0 B 2 .   ? 19.575  6.471   -5.786  1.00 25.39  ? 301 LF0 A O21 1 
HETATM 1122 O  O22 . LF0 B 2 .   ? 18.347  5.794   -3.421  1.00 25.57  ? 301 LF0 A O22 1 
HETATM 1123 C  C23 . LF0 B 2 .   ? 17.121  5.313   -2.854  1.00 25.14  ? 301 LF0 A C23 1 
HETATM 1124 C  C24 . LF0 B 2 .   ? 15.888  5.921   -3.549  1.00 24.30  ? 301 LF0 A C24 1 
HETATM 1125 C  C25 . LF0 B 2 .   ? 17.162  5.682   -1.388  1.00 23.22  ? 301 LF0 A C25 1 
HETATM 1126 C  C26 . LF0 B 2 .   ? 17.097  3.764   -3.000  1.00 24.27  ? 301 LF0 A C26 1 
HETATM 1127 O  O27 . LF0 B 2 .   ? 13.978  11.092  -4.462  1.00 25.14  ? 301 LF0 A O27 1 
HETATM 1128 C  C4  . LF0 B 2 .   ? 13.967  11.458  -5.848  1.00 24.28  ? 301 LF0 A C4  1 
HETATM 1129 C  C20 . LF0 B 2 .   ? 15.179  12.371  -6.087  1.00 26.80  ? 301 LF0 A C20 1 
HETATM 1130 C  C21 . LF0 B 2 .   ? 16.454  11.514  -5.859  1.00 26.17  ? 301 LF0 A C21 1 
HETATM 1131 S  S   . SO4 C 3 .   ? 18.404  6.061   5.962   1.00 101.80 ? 302 SO4 A S   1 
HETATM 1132 O  O1  . SO4 C 3 .   ? 17.283  5.220   6.374   1.00 101.72 ? 302 SO4 A O1  1 
HETATM 1133 O  O2  . SO4 C 3 .   ? 19.283  6.304   7.101   1.00 101.78 ? 302 SO4 A O2  1 
HETATM 1134 O  O3  . SO4 C 3 .   ? 17.927  7.345   5.465   1.00 101.56 ? 302 SO4 A O3  1 
HETATM 1135 O  O4  . SO4 C 3 .   ? 19.156  5.379   4.912   1.00 101.99 ? 302 SO4 A O4  1 
HETATM 1136 S  S   . SO4 D 3 .   ? 10.975  -17.621 -0.583  1.00 46.77  ? 303 SO4 A S   1 
HETATM 1137 O  O1  . SO4 D 3 .   ? 12.044  -17.615 0.429   1.00 47.44  ? 303 SO4 A O1  1 
HETATM 1138 O  O2  . SO4 D 3 .   ? 9.684   -17.473 0.110   1.00 40.73  ? 303 SO4 A O2  1 
HETATM 1139 O  O3  . SO4 D 3 .   ? 11.207  -16.535 -1.537  1.00 46.51  ? 303 SO4 A O3  1 
HETATM 1140 O  O4  . SO4 D 3 .   ? 11.034  -18.880 -1.324  1.00 46.02  ? 303 SO4 A O4  1 
HETATM 1141 S  S   . SO4 E 3 .   ? 3.589   -7.402  12.164  1.00 72.61  ? 304 SO4 A S   1 
HETATM 1142 O  O1  . SO4 E 3 .   ? 3.296   -7.819  13.542  1.00 72.55  ? 304 SO4 A O1  1 
HETATM 1143 O  O2  . SO4 E 3 .   ? 2.322   -7.026  11.536  1.00 71.29  ? 304 SO4 A O2  1 
HETATM 1144 O  O3  . SO4 E 3 .   ? 4.521   -6.268  12.195  1.00 72.12  ? 304 SO4 A O3  1 
HETATM 1145 O  O4  . SO4 E 3 .   ? 4.209   -8.513  11.442  1.00 71.45  ? 304 SO4 A O4  1 
HETATM 1146 O  O   . HOH F 4 .   ? 11.462  -0.728  -1.936  1.00 25.28  ? 401 HOH A O   1 
HETATM 1147 O  O   . HOH F 4 .   ? 5.892   4.640   -10.868 1.00 22.79  ? 402 HOH A O   1 
HETATM 1148 O  O   . HOH F 4 .   ? 1.947   11.673  -7.156  1.00 29.05  ? 403 HOH A O   1 
HETATM 1149 O  O   . HOH F 4 .   ? -2.283  -22.076 1.111   1.00 50.48  ? 404 HOH A O   1 
HETATM 1150 O  O   . HOH F 4 .   ? -1.003  -8.350  -7.969  1.00 21.23  ? 405 HOH A O   1 
HETATM 1151 O  O   . HOH F 4 .   ? 1.389   -5.086  -5.673  1.00 20.59  ? 406 HOH A O   1 
HETATM 1152 O  O   . HOH F 4 .   ? 5.131   -0.369  9.601   1.00 31.26  ? 407 HOH A O   1 
HETATM 1153 O  O   . HOH F 4 .   ? 3.228   12.664  -5.136  1.00 32.45  ? 408 HOH A O   1 
HETATM 1154 O  O   . HOH F 4 .   ? 1.215   -14.955 10.465  1.00 64.58  ? 409 HOH A O   1 
HETATM 1155 O  O   . HOH F 4 .   ? 21.911  12.422  -1.434  1.00 59.44  ? 410 HOH A O   1 
HETATM 1156 O  O   . HOH F 4 .   ? 11.194  3.235   6.555   1.00 29.89  ? 411 HOH A O   1 
HETATM 1157 O  O   . HOH F 4 .   ? 10.981  1.501   10.412  1.00 53.36  ? 412 HOH A O   1 
HETATM 1158 O  O   . HOH F 4 .   ? 8.291   -13.264 10.266  1.00 46.50  ? 413 HOH A O   1 
HETATM 1159 O  O   . HOH F 4 .   ? 17.153  10.653  11.062  1.00 49.89  ? 414 HOH A O   1 
HETATM 1160 O  O   . HOH F 4 .   ? 1.761   9.405   9.806   1.00 43.38  ? 415 HOH A O   1 
HETATM 1161 O  O   . HOH F 4 .   ? 2.902   0.030   11.221  1.00 44.76  ? 416 HOH A O   1 
HETATM 1162 O  O   . HOH F 4 .   ? 12.871  5.929   7.662   1.00 48.77  ? 417 HOH A O   1 
HETATM 1163 O  O   . HOH F 4 .   ? -3.963  16.947  -0.089  1.00 50.43  ? 418 HOH A O   1 
HETATM 1164 O  O   . HOH F 4 .   ? -4.126  9.013   -4.666  1.00 29.79  ? 419 HOH A O   1 
HETATM 1165 O  O   . HOH F 4 .   ? -9.793  13.515  4.066   1.00 61.89  ? 420 HOH A O   1 
HETATM 1166 O  O   . HOH F 4 .   ? -0.437  17.197  5.052   1.00 56.20  ? 421 HOH A O   1 
HETATM 1167 O  O   . HOH F 4 .   ? 11.460  -9.178  -6.524  1.00 51.97  ? 422 HOH A O   1 
HETATM 1168 O  O   . HOH F 4 .   ? 10.050  -1.945  -3.804  1.00 32.04  ? 423 HOH A O   1 
HETATM 1169 O  O   . HOH F 4 .   ? 12.881  -19.230 -8.361  1.00 40.38  ? 424 HOH A O   1 
HETATM 1170 O  O   . HOH F 4 .   ? -7.600  7.991   -0.134  1.00 28.73  ? 425 HOH A O   1 
HETATM 1171 O  O   . HOH F 4 .   ? 11.363  -4.765  -3.569  1.00 57.91  ? 426 HOH A O   1 
HETATM 1172 O  O   . HOH F 4 .   ? 21.613  10.275  -3.547  1.00 42.02  ? 427 HOH A O   1 
HETATM 1173 O  O   . HOH F 4 .   ? -16.934 2.007   -8.907  1.00 66.25  ? 428 HOH A O   1 
HETATM 1174 O  O   . HOH F 4 .   ? -13.528 11.477  -6.512  1.00 40.95  ? 429 HOH A O   1 
HETATM 1175 O  O   . HOH F 4 .   ? -18.914 8.155   -9.628  1.00 67.26  ? 430 HOH A O   1 
HETATM 1176 O  O   . HOH F 4 .   ? 18.669  8.857   7.745   1.00 45.03  ? 431 HOH A O   1 
HETATM 1177 O  O   . HOH F 4 .   ? -13.220 17.915  -9.171  1.00 68.88  ? 432 HOH A O   1 
HETATM 1178 O  O   . HOH F 4 .   ? 7.082   10.506  11.390  1.00 40.59  ? 433 HOH A O   1 
HETATM 1179 O  O   . HOH F 4 .   ? 3.943   4.030   -12.683 1.00 32.63  ? 434 HOH A O   1 
HETATM 1180 O  O   . HOH F 4 .   ? 1.313   16.996  -0.852  1.00 37.97  ? 435 HOH A O   1 
HETATM 1181 O  O   . HOH F 4 .   ? 3.728   15.996  -7.028  1.00 38.77  ? 436 HOH A O   1 
HETATM 1182 O  O   . HOH F 4 .   ? 16.303  14.370  3.103   1.00 42.93  ? 437 HOH A O   1 
HETATM 1183 O  O   . HOH F 4 .   ? 10.265  15.647  3.147   1.00 36.72  ? 438 HOH A O   1 
HETATM 1184 O  O   . HOH F 4 .   ? 11.674  2.528   12.918  1.00 42.69  ? 439 HOH A O   1 
HETATM 1185 O  O   . HOH F 4 .   ? 17.887  3.053   4.954   1.00 41.11  ? 440 HOH A O   1 
HETATM 1186 O  O   . HOH F 4 .   ? 9.750   -17.453 2.884   1.00 45.12  ? 441 HOH A O   1 
HETATM 1187 O  O   . HOH F 4 .   ? 12.237  -9.413  3.293   1.00 39.56  ? 442 HOH A O   1 
HETATM 1188 O  O   . HOH F 4 .   ? 16.281  0.284   -2.064  1.00 47.99  ? 443 HOH A O   1 
HETATM 1189 O  O   . HOH F 4 .   ? 12.892  -1.656  -9.532  1.00 33.23  ? 444 HOH A O   1 
HETATM 1190 O  O   . HOH F 4 .   ? -0.758  -0.296  5.312   1.00 34.24  ? 445 HOH A O   1 
HETATM 1191 O  O   . HOH F 4 .   ? -6.951  13.041  -7.270  1.00 43.35  ? 446 HOH A O   1 
HETATM 1192 O  O   . HOH F 4 .   ? -5.126  13.314  -5.131  1.00 40.84  ? 447 HOH A O   1 
HETATM 1193 O  O   . HOH F 4 .   ? 9.715   -14.202 -1.439  1.00 29.00  ? 448 HOH A O   1 
HETATM 1194 O  O   . HOH F 4 .   ? 4.956   1.070   -5.149  1.00 38.03  ? 449 HOH A O   1 
HETATM 1195 O  O   . HOH F 4 .   ? -12.086 -5.283  -3.655  1.00 32.37  ? 450 HOH A O   1 
HETATM 1196 O  O   . HOH F 4 .   ? 5.836   -16.397 9.662   1.00 45.15  ? 451 HOH A O   1 
HETATM 1197 O  O   . HOH F 4 .   ? 14.031  -1.534  11.251  1.00 62.67  ? 452 HOH A O   1 
HETATM 1198 O  O   . HOH F 4 .   ? 18.067  -1.010  2.194   1.00 46.88  ? 453 HOH A O   1 
HETATM 1199 O  O   . HOH F 4 .   ? 0.484   8.951   -12.656 1.00 37.52  ? 454 HOH A O   1 
HETATM 1200 O  O   . HOH F 4 .   ? -2.792  8.348   -12.082 1.00 41.88  ? 455 HOH A O   1 
HETATM 1201 O  O   . HOH F 4 .   ? -11.133 -11.447 -6.279  1.00 36.55  ? 456 HOH A O   1 
HETATM 1202 O  O   . HOH F 4 .   ? -9.793  -12.939 -7.863  1.00 38.27  ? 457 HOH A O   1 
HETATM 1203 O  O   . HOH F 4 .   ? 22.931  6.895   0.720   1.00 38.95  ? 458 HOH A O   1 
HETATM 1204 O  O   . HOH F 4 .   ? 5.013   16.277  5.964   1.00 41.81  ? 459 HOH A O   1 
HETATM 1205 O  O   . HOH F 4 .   ? 12.582  2.281   8.500   1.00 41.53  ? 460 HOH A O   1 
HETATM 1206 O  O   . HOH F 4 .   ? 13.648  -3.435  -3.432  1.00 51.93  ? 461 HOH A O   1 
HETATM 1207 O  O   . HOH F 4 .   ? 7.723   16.392  2.427   1.00 44.30  ? 462 HOH A O   1 
HETATM 1208 O  O   . HOH F 4 .   ? 4.716   -23.210 -1.010  1.00 37.36  ? 463 HOH A O   1 
HETATM 1209 O  O   . HOH F 4 .   ? 13.956  -8.686  5.219   1.00 55.12  ? 464 HOH A O   1 
HETATM 1210 O  O   . HOH F 4 .   ? -6.167  15.033  -3.455  1.00 49.14  ? 465 HOH A O   1 
HETATM 1211 O  O   . HOH F 4 .   ? -11.236 -4.836  -10.279 1.00 47.57  ? 466 HOH A O   1 
HETATM 1212 O  O   . HOH F 4 .   ? 13.499  -9.398  -0.814  1.00 52.80  ? 467 HOH A O   1 
HETATM 1213 O  O   . HOH F 4 .   ? 13.364  -5.852  9.300   1.00 56.14  ? 468 HOH A O   1 
HETATM 1214 O  O   . HOH F 4 .   ? -4.939  -13.298 9.116   1.00 52.82  ? 469 HOH A O   1 
HETATM 1215 O  O   . HOH F 4 .   ? 18.786  0.684   -1.025  1.00 46.70  ? 470 HOH A O   1 
HETATM 1216 O  O   . HOH F 4 .   ? -0.311  -15.651 6.236   1.00 53.79  ? 471 HOH A O   1 
HETATM 1217 O  O   . HOH F 4 .   ? -10.865 -14.354 2.538   1.00 56.65  ? 472 HOH A O   1 
HETATM 1218 O  O   . HOH F 4 .   ? 5.552   -1.127  13.189  1.00 55.73  ? 473 HOH A O   1 
HETATM 1219 O  O   . HOH F 4 .   ? 2.730   -1.078  14.490  1.00 61.33  ? 474 HOH A O   1 
HETATM 1220 O  O   . HOH F 4 .   ? -12.376 10.386  -1.932  1.00 53.19  ? 475 HOH A O   1 
HETATM 1221 O  O   . HOH F 4 .   ? -0.625  3.555   15.687  1.00 45.55  ? 476 HOH A O   1 
HETATM 1222 O  O   . HOH F 4 .   ? 5.886   0.764   -10.468 1.00 40.86  ? 477 HOH A O   1 
HETATM 1223 O  O   . HOH F 4 .   ? -15.530 10.088  -5.916  1.00 50.17  ? 478 HOH A O   1 
# 
